data_5UHS
# 
_entry.id   5UHS 
# 
_audit_conform.dict_name       mmcif_pdbx.dic 
_audit_conform.dict_version    5.379 
_audit_conform.dict_location   http://mmcif.pdb.org/dictionaries/ascii/mmcif_pdbx.dic 
# 
loop_
_database_2.database_id 
_database_2.database_code 
_database_2.pdbx_database_accession 
_database_2.pdbx_DOI 
PDB   5UHS         pdb_00005uhs 10.2210/pdb5uhs/pdb 
WWPDB D_1000225894 ?            ?                   
# 
_pdbx_database_related.content_type   unspecified 
_pdbx_database_related.db_id          5UHQ 
_pdbx_database_related.db_name        PDB 
_pdbx_database_related.details        . 
# 
_pdbx_database_status.status_code                     REL 
_pdbx_database_status.status_code_sf                  REL 
_pdbx_database_status.status_code_mr                  ? 
_pdbx_database_status.entry_id                        5UHS 
_pdbx_database_status.recvd_initial_deposition_date   2017-01-11 
_pdbx_database_status.SG_entry                        N 
_pdbx_database_status.deposit_site                    RCSB 
_pdbx_database_status.process_site                    RCSB 
_pdbx_database_status.status_code_cs                  ? 
_pdbx_database_status.methods_development_category    ? 
_pdbx_database_status.pdb_format_compatible           Y 
_pdbx_database_status.status_code_nmr_data            ? 
# 
loop_
_audit_author.name 
_audit_author.pdbx_ordinal 
_audit_author.identifier_ORCID 
'Fastman, N.M.' 1 ? 
'Feng, L.'      2 ? 
# 
_citation.abstract                  ? 
_citation.abstract_id_CAS           ? 
_citation.book_id_ISBN              ? 
_citation.book_publisher            ? 
_citation.book_publisher_city       ? 
_citation.book_title                ? 
_citation.coordinate_linkage        ? 
_citation.country                   ? 
_citation.database_id_Medline       ? 
_citation.details                   ? 
_citation.id                        primary 
_citation.journal_abbrev            Cell 
_citation.journal_id_ASTM           ? 
_citation.journal_id_CSD            ? 
_citation.journal_id_ISSN           1097-4172 
_citation.journal_full              ? 
_citation.journal_issue             ? 
_citation.journal_volume            169 
_citation.language                  ? 
_citation.page_first                96 
_citation.page_last                 107.e12 
_citation.title                     'Mechanism of Substrate Translocation in an Alternating Access Transporter.' 
_citation.year                      2017 
_citation.database_id_CSD           ? 
_citation.pdbx_database_id_DOI      10.1016/j.cell.2017.03.010 
_citation.pdbx_database_id_PubMed   28340354 
_citation.unpublished_flag          ? 
# 
loop_
_citation_author.citation_id 
_citation_author.name 
_citation_author.ordinal 
_citation_author.identifier_ORCID 
primary 'Latorraca, N.R.'       1 ? 
primary 'Fastman, N.M.'         2 ? 
primary 'Venkatakrishnan, A.J.' 3 ? 
primary 'Frommer, W.B.'         4 ? 
primary 'Dror, R.O.'            5 ? 
primary 'Feng, L.'              6 ? 
# 
_cell.angle_alpha                  90.00 
_cell.angle_alpha_esd              ? 
_cell.angle_beta                   104.27 
_cell.angle_beta_esd               ? 
_cell.angle_gamma                  90.00 
_cell.angle_gamma_esd              ? 
_cell.entry_id                     5UHS 
_cell.details                      ? 
_cell.formula_units_Z              ? 
_cell.length_a                     47.021 
_cell.length_a_esd                 ? 
_cell.length_b                     36.920 
_cell.length_b_esd                 ? 
_cell.length_c                     47.514 
_cell.length_c_esd                 ? 
_cell.volume                       ? 
_cell.volume_esd                   ? 
_cell.Z_PDB                        4 
_cell.reciprocal_angle_alpha       ? 
_cell.reciprocal_angle_beta        ? 
_cell.reciprocal_angle_gamma       ? 
_cell.reciprocal_angle_alpha_esd   ? 
_cell.reciprocal_angle_beta_esd    ? 
_cell.reciprocal_angle_gamma_esd   ? 
_cell.reciprocal_length_a          ? 
_cell.reciprocal_length_b          ? 
_cell.reciprocal_length_c          ? 
_cell.reciprocal_length_a_esd      ? 
_cell.reciprocal_length_b_esd      ? 
_cell.reciprocal_length_c_esd      ? 
_cell.pdbx_unique_axis             ? 
# 
_symmetry.entry_id                         5UHS 
_symmetry.cell_setting                     ? 
_symmetry.Int_Tables_number                4 
_symmetry.space_group_name_Hall            ? 
_symmetry.space_group_name_H-M             'P 1 21 1' 
_symmetry.pdbx_full_space_group_name_H-M   ? 
# 
loop_
_entity.id 
_entity.type 
_entity.src_method 
_entity.pdbx_description 
_entity.formula_weight 
_entity.pdbx_number_of_molecules 
_entity.pdbx_ec 
_entity.pdbx_mutation 
_entity.pdbx_fragment 
_entity.details 
1 polymer     man 'Sugar transporter SemiSWEET' 10680.742 2 ? ? ? ? 
2 non-polymer syn MONOVACCENIN                  356.540   2 ? ? ? ? 
3 non-polymer man beta-D-glucopyranose          180.156   1 ? ? ? ? 
# 
_entity_poly.entity_id                      1 
_entity_poly.type                           'polypeptide(L)' 
_entity_poly.nstd_linkage                   no 
_entity_poly.nstd_monomer                   no 
_entity_poly.pdbx_seq_one_letter_code       
;MENLIGYVAAFLTTVSFLPQVLRVVMTKQTRDISRNMYIMFFLGVVLWFVYGILRSALPIILANVVTLFFVTIILYYKLT
EGNQTGSLEVLFQ
;
_entity_poly.pdbx_seq_one_letter_code_can   
;MENLIGYVAAFLTTVSFLPQVLRVVMTKQTRDISRNMYIMFFLGVVLWFVYGILRSALPIILANVVTLFFVTIILYYKLT
EGNQTGSLEVLFQ
;
_entity_poly.pdbx_strand_id                 A,B 
_entity_poly.pdbx_target_identifier         ? 
# 
loop_
_entity_poly_seq.entity_id 
_entity_poly_seq.num 
_entity_poly_seq.mon_id 
_entity_poly_seq.hetero 
1 1  MET n 
1 2  GLU n 
1 3  ASN n 
1 4  LEU n 
1 5  ILE n 
1 6  GLY n 
1 7  TYR n 
1 8  VAL n 
1 9  ALA n 
1 10 ALA n 
1 11 PHE n 
1 12 LEU n 
1 13 THR n 
1 14 THR n 
1 15 VAL n 
1 16 SER n 
1 17 PHE n 
1 18 LEU n 
1 19 PRO n 
1 20 GLN n 
1 21 VAL n 
1 22 LEU n 
1 23 ARG n 
1 24 VAL n 
1 25 VAL n 
1 26 MET n 
1 27 THR n 
1 28 LYS n 
1 29 GLN n 
1 30 THR n 
1 31 ARG n 
1 32 ASP n 
1 33 ILE n 
1 34 SER n 
1 35 ARG n 
1 36 ASN n 
1 37 MET n 
1 38 TYR n 
1 39 ILE n 
1 40 MET n 
1 41 PHE n 
1 42 PHE n 
1 43 LEU n 
1 44 GLY n 
1 45 VAL n 
1 46 VAL n 
1 47 LEU n 
1 48 TRP n 
1 49 PHE n 
1 50 VAL n 
1 51 TYR n 
1 52 GLY n 
1 53 ILE n 
1 54 LEU n 
1 55 ARG n 
1 56 SER n 
1 57 ALA n 
1 58 LEU n 
1 59 PRO n 
1 60 ILE n 
1 61 ILE n 
1 62 LEU n 
1 63 ALA n 
1 64 ASN n 
1 65 VAL n 
1 66 VAL n 
1 67 THR n 
1 68 LEU n 
1 69 PHE n 
1 70 PHE n 
1 71 VAL n 
1 72 THR n 
1 73 ILE n 
1 74 ILE n 
1 75 LEU n 
1 76 TYR n 
1 77 TYR n 
1 78 LYS n 
1 79 LEU n 
1 80 THR n 
1 81 GLU n 
1 82 GLY n 
1 83 ASN n 
1 84 GLN n 
1 85 THR n 
1 86 GLY n 
1 87 SER n 
1 88 LEU n 
1 89 GLU n 
1 90 VAL n 
1 91 LEU n 
1 92 PHE n 
1 93 GLN n 
# 
_entity_src_gen.entity_id                          1 
_entity_src_gen.pdbx_src_id                        1 
_entity_src_gen.pdbx_alt_source_flag               sample 
_entity_src_gen.pdbx_seq_type                      'Biological sequence' 
_entity_src_gen.pdbx_beg_seq_num                   1 
_entity_src_gen.pdbx_end_seq_num                   93 
_entity_src_gen.gene_src_common_name               ? 
_entity_src_gen.gene_src_genus                     ? 
_entity_src_gen.pdbx_gene_src_gene                 LEPBI_I1613 
_entity_src_gen.gene_src_species                   ? 
_entity_src_gen.gene_src_strain                    'Patoc 1 / ATCC 23582 / Paris' 
_entity_src_gen.gene_src_tissue                    ? 
_entity_src_gen.gene_src_tissue_fraction           ? 
_entity_src_gen.gene_src_details                   ? 
_entity_src_gen.pdbx_gene_src_fragment             ? 
_entity_src_gen.pdbx_gene_src_scientific_name      'Leptospira biflexa serovar Patoc (strain Patoc 1 / ATCC 23582 / Paris)' 
_entity_src_gen.pdbx_gene_src_ncbi_taxonomy_id     456481 
_entity_src_gen.pdbx_gene_src_variant              ? 
_entity_src_gen.pdbx_gene_src_cell_line            ? 
_entity_src_gen.pdbx_gene_src_atcc                 ? 
_entity_src_gen.pdbx_gene_src_organ                ? 
_entity_src_gen.pdbx_gene_src_organelle            ? 
_entity_src_gen.pdbx_gene_src_cell                 ? 
_entity_src_gen.pdbx_gene_src_cellular_location    ? 
_entity_src_gen.host_org_common_name               ? 
_entity_src_gen.pdbx_host_org_scientific_name      'Escherichia coli' 
_entity_src_gen.pdbx_host_org_ncbi_taxonomy_id     562 
_entity_src_gen.host_org_genus                     ? 
_entity_src_gen.pdbx_host_org_gene                 ? 
_entity_src_gen.pdbx_host_org_organ                ? 
_entity_src_gen.host_org_species                   ? 
_entity_src_gen.pdbx_host_org_tissue               ? 
_entity_src_gen.pdbx_host_org_tissue_fraction      ? 
_entity_src_gen.pdbx_host_org_strain               ? 
_entity_src_gen.pdbx_host_org_variant              ? 
_entity_src_gen.pdbx_host_org_cell_line            ? 
_entity_src_gen.pdbx_host_org_atcc                 ? 
_entity_src_gen.pdbx_host_org_culture_collection   ? 
_entity_src_gen.pdbx_host_org_cell                 ? 
_entity_src_gen.pdbx_host_org_organelle            ? 
_entity_src_gen.pdbx_host_org_cellular_location    ? 
_entity_src_gen.pdbx_host_org_vector_type          ? 
_entity_src_gen.pdbx_host_org_vector               ? 
_entity_src_gen.host_org_details                   ? 
_entity_src_gen.expression_system_id               ? 
_entity_src_gen.plasmid_name                       ? 
_entity_src_gen.plasmid_details                    ? 
_entity_src_gen.pdbx_description                   ? 
# 
_struct_ref.id                         1 
_struct_ref.db_name                    UNP 
_struct_ref.db_code                    SWEET_LEPBP 
_struct_ref.pdbx_db_accession          B0SR19 
_struct_ref.pdbx_db_isoform            ? 
_struct_ref.entity_id                  1 
_struct_ref.pdbx_seq_one_letter_code   
;MENLIGYVAAFLTTVSFLPQVLRVVMTKQTRDISRNMYIMFFLGVVLWFVYGILRSDLPIILANVVTLFFVTIILYYKLT
EGNQT
;
_struct_ref.pdbx_align_begin           1 
# 
loop_
_struct_ref_seq.align_id 
_struct_ref_seq.ref_id 
_struct_ref_seq.pdbx_PDB_id_code 
_struct_ref_seq.pdbx_strand_id 
_struct_ref_seq.seq_align_beg 
_struct_ref_seq.pdbx_seq_align_beg_ins_code 
_struct_ref_seq.seq_align_end 
_struct_ref_seq.pdbx_seq_align_end_ins_code 
_struct_ref_seq.pdbx_db_accession 
_struct_ref_seq.db_align_beg 
_struct_ref_seq.pdbx_db_align_beg_ins_code 
_struct_ref_seq.db_align_end 
_struct_ref_seq.pdbx_db_align_end_ins_code 
_struct_ref_seq.pdbx_auth_seq_align_beg 
_struct_ref_seq.pdbx_auth_seq_align_end 
1 1 5UHS A 1 ? 85 ? B0SR19 1 ? 85 ? 1 85 
2 1 5UHS B 1 ? 85 ? B0SR19 1 ? 85 ? 1 85 
# 
loop_
_struct_ref_seq_dif.align_id 
_struct_ref_seq_dif.pdbx_pdb_id_code 
_struct_ref_seq_dif.mon_id 
_struct_ref_seq_dif.pdbx_pdb_strand_id 
_struct_ref_seq_dif.seq_num 
_struct_ref_seq_dif.pdbx_pdb_ins_code 
_struct_ref_seq_dif.pdbx_seq_db_name 
_struct_ref_seq_dif.pdbx_seq_db_accession_code 
_struct_ref_seq_dif.db_mon_id 
_struct_ref_seq_dif.pdbx_seq_db_seq_num 
_struct_ref_seq_dif.details 
_struct_ref_seq_dif.pdbx_auth_seq_num 
_struct_ref_seq_dif.pdbx_ordinal 
1 5UHS ALA A 57 ? UNP B0SR19 ASP 57 conflict         57 1  
1 5UHS GLY A 86 ? UNP B0SR19 ?   ?  'expression tag' 86 2  
1 5UHS SER A 87 ? UNP B0SR19 ?   ?  'expression tag' 87 3  
1 5UHS LEU A 88 ? UNP B0SR19 ?   ?  'expression tag' 88 4  
1 5UHS GLU A 89 ? UNP B0SR19 ?   ?  'expression tag' 89 5  
1 5UHS VAL A 90 ? UNP B0SR19 ?   ?  'expression tag' 90 6  
1 5UHS LEU A 91 ? UNP B0SR19 ?   ?  'expression tag' 91 7  
1 5UHS PHE A 92 ? UNP B0SR19 ?   ?  'expression tag' 92 8  
1 5UHS GLN A 93 ? UNP B0SR19 ?   ?  'expression tag' 93 9  
2 5UHS ALA B 57 ? UNP B0SR19 ASP 57 conflict         57 10 
2 5UHS GLY B 86 ? UNP B0SR19 ?   ?  'expression tag' 86 11 
2 5UHS SER B 87 ? UNP B0SR19 ?   ?  'expression tag' 87 12 
2 5UHS LEU B 88 ? UNP B0SR19 ?   ?  'expression tag' 88 13 
2 5UHS GLU B 89 ? UNP B0SR19 ?   ?  'expression tag' 89 14 
2 5UHS VAL B 90 ? UNP B0SR19 ?   ?  'expression tag' 90 15 
2 5UHS LEU B 91 ? UNP B0SR19 ?   ?  'expression tag' 91 16 
2 5UHS PHE B 92 ? UNP B0SR19 ?   ?  'expression tag' 92 17 
2 5UHS GLN B 93 ? UNP B0SR19 ?   ?  'expression tag' 93 18 
# 
loop_
_chem_comp.id 
_chem_comp.type 
_chem_comp.mon_nstd_flag 
_chem_comp.name 
_chem_comp.pdbx_synonyms 
_chem_comp.formula 
_chem_comp.formula_weight 
ALA 'L-peptide linking'          y ALANINE              ?                                    'C3 H7 N O2'     89.093  
ARG 'L-peptide linking'          y ARGININE             ?                                    'C6 H15 N4 O2 1' 175.209 
ASN 'L-peptide linking'          y ASPARAGINE           ?                                    'C4 H8 N2 O3'    132.118 
ASP 'L-peptide linking'          y 'ASPARTIC ACID'      ?                                    'C4 H7 N O4'     133.103 
BGC 'D-saccharide, beta linking' . beta-D-glucopyranose 'beta-D-glucose; D-glucose; glucose' 'C6 H12 O6'      180.156 
GLN 'L-peptide linking'          y GLUTAMINE            ?                                    'C5 H10 N2 O3'   146.144 
GLU 'L-peptide linking'          y 'GLUTAMIC ACID'      ?                                    'C5 H9 N O4'     147.129 
GLY 'peptide linking'            y GLYCINE              ?                                    'C2 H5 N O2'     75.067  
ILE 'L-peptide linking'          y ISOLEUCINE           ?                                    'C6 H13 N O2'    131.173 
LEU 'L-peptide linking'          y LEUCINE              ?                                    'C6 H13 N O2'    131.173 
LYS 'L-peptide linking'          y LYSINE               ?                                    'C6 H15 N2 O2 1' 147.195 
MET 'L-peptide linking'          y METHIONINE           ?                                    'C5 H11 N O2 S'  149.211 
MVC non-polymer                  . MONOVACCENIN         '11.7 MAG'                           'C21 H40 O4'     356.540 
PHE 'L-peptide linking'          y PHENYLALANINE        ?                                    'C9 H11 N O2'    165.189 
PRO 'L-peptide linking'          y PROLINE              ?                                    'C5 H9 N O2'     115.130 
SER 'L-peptide linking'          y SERINE               ?                                    'C3 H7 N O3'     105.093 
THR 'L-peptide linking'          y THREONINE            ?                                    'C4 H9 N O3'     119.119 
TRP 'L-peptide linking'          y TRYPTOPHAN           ?                                    'C11 H12 N2 O2'  204.225 
TYR 'L-peptide linking'          y TYROSINE             ?                                    'C9 H11 N O3'    181.189 
VAL 'L-peptide linking'          y VALINE               ?                                    'C5 H11 N O2'    117.146 
# 
_exptl.absorpt_coefficient_mu     ? 
_exptl.absorpt_correction_T_max   ? 
_exptl.absorpt_correction_T_min   ? 
_exptl.absorpt_correction_type    ? 
_exptl.absorpt_process_details    ? 
_exptl.entry_id                   5UHS 
_exptl.crystals_number            1 
_exptl.details                    ? 
_exptl.method                     'X-RAY DIFFRACTION' 
_exptl.method_details             ? 
# 
_exptl_crystal.colour                      ? 
_exptl_crystal.density_diffrn              ? 
_exptl_crystal.density_Matthews            ? 
_exptl_crystal.density_method              ? 
_exptl_crystal.density_percent_sol         34.26 
_exptl_crystal.description                 ? 
_exptl_crystal.F_000                       ? 
_exptl_crystal.id                          1 
_exptl_crystal.preparation                 ? 
_exptl_crystal.size_max                    ? 
_exptl_crystal.size_mid                    ? 
_exptl_crystal.size_min                    ? 
_exptl_crystal.size_rad                    ? 
_exptl_crystal.colour_lustre               ? 
_exptl_crystal.colour_modifier             ? 
_exptl_crystal.colour_primary              ? 
_exptl_crystal.density_meas                ? 
_exptl_crystal.density_meas_esd            ? 
_exptl_crystal.density_meas_gt             ? 
_exptl_crystal.density_meas_lt             ? 
_exptl_crystal.density_meas_temp           ? 
_exptl_crystal.density_meas_temp_esd       ? 
_exptl_crystal.density_meas_temp_gt        ? 
_exptl_crystal.density_meas_temp_lt        ? 
_exptl_crystal.pdbx_crystal_image_url      ? 
_exptl_crystal.pdbx_crystal_image_format   ? 
_exptl_crystal.pdbx_mosaicity              ? 
_exptl_crystal.pdbx_mosaicity_esd          ? 
# 
_exptl_crystal_grow.apparatus       ? 
_exptl_crystal_grow.atmosphere      ? 
_exptl_crystal_grow.crystal_id      1 
_exptl_crystal_grow.details         ? 
_exptl_crystal_grow.method          'LIPIDIC CUBIC PHASE' 
_exptl_crystal_grow.method_ref      ? 
_exptl_crystal_grow.pH              ? 
_exptl_crystal_grow.pressure        ? 
_exptl_crystal_grow.pressure_esd    ? 
_exptl_crystal_grow.seeding         ? 
_exptl_crystal_grow.seeding_ref     ? 
_exptl_crystal_grow.temp            293 
_exptl_crystal_grow.temp_details    ? 
_exptl_crystal_grow.temp_esd        ? 
_exptl_crystal_grow.time            ? 
_exptl_crystal_grow.pdbx_details    
;11.7 MAG
50 mM tris pH 8
100 mM LiSO4
35% PEG 400
40 mM glucose
;
_exptl_crystal_grow.pdbx_pH_range   ? 
# 
_diffrn.ambient_environment    ? 
_diffrn.ambient_temp           100 
_diffrn.ambient_temp_details   ? 
_diffrn.ambient_temp_esd       ? 
_diffrn.crystal_id             1 
_diffrn.crystal_support        ? 
_diffrn.crystal_treatment      ? 
_diffrn.details                ? 
_diffrn.id                     1 
_diffrn.ambient_pressure       ? 
_diffrn.ambient_pressure_esd   ? 
_diffrn.ambient_pressure_gt    ? 
_diffrn.ambient_pressure_lt    ? 
_diffrn.ambient_temp_gt        ? 
_diffrn.ambient_temp_lt        ? 
# 
_diffrn_detector.details                      ? 
_diffrn_detector.detector                     PIXEL 
_diffrn_detector.diffrn_id                    1 
_diffrn_detector.type                         'DECTRIS PILATUS3 6M' 
_diffrn_detector.area_resol_mean              ? 
_diffrn_detector.dtime                        ? 
_diffrn_detector.pdbx_frames_total            ? 
_diffrn_detector.pdbx_collection_time_total   ? 
_diffrn_detector.pdbx_collection_date         2014-11-19 
# 
_diffrn_radiation.collimation                      ? 
_diffrn_radiation.diffrn_id                        1 
_diffrn_radiation.filter_edge                      ? 
_diffrn_radiation.inhomogeneity                    ? 
_diffrn_radiation.monochromator                    ? 
_diffrn_radiation.polarisn_norm                    ? 
_diffrn_radiation.polarisn_ratio                   ? 
_diffrn_radiation.probe                            ? 
_diffrn_radiation.type                             ? 
_diffrn_radiation.xray_symbol                      ? 
_diffrn_radiation.wavelength_id                    1 
_diffrn_radiation.pdbx_monochromatic_or_laue_m_l   M 
_diffrn_radiation.pdbx_wavelength_list             ? 
_diffrn_radiation.pdbx_wavelength                  ? 
_diffrn_radiation.pdbx_diffrn_protocol             'SINGLE WAVELENGTH' 
_diffrn_radiation.pdbx_analyzer                    ? 
_diffrn_radiation.pdbx_scattering_type             x-ray 
# 
_diffrn_radiation_wavelength.id           1 
_diffrn_radiation_wavelength.wavelength   1.03327 
_diffrn_radiation_wavelength.wt           1.0 
# 
_diffrn_source.current                     ? 
_diffrn_source.details                     ? 
_diffrn_source.diffrn_id                   1 
_diffrn_source.power                       ? 
_diffrn_source.size                        ? 
_diffrn_source.source                      SYNCHROTRON 
_diffrn_source.target                      ? 
_diffrn_source.type                        'APS BEAMLINE 23-ID-D' 
_diffrn_source.voltage                     ? 
_diffrn_source.take-off_angle              ? 
_diffrn_source.pdbx_wavelength_list        1.03327 
_diffrn_source.pdbx_wavelength             ? 
_diffrn_source.pdbx_synchrotron_beamline   23-ID-D 
_diffrn_source.pdbx_synchrotron_site       APS 
# 
_reflns.B_iso_Wilson_estimate            ? 
_reflns.entry_id                         5UHS 
_reflns.data_reduction_details           ? 
_reflns.data_reduction_method            ? 
_reflns.d_resolution_high                2.8 
_reflns.d_resolution_low                 50.00 
_reflns.details                          ? 
_reflns.limit_h_max                      ? 
_reflns.limit_h_min                      ? 
_reflns.limit_k_max                      ? 
_reflns.limit_k_min                      ? 
_reflns.limit_l_max                      ? 
_reflns.limit_l_min                      ? 
_reflns.number_all                       ? 
_reflns.number_obs                       4006 
_reflns.observed_criterion               ? 
_reflns.observed_criterion_F_max         ? 
_reflns.observed_criterion_F_min         ? 
_reflns.observed_criterion_I_max         ? 
_reflns.observed_criterion_I_min         ? 
_reflns.observed_criterion_sigma_F       ? 
_reflns.observed_criterion_sigma_I       ? 
_reflns.percent_possible_obs             96.92 
_reflns.R_free_details                   ? 
_reflns.Rmerge_F_all                     ? 
_reflns.Rmerge_F_obs                     ? 
_reflns.Friedel_coverage                 ? 
_reflns.number_gt                        ? 
_reflns.threshold_expression             ? 
_reflns.pdbx_redundancy                  9.3 
_reflns.pdbx_Rmerge_I_obs                ? 
_reflns.pdbx_Rmerge_I_all                ? 
_reflns.pdbx_Rsym_value                  ? 
_reflns.pdbx_netI_over_av_sigmaI         ? 
_reflns.pdbx_netI_over_sigmaI            13.73 
_reflns.pdbx_res_netI_over_av_sigmaI_2   ? 
_reflns.pdbx_res_netI_over_sigmaI_2      ? 
_reflns.pdbx_chi_squared                 ? 
_reflns.pdbx_scaling_rejects             ? 
_reflns.pdbx_d_res_high_opt              ? 
_reflns.pdbx_d_res_low_opt               ? 
_reflns.pdbx_d_res_opt_method            ? 
_reflns.phase_calculation_details        ? 
_reflns.pdbx_Rrim_I_all                  ? 
_reflns.pdbx_Rpim_I_all                  ? 
_reflns.pdbx_d_opt                       ? 
_reflns.pdbx_number_measured_all         ? 
_reflns.pdbx_diffrn_id                   1 
_reflns.pdbx_ordinal                     1 
_reflns.pdbx_CC_half                     ? 
_reflns.pdbx_R_split                     ? 
# 
_reflns_shell.d_res_high                  . 
_reflns_shell.d_res_low                   ? 
_reflns_shell.meanI_over_sigI_all         ? 
_reflns_shell.meanI_over_sigI_obs         ? 
_reflns_shell.number_measured_all         ? 
_reflns_shell.number_measured_obs         ? 
_reflns_shell.number_possible             ? 
_reflns_shell.number_unique_all           ? 
_reflns_shell.number_unique_obs           ? 
_reflns_shell.percent_possible_all        ? 
_reflns_shell.percent_possible_obs        ? 
_reflns_shell.Rmerge_F_all                ? 
_reflns_shell.Rmerge_F_obs                ? 
_reflns_shell.Rmerge_I_all                ? 
_reflns_shell.Rmerge_I_obs                ? 
_reflns_shell.meanI_over_sigI_gt          ? 
_reflns_shell.meanI_over_uI_all           ? 
_reflns_shell.meanI_over_uI_gt            ? 
_reflns_shell.number_measured_gt          ? 
_reflns_shell.number_unique_gt            ? 
_reflns_shell.percent_possible_gt         ? 
_reflns_shell.Rmerge_F_gt                 ? 
_reflns_shell.Rmerge_I_gt                 ? 
_reflns_shell.pdbx_redundancy             ? 
_reflns_shell.pdbx_Rsym_value             ? 
_reflns_shell.pdbx_chi_squared            ? 
_reflns_shell.pdbx_netI_over_sigmaI_all   ? 
_reflns_shell.pdbx_netI_over_sigmaI_obs   ? 
_reflns_shell.pdbx_Rrim_I_all             ? 
_reflns_shell.pdbx_Rpim_I_all             ? 
_reflns_shell.pdbx_rejects                ? 
_reflns_shell.pdbx_ordinal                1 
_reflns_shell.pdbx_diffrn_id              1 
_reflns_shell.pdbx_CC_half                ? 
_reflns_shell.pdbx_R_split                ? 
# 
_refine.aniso_B[1][1]                            ? 
_refine.aniso_B[1][2]                            ? 
_refine.aniso_B[1][3]                            ? 
_refine.aniso_B[2][2]                            ? 
_refine.aniso_B[2][3]                            ? 
_refine.aniso_B[3][3]                            ? 
_refine.B_iso_max                                ? 
_refine.B_iso_mean                               ? 
_refine.B_iso_min                                ? 
_refine.correlation_coeff_Fo_to_Fc               ? 
_refine.correlation_coeff_Fo_to_Fc_free          ? 
_refine.details                                  ? 
_refine.diff_density_max                         ? 
_refine.diff_density_max_esd                     ? 
_refine.diff_density_min                         ? 
_refine.diff_density_min_esd                     ? 
_refine.diff_density_rms                         ? 
_refine.diff_density_rms_esd                     ? 
_refine.entry_id                                 5UHS 
_refine.pdbx_refine_id                           'X-RAY DIFFRACTION' 
_refine.ls_abs_structure_details                 ? 
_refine.ls_abs_structure_Flack                   ? 
_refine.ls_abs_structure_Flack_esd               ? 
_refine.ls_abs_structure_Rogers                  ? 
_refine.ls_abs_structure_Rogers_esd              ? 
_refine.ls_d_res_high                            2.8 
_refine.ls_d_res_low                             29.0 
_refine.ls_extinction_coef                       ? 
_refine.ls_extinction_coef_esd                   ? 
_refine.ls_extinction_expression                 ? 
_refine.ls_extinction_method                     ? 
_refine.ls_goodness_of_fit_all                   ? 
_refine.ls_goodness_of_fit_all_esd               ? 
_refine.ls_goodness_of_fit_obs                   ? 
_refine.ls_goodness_of_fit_obs_esd               ? 
_refine.ls_hydrogen_treatment                    ? 
_refine.ls_matrix_type                           ? 
_refine.ls_number_constraints                    ? 
_refine.ls_number_parameters                     ? 
_refine.ls_number_reflns_all                     ? 
_refine.ls_number_reflns_obs                     3919 
_refine.ls_number_reflns_R_free                  480 
_refine.ls_number_reflns_R_work                  ? 
_refine.ls_number_restraints                     ? 
_refine.ls_percent_reflns_obs                    96.69 
_refine.ls_percent_reflns_R_free                 12.25 
_refine.ls_R_factor_all                          ? 
_refine.ls_R_factor_obs                          0.2456 
_refine.ls_R_factor_R_free                       0.2683 
_refine.ls_R_factor_R_free_error                 ? 
_refine.ls_R_factor_R_free_error_details         ? 
_refine.ls_R_factor_R_work                       0.2419 
_refine.ls_R_Fsqd_factor_obs                     ? 
_refine.ls_R_I_factor_obs                        ? 
_refine.ls_redundancy_reflns_all                 ? 
_refine.ls_redundancy_reflns_obs                 ? 
_refine.ls_restrained_S_all                      ? 
_refine.ls_restrained_S_obs                      ? 
_refine.ls_shift_over_esd_max                    ? 
_refine.ls_shift_over_esd_mean                   ? 
_refine.ls_structure_factor_coef                 ? 
_refine.ls_weighting_details                     ? 
_refine.ls_weighting_scheme                      ? 
_refine.ls_wR_factor_all                         ? 
_refine.ls_wR_factor_obs                         ? 
_refine.ls_wR_factor_R_free                      ? 
_refine.ls_wR_factor_R_work                      ? 
_refine.occupancy_max                            ? 
_refine.occupancy_min                            ? 
_refine.solvent_model_details                    ? 
_refine.solvent_model_param_bsol                 ? 
_refine.solvent_model_param_ksol                 ? 
_refine.ls_R_factor_gt                           ? 
_refine.ls_goodness_of_fit_gt                    ? 
_refine.ls_goodness_of_fit_ref                   ? 
_refine.ls_shift_over_su_max                     ? 
_refine.ls_shift_over_su_max_lt                  ? 
_refine.ls_shift_over_su_mean                    ? 
_refine.ls_shift_over_su_mean_lt                 ? 
_refine.pdbx_ls_sigma_I                          ? 
_refine.pdbx_ls_sigma_F                          1.34 
_refine.pdbx_ls_sigma_Fsqd                       ? 
_refine.pdbx_data_cutoff_high_absF               ? 
_refine.pdbx_data_cutoff_high_rms_absF           ? 
_refine.pdbx_data_cutoff_low_absF                ? 
_refine.pdbx_isotropic_thermal_model             ? 
_refine.pdbx_ls_cross_valid_method               'FREE R-VALUE' 
_refine.pdbx_method_to_determine_struct          'MOLECULAR REPLACEMENT' 
_refine.pdbx_starting_model                      4qnc 
_refine.pdbx_stereochemistry_target_values       ? 
_refine.pdbx_R_Free_selection_details            ? 
_refine.pdbx_stereochem_target_val_spec_case     ? 
_refine.pdbx_overall_ESU_R                       ? 
_refine.pdbx_overall_ESU_R_Free                  ? 
_refine.pdbx_solvent_vdw_probe_radii             1.11 
_refine.pdbx_solvent_ion_probe_radii             ? 
_refine.pdbx_solvent_shrinkage_radii             0.90 
_refine.pdbx_real_space_R                        ? 
_refine.pdbx_density_correlation                 ? 
_refine.pdbx_pd_number_of_powder_patterns        ? 
_refine.pdbx_pd_number_of_points                 ? 
_refine.pdbx_pd_meas_number_of_points            ? 
_refine.pdbx_pd_proc_ls_prof_R_factor            ? 
_refine.pdbx_pd_proc_ls_prof_wR_factor           ? 
_refine.pdbx_pd_Marquardt_correlation_coeff      ? 
_refine.pdbx_pd_Fsqrd_R_factor                   ? 
_refine.pdbx_pd_ls_matrix_band_width             ? 
_refine.pdbx_overall_phase_error                 30.11 
_refine.pdbx_overall_SU_R_free_Cruickshank_DPI   ? 
_refine.pdbx_overall_SU_R_free_Blow_DPI          ? 
_refine.pdbx_overall_SU_R_Blow_DPI               ? 
_refine.pdbx_TLS_residual_ADP_flag               ? 
_refine.pdbx_diffrn_id                           1 
_refine.overall_SU_B                             ? 
_refine.overall_SU_ML                            0.29 
_refine.overall_SU_R_Cruickshank_DPI             ? 
_refine.overall_SU_R_free                        ? 
_refine.overall_FOM_free_R_set                   ? 
_refine.overall_FOM_work_R_set                   ? 
_refine.pdbx_average_fsc_overall                 ? 
_refine.pdbx_average_fsc_work                    ? 
_refine.pdbx_average_fsc_free                    ? 
# 
_refine_hist.pdbx_refine_id                   'X-RAY DIFFRACTION' 
_refine_hist.cycle_id                         LAST 
_refine_hist.pdbx_number_atoms_protein        1326 
_refine_hist.pdbx_number_atoms_nucleic_acid   0 
_refine_hist.pdbx_number_atoms_ligand         41 
_refine_hist.number_atoms_solvent             0 
_refine_hist.number_atoms_total               1367 
_refine_hist.d_res_high                       2.8 
_refine_hist.d_res_low                        29.0 
# 
loop_
_refine_ls_restr.pdbx_refine_id 
_refine_ls_restr.criterion 
_refine_ls_restr.dev_ideal 
_refine_ls_restr.dev_ideal_target 
_refine_ls_restr.number 
_refine_ls_restr.rejects 
_refine_ls_restr.type 
_refine_ls_restr.weight 
_refine_ls_restr.pdbx_restraint_function 
'X-RAY DIFFRACTION' ? 0.005  ? 1395 ? f_bond_d           ? ? 
'X-RAY DIFFRACTION' ? 0.876  ? 1892 ? f_angle_d          ? ? 
'X-RAY DIFFRACTION' ? 14.829 ? 799  ? f_dihedral_angle_d ? ? 
'X-RAY DIFFRACTION' ? 0.049  ? 239  ? f_chiral_restr     ? ? 
'X-RAY DIFFRACTION' ? 0.006  ? 217  ? f_plane_restr      ? ? 
# 
loop_
_refine_ls_shell.pdbx_refine_id 
_refine_ls_shell.d_res_high 
_refine_ls_shell.d_res_low 
_refine_ls_shell.number_reflns_all 
_refine_ls_shell.number_reflns_obs 
_refine_ls_shell.number_reflns_R_free 
_refine_ls_shell.number_reflns_R_work 
_refine_ls_shell.percent_reflns_obs 
_refine_ls_shell.percent_reflns_R_free 
_refine_ls_shell.R_factor_all 
_refine_ls_shell.R_factor_obs 
_refine_ls_shell.R_factor_R_free 
_refine_ls_shell.R_factor_R_free_error 
_refine_ls_shell.R_factor_R_work 
_refine_ls_shell.redundancy_reflns_all 
_refine_ls_shell.redundancy_reflns_obs 
_refine_ls_shell.wR_factor_all 
_refine_ls_shell.wR_factor_obs 
_refine_ls_shell.wR_factor_R_free 
_refine_ls_shell.wR_factor_R_work 
_refine_ls_shell.pdbx_total_number_of_bins_used 
_refine_ls_shell.pdbx_phase_error 
_refine_ls_shell.pdbx_fsc_work 
_refine_ls_shell.pdbx_fsc_free 
'X-RAY DIFFRACTION' 2.7942 3.1981  . . 148 1051 90.00  . . . 0.3126 . 0.2771 . . . . . . . . . . 
'X-RAY DIFFRACTION' 3.1981 4.0276  . . 155 1190 100.00 . . . 0.2666 . 0.2442 . . . . . . . . . . 
'X-RAY DIFFRACTION' 4.0276 29.0122 . . 177 1198 100.00 . . . 0.2574 . 0.2312 . . . . . . . . . . 
# 
_struct.entry_id                     5UHS 
_struct.title                        'Structure of a SemiSWEET D57A mutant' 
_struct.pdbx_model_details           ? 
_struct.pdbx_formula_weight          ? 
_struct.pdbx_formula_weight_method   ? 
_struct.pdbx_model_type_details      ? 
_struct.pdbx_CASP_flag               N 
# 
_struct_keywords.entry_id        5UHS 
_struct_keywords.text            'membrane, transporter, SemiSWEET, TRANSPORT PROTEIN' 
_struct_keywords.pdbx_keywords   'TRANSPORT PROTEIN' 
# 
loop_
_struct_asym.id 
_struct_asym.pdbx_blank_PDB_chainid_flag 
_struct_asym.pdbx_modified 
_struct_asym.entity_id 
_struct_asym.details 
A N N 1 ? 
B N N 1 ? 
C N N 2 ? 
D N N 2 ? 
E N N 3 ? 
# 
loop_
_struct_conf.conf_type_id 
_struct_conf.id 
_struct_conf.pdbx_PDB_helix_id 
_struct_conf.beg_label_comp_id 
_struct_conf.beg_label_asym_id 
_struct_conf.beg_label_seq_id 
_struct_conf.pdbx_beg_PDB_ins_code 
_struct_conf.end_label_comp_id 
_struct_conf.end_label_asym_id 
_struct_conf.end_label_seq_id 
_struct_conf.pdbx_end_PDB_ins_code 
_struct_conf.beg_auth_comp_id 
_struct_conf.beg_auth_asym_id 
_struct_conf.beg_auth_seq_id 
_struct_conf.end_auth_comp_id 
_struct_conf.end_auth_asym_id 
_struct_conf.end_auth_seq_id 
_struct_conf.pdbx_PDB_helix_class 
_struct_conf.details 
_struct_conf.pdbx_PDB_helix_length 
HELX_P HELX_P1 AA1 MET A 1  ? LYS A 28 ? MET A 1  LYS A 28 1 ? 28 
HELX_P HELX_P2 AA2 SER A 34 ? ARG A 55 ? SER A 34 ARG A 55 1 ? 22 
HELX_P HELX_P3 AA3 ALA A 57 ? THR A 80 ? ALA A 57 THR A 80 1 ? 24 
HELX_P HELX_P4 AA4 GLU B 2  ? SER B 16 ? GLU B 2  SER B 16 1 ? 15 
HELX_P HELX_P5 AA5 SER B 16 ? LYS B 28 ? SER B 16 LYS B 28 1 ? 13 
HELX_P HELX_P6 AA6 SER B 34 ? ARG B 55 ? SER B 34 ARG B 55 1 ? 22 
HELX_P HELX_P7 AA7 ALA B 57 ? THR B 80 ? ALA B 57 THR B 80 1 ? 24 
# 
_struct_conf_type.id          HELX_P 
_struct_conf_type.criteria    ? 
_struct_conf_type.reference   ? 
# 
_atom_sites.entry_id                    5UHS 
_atom_sites.fract_transf_matrix[1][1]   -0.01896265 
_atom_sites.fract_transf_matrix[1][2]   0.00843248 
_atom_sites.fract_transf_matrix[1][3]   0.00713269 
_atom_sites.fract_transf_matrix[2][1]   0.01322220 
_atom_sites.fract_transf_matrix[2][2]   0.02159028 
_atom_sites.fract_transf_matrix[2][3]   0.00962728 
_atom_sites.fract_transf_matrix[3][1]   -0.00720551 
_atom_sites.fract_transf_matrix[3][2]   0.01186118 
_atom_sites.fract_transf_matrix[3][3]   -0.01670393 
_atom_sites.fract_transf_vector[1]      0.268302 
_atom_sites.fract_transf_vector[2]      0.224748 
_atom_sites.fract_transf_vector[3]      0.073296 
# 
loop_
_atom_type.symbol 
C 
N 
O 
S 
# 
loop_
_atom_site.group_PDB 
_atom_site.id 
_atom_site.type_symbol 
_atom_site.label_atom_id 
_atom_site.label_alt_id 
_atom_site.label_comp_id 
_atom_site.label_asym_id 
_atom_site.label_entity_id 
_atom_site.label_seq_id 
_atom_site.pdbx_PDB_ins_code 
_atom_site.Cartn_x 
_atom_site.Cartn_y 
_atom_site.Cartn_z 
_atom_site.occupancy 
_atom_site.B_iso_or_equiv 
_atom_site.pdbx_formal_charge 
_atom_site.auth_seq_id 
_atom_site.auth_comp_id 
_atom_site.auth_asym_id 
_atom_site.auth_atom_id 
_atom_site.pdbx_PDB_model_num 
ATOM   1    N N   . MET A 1 1  ? -3.342  -19.837 13.328  1.00 66.00 ? 1   MET A N   1 
ATOM   2    C CA  . MET A 1 1  ? -4.365  -19.125 12.570  1.00 67.09 ? 1   MET A CA  1 
ATOM   3    C C   . MET A 1 1  ? -3.879  -17.736 12.173  1.00 69.05 ? 1   MET A C   1 
ATOM   4    O O   . MET A 1 1  ? -3.856  -17.399 10.989  1.00 69.71 ? 1   MET A O   1 
ATOM   5    C CB  . MET A 1 1  ? -5.664  -19.001 13.392  1.00 68.42 ? 1   MET A CB  1 
ATOM   6    C CG  . MET A 1 1  ? -6.853  -18.333 12.660  1.00 66.16 ? 1   MET A CG  1 
ATOM   7    S SD  . MET A 1 1  ? -7.711  -19.341 11.417  1.00 82.89 ? 1   MET A SD  1 
ATOM   8    C CE  . MET A 1 1  ? -8.402  -18.075 10.347  1.00 64.23 ? 1   MET A CE  1 
ATOM   9    N N   . GLU A 1 2  ? -3.488  -16.950 13.185  1.00 69.67 ? 2   GLU A N   1 
ATOM   10   C CA  . GLU A 1 2  ? -3.030  -15.580 12.968  1.00 66.50 ? 2   GLU A CA  1 
ATOM   11   C C   . GLU A 1 2  ? -2.024  -15.487 11.826  1.00 67.70 ? 2   GLU A C   1 
ATOM   12   O O   . GLU A 1 2  ? -2.087  -14.560 11.007  1.00 68.40 ? 2   GLU A O   1 
ATOM   13   C CB  . GLU A 1 2  ? -2.431  -15.015 14.261  1.00 66.22 ? 2   GLU A CB  1 
ATOM   14   C CG  . GLU A 1 2  ? -3.378  -15.027 15.463  1.00 69.78 ? 2   GLU A CG  1 
ATOM   15   C CD  . GLU A 1 2  ? -3.180  -16.236 16.386  1.00 73.61 ? 2   GLU A CD  1 
ATOM   16   O OE1 . GLU A 1 2  ? -2.862  -17.343 15.891  1.00 74.25 ? 2   GLU A OE1 1 
ATOM   17   O OE2 . GLU A 1 2  ? -3.335  -16.071 17.618  1.00 71.12 ? 2   GLU A OE2 1 
ATOM   18   N N   . ASN A 1 3  ? -1.105  -16.453 11.739  1.00 66.53 ? 3   ASN A N   1 
ATOM   19   C CA  . ASN A 1 3  ? -0.112  -16.427 10.669  1.00 66.67 ? 3   ASN A CA  1 
ATOM   20   C C   . ASN A 1 3  ? -0.778  -16.513 9.301   1.00 64.00 ? 3   ASN A C   1 
ATOM   21   O O   . ASN A 1 3  ? -0.403  -15.782 8.377   1.00 62.50 ? 3   ASN A O   1 
ATOM   22   C CB  . ASN A 1 3  ? 0.902   -17.555 10.865  1.00 64.34 ? 3   ASN A CB  1 
ATOM   23   C CG  . ASN A 1 3  ? 1.997   -17.187 11.857  1.00 65.65 ? 3   ASN A CG  1 
ATOM   24   O OD1 . ASN A 1 3  ? 2.452   -16.043 11.904  1.00 68.67 ? 3   ASN A OD1 1 
ATOM   25   N ND2 . ASN A 1 3  ? 2.418   -18.155 12.659  1.00 72.68 ? 3   ASN A ND2 1 
ATOM   26   N N   . LEU A 1 4  ? -1.792  -17.369 9.160   1.00 62.96 ? 4   LEU A N   1 
ATOM   27   C CA  . LEU A 1 4  ? -2.526  -17.432 7.900   1.00 63.70 ? 4   LEU A CA  1 
ATOM   28   C C   . LEU A 1 4  ? -3.123  -16.074 7.538   1.00 61.25 ? 4   LEU A C   1 
ATOM   29   O O   . LEU A 1 4  ? -2.969  -15.598 6.409   1.00 58.87 ? 4   LEU A O   1 
ATOM   30   C CB  . LEU A 1 4  ? -3.613  -18.511 7.980   1.00 61.81 ? 4   LEU A CB  1 
ATOM   31   C CG  . LEU A 1 4  ? -4.609  -18.674 6.821   1.00 59.45 ? 4   LEU A CG  1 
ATOM   32   C CD1 . LEU A 1 4  ? -4.919  -20.140 6.590   1.00 61.55 ? 4   LEU A CD1 1 
ATOM   33   C CD2 . LEU A 1 4  ? -5.915  -17.917 7.071   1.00 60.76 ? 4   LEU A CD2 1 
ATOM   34   N N   . ILE A 1 5  ? -3.807  -15.433 8.488   1.00 59.27 ? 5   ILE A N   1 
ATOM   35   C CA  . ILE A 1 5  ? -4.420  -14.130 8.227   1.00 59.73 ? 5   ILE A CA  1 
ATOM   36   C C   . ILE A 1 5  ? -3.368  -13.114 7.790   1.00 59.79 ? 5   ILE A C   1 
ATOM   37   O O   . ILE A 1 5  ? -3.600  -12.308 6.880   1.00 58.27 ? 5   ILE A O   1 
ATOM   38   C CB  . ILE A 1 5  ? -5.210  -13.651 9.458   1.00 61.30 ? 5   ILE A CB  1 
ATOM   39   C CG1 . ILE A 1 5  ? -6.195  -14.741 9.901   1.00 58.95 ? 5   ILE A CG1 1 
ATOM   40   C CG2 . ILE A 1 5  ? -5.923  -12.341 9.165   1.00 56.80 ? 5   ILE A CG2 1 
ATOM   41   C CD1 . ILE A 1 5  ? -7.336  -14.228 10.758  1.00 56.16 ? 5   ILE A CD1 1 
ATOM   42   N N   . GLY A 1 6  ? -2.221  -13.097 8.471   1.00 59.88 ? 6   GLY A N   1 
ATOM   43   C CA  . GLY A 1 6  ? -1.141  -12.202 8.069   1.00 59.44 ? 6   GLY A CA  1 
ATOM   44   C C   . GLY A 1 6  ? -0.636  -12.467 6.660   1.00 57.75 ? 6   GLY A C   1 
ATOM   45   O O   . GLY A 1 6  ? -0.364  -11.537 5.897   1.00 56.01 ? 6   GLY A O   1 
ATOM   46   N N   . TYR A 1 7  ? -0.455  -13.746 6.317   1.00 60.05 ? 7   TYR A N   1 
ATOM   47   C CA  . TYR A 1 7  ? 0.014   -14.112 4.980   1.00 60.50 ? 7   TYR A CA  1 
ATOM   48   C C   . TYR A 1 7  ? -0.987  -13.697 3.901   1.00 58.50 ? 7   TYR A C   1 
ATOM   49   O O   . TYR A 1 7  ? -0.601  -13.197 2.837   1.00 54.69 ? 7   TYR A O   1 
ATOM   50   C CB  . TYR A 1 7  ? 0.289   -15.619 4.915   1.00 63.02 ? 7   TYR A CB  1 
ATOM   51   C CG  . TYR A 1 7  ? 1.484   -16.080 5.735   1.00 67.07 ? 7   TYR A CG  1 
ATOM   52   C CD1 . TYR A 1 7  ? 2.486   -15.189 6.102   1.00 68.40 ? 7   TYR A CD1 1 
ATOM   53   C CD2 . TYR A 1 7  ? 1.625   -17.416 6.114   1.00 67.94 ? 7   TYR A CD2 1 
ATOM   54   C CE1 . TYR A 1 7  ? 3.584   -15.607 6.840   1.00 70.96 ? 7   TYR A CE1 1 
ATOM   55   C CE2 . TYR A 1 7  ? 2.723   -17.843 6.848   1.00 67.71 ? 7   TYR A CE2 1 
ATOM   56   C CZ  . TYR A 1 7  ? 3.698   -16.936 7.207   1.00 72.01 ? 7   TYR A CZ  1 
ATOM   57   O OH  . TYR A 1 7  ? 4.787   -17.361 7.938   1.00 80.61 ? 7   TYR A OH  1 
ATOM   58   N N   . VAL A 1 8  ? -2.276  -13.957 4.135   1.00 58.72 ? 8   VAL A N   1 
ATOM   59   C CA  . VAL A 1 8  ? -3.306  -13.530 3.190   1.00 57.01 ? 8   VAL A CA  1 
ATOM   60   C C   . VAL A 1 8  ? -3.320  -12.009 3.078   1.00 53.71 ? 8   VAL A C   1 
ATOM   61   O O   . VAL A 1 8  ? -3.480  -11.453 1.987   1.00 50.15 ? 8   VAL A O   1 
ATOM   62   C CB  . VAL A 1 8  ? -4.683  -14.088 3.608   1.00 54.45 ? 8   VAL A CB  1 
ATOM   63   C CG1 . VAL A 1 8  ? -5.759  -13.698 2.606   1.00 46.79 ? 8   VAL A CG1 1 
ATOM   64   C CG2 . VAL A 1 8  ? -4.624  -15.595 3.758   1.00 53.67 ? 8   VAL A CG2 1 
ATOM   65   N N   . ALA A 1 9  ? -3.156  -11.311 4.205   1.00 52.50 ? 9   ALA A N   1 
ATOM   66   C CA  . ALA A 1 9  ? -3.103  -9.853  4.168   1.00 51.36 ? 9   ALA A CA  1 
ATOM   67   C C   . ALA A 1 9  ? -1.945  -9.371  3.304   1.00 52.24 ? 9   ALA A C   1 
ATOM   68   O O   . ALA A 1 9  ? -2.109  -8.486  2.455   1.00 55.18 ? 9   ALA A O   1 
ATOM   69   C CB  . ALA A 1 9  ? -2.998  -9.298  5.586   1.00 51.07 ? 9   ALA A CB  1 
ATOM   70   N N   . ALA A 1 10 ? -0.752  -9.927  3.526   1.00 52.14 ? 10  ALA A N   1 
ATOM   71   C CA  . ALA A 1 10 ? 0.414   -9.554  2.729   1.00 51.13 ? 10  ALA A CA  1 
ATOM   72   C C   . ALA A 1 10 ? 0.199   -9.858  1.248   1.00 52.05 ? 10  ALA A C   1 
ATOM   73   O O   . ALA A 1 10 ? 0.587   -9.069  0.374   1.00 48.70 ? 10  ALA A O   1 
ATOM   74   C CB  . ALA A 1 10 ? 1.650   -10.286 3.248   1.00 49.34 ? 10  ALA A CB  1 
ATOM   75   N N   . PHE A 1 11 ? -0.356  -11.032 0.946   1.00 53.21 ? 11  PHE A N   1 
ATOM   76   C CA  . PHE A 1 11 ? -0.701  -11.385 -0.426  1.00 48.93 ? 11  PHE A CA  1 
ATOM   77   C C   . PHE A 1 11 ? -1.620  -10.339 -1.045  1.00 50.66 ? 11  PHE A C   1 
ATOM   78   O O   . PHE A 1 11 ? -1.317  -9.757  -2.091  1.00 52.18 ? 11  PHE A O   1 
ATOM   79   C CB  . PHE A 1 11 ? -1.359  -12.766 -0.446  1.00 51.71 ? 11  PHE A CB  1 
ATOM   80   C CG  . PHE A 1 11 ? -1.962  -13.129 -1.773  1.00 52.75 ? 11  PHE A CG  1 
ATOM   81   C CD1 . PHE A 1 11 ? -1.172  -13.651 -2.790  1.00 49.78 ? 11  PHE A CD1 1 
ATOM   82   C CD2 . PHE A 1 11 ? -3.318  -12.924 -2.009  1.00 48.52 ? 11  PHE A CD2 1 
ATOM   83   C CE1 . PHE A 1 11 ? -1.719  -13.976 -4.009  1.00 50.31 ? 11  PHE A CE1 1 
ATOM   84   C CE2 . PHE A 1 11 ? -3.875  -13.241 -3.227  1.00 50.78 ? 11  PHE A CE2 1 
ATOM   85   C CZ  . PHE A 1 11 ? -3.075  -13.773 -4.234  1.00 53.91 ? 11  PHE A CZ  1 
ATOM   86   N N   . LEU A 1 12 ? -2.765  -10.106 -0.406  1.00 50.59 ? 12  LEU A N   1 
ATOM   87   C CA  . LEU A 1 12 ? -3.725  -9.117  -0.881  1.00 50.84 ? 12  LEU A CA  1 
ATOM   88   C C   . LEU A 1 12 ? -3.052  -7.779  -1.159  1.00 51.08 ? 12  LEU A C   1 
ATOM   89   O O   . LEU A 1 12 ? -3.223  -7.193  -2.233  1.00 51.21 ? 12  LEU A O   1 
ATOM   90   C CB  . LEU A 1 12 ? -4.845  -8.958  0.152   1.00 51.60 ? 12  LEU A CB  1 
ATOM   91   C CG  . LEU A 1 12 ? -5.879  -10.094 0.255   1.00 51.90 ? 12  LEU A CG  1 
ATOM   92   C CD1 . LEU A 1 12 ? -6.904  -9.864  1.384   1.00 51.28 ? 12  LEU A CD1 1 
ATOM   93   C CD2 . LEU A 1 12 ? -6.597  -10.290 -1.069  1.00 50.52 ? 12  LEU A CD2 1 
ATOM   94   N N   . THR A 1 13 ? -2.289  -7.279  -0.185  1.00 48.60 ? 13  THR A N   1 
ATOM   95   C CA  . THR A 1 13 ? -1.652  -5.972  -0.315  1.00 50.15 ? 13  THR A CA  1 
ATOM   96   C C   . THR A 1 13 ? -0.627  -5.939  -1.447  1.00 51.49 ? 13  THR A C   1 
ATOM   97   O O   . THR A 1 13 ? -0.549  -4.950  -2.181  1.00 53.88 ? 13  THR A O   1 
ATOM   98   C CB  . THR A 1 13 ? -1.026  -5.576  1.029   1.00 54.13 ? 13  THR A CB  1 
ATOM   99   O OG1 . THR A 1 13 ? -1.684  -4.402  1.531   1.00 56.66 ? 13  THR A OG1 1 
ATOM   100  C CG2 . THR A 1 13 ? 0.477   -5.309  0.917   1.00 53.84 ? 13  THR A CG2 1 
ATOM   101  N N   . THR A 1 14 ? 0.141   -7.018  -1.636  1.00 51.72 ? 14  THR A N   1 
ATOM   102  C CA  . THR A 1 14 ? 1.142   -7.024  -2.702  1.00 49.23 ? 14  THR A CA  1 
ATOM   103  C C   . THR A 1 14 ? 0.484   -7.129  -4.074  1.00 50.80 ? 14  THR A C   1 
ATOM   104  O O   . THR A 1 14 ? 0.797   -6.354  -4.987  1.00 52.01 ? 14  THR A O   1 
ATOM   105  C CB  . THR A 1 14 ? 2.147   -8.167  -2.487  1.00 53.11 ? 14  THR A CB  1 
ATOM   106  O OG1 . THR A 1 14 ? 2.905   -7.940  -1.287  1.00 52.25 ? 14  THR A OG1 1 
ATOM   107  C CG2 . THR A 1 14 ? 3.112   -8.288  -3.669  1.00 49.05 ? 14  THR A CG2 1 
ATOM   108  N N   . VAL A 1 15 ? -0.442  -8.080  -4.235  1.00 52.07 ? 15  VAL A N   1 
ATOM   109  C CA  . VAL A 1 15 ? -1.069  -8.315  -5.530  1.00 51.30 ? 15  VAL A CA  1 
ATOM   110  C C   . VAL A 1 15 ? -2.029  -7.193  -5.893  1.00 51.23 ? 15  VAL A C   1 
ATOM   111  O O   . VAL A 1 15 ? -2.398  -7.052  -7.066  1.00 50.75 ? 15  VAL A O   1 
ATOM   112  C CB  . VAL A 1 15 ? -1.785  -9.678  -5.516  1.00 49.34 ? 15  VAL A CB  1 
ATOM   113  C CG1 . VAL A 1 15 ? -2.346  -10.027 -6.883  1.00 47.97 ? 15  VAL A CG1 1 
ATOM   114  C CG2 . VAL A 1 15 ? -0.830  -10.762 -5.050  1.00 52.18 ? 15  VAL A CG2 1 
ATOM   115  N N   . SER A 1 16 ? -2.441  -6.375  -4.919  1.00 49.98 ? 16  SER A N   1 
ATOM   116  C CA  . SER A 1 16 ? -3.331  -5.267  -5.236  1.00 51.46 ? 16  SER A CA  1 
ATOM   117  C C   . SER A 1 16 ? -2.668  -4.308  -6.202  1.00 51.77 ? 16  SER A C   1 
ATOM   118  O O   . SER A 1 16 ? -3.348  -3.707  -7.037  1.00 51.35 ? 16  SER A O   1 
ATOM   119  C CB  . SER A 1 16 ? -3.770  -4.515  -3.977  1.00 52.65 ? 16  SER A CB  1 
ATOM   120  O OG  . SER A 1 16 ? -2.698  -3.779  -3.415  1.00 53.57 ? 16  SER A OG  1 
ATOM   121  N N   . PHE A 1 17 ? -1.346  -4.158  -6.114  1.00 50.61 ? 17  PHE A N   1 
ATOM   122  C CA  . PHE A 1 17 ? -0.668  -3.250  -7.025  1.00 51.92 ? 17  PHE A CA  1 
ATOM   123  C C   . PHE A 1 17 ? -0.648  -3.771  -8.456  1.00 51.73 ? 17  PHE A C   1 
ATOM   124  O O   . PHE A 1 17 ? -0.501  -2.966  -9.386  1.00 48.60 ? 17  PHE A O   1 
ATOM   125  C CB  . PHE A 1 17 ? 0.750   -2.987  -6.529  1.00 47.77 ? 17  PHE A CB  1 
ATOM   126  C CG  . PHE A 1 17 ? 0.796   -2.003  -5.424  1.00 47.80 ? 17  PHE A CG  1 
ATOM   127  C CD1 . PHE A 1 17 ? 0.696   -0.647  -5.697  1.00 49.43 ? 17  PHE A CD1 1 
ATOM   128  C CD2 . PHE A 1 17 ? 0.904   -2.422  -4.106  1.00 50.34 ? 17  PHE A CD2 1 
ATOM   129  C CE1 . PHE A 1 17 ? 0.717   0.285   -4.683  1.00 49.95 ? 17  PHE A CE1 1 
ATOM   130  C CE2 . PHE A 1 17 ? 0.930   -1.500  -3.075  1.00 49.48 ? 17  PHE A CE2 1 
ATOM   131  C CZ  . PHE A 1 17 ? 0.835   -0.135  -3.371  1.00 51.06 ? 17  PHE A CZ  1 
ATOM   132  N N   . LEU A 1 18 ? -0.866  -5.081  -8.652  1.00 52.06 ? 18  LEU A N   1 
ATOM   133  C CA  . LEU A 1 18 ? -0.825  -5.652  -9.999  1.00 51.05 ? 18  LEU A CA  1 
ATOM   134  C C   . LEU A 1 18 ? -1.877  -5.046  -10.922 1.00 49.56 ? 18  LEU A C   1 
ATOM   135  O O   . LEU A 1 18 ? -1.519  -4.671  -12.054 1.00 51.64 ? 18  LEU A O   1 
ATOM   136  C CB  . LEU A 1 18 ? -0.951  -7.179  -9.923  1.00 49.14 ? 18  LEU A CB  1 
ATOM   137  C CG  . LEU A 1 18 ? -0.812  -7.890  -11.271 1.00 51.28 ? 18  LEU A CG  1 
ATOM   138  C CD1 . LEU A 1 18 ? 0.588   -7.672  -11.840 1.00 53.72 ? 18  LEU A CD1 1 
ATOM   139  C CD2 . LEU A 1 18 ? -1.146  -9.380  -11.203 1.00 49.35 ? 18  LEU A CD2 1 
ATOM   140  N N   . PRO A 1 19 ? -3.155  -4.913  -10.549 1.00 49.08 ? 19  PRO A N   1 
ATOM   141  C CA  . PRO A 1 19 ? -4.105  -4.222  -11.437 1.00 52.56 ? 19  PRO A CA  1 
ATOM   142  C C   . PRO A 1 19 ? -3.740  -2.774  -11.736 1.00 53.89 ? 19  PRO A C   1 
ATOM   143  O O   . PRO A 1 19 ? -4.072  -2.270  -12.820 1.00 55.74 ? 19  PRO A O   1 
ATOM   144  C CB  . PRO A 1 19 ? -5.422  -4.309  -10.656 1.00 53.37 ? 19  PRO A CB  1 
ATOM   145  C CG  . PRO A 1 19 ? -5.286  -5.550  -9.893  1.00 51.15 ? 19  PRO A CG  1 
ATOM   146  C CD  . PRO A 1 19 ? -3.866  -5.556  -9.428  1.00 50.68 ? 19  PRO A CD  1 
ATOM   147  N N   . GLN A 1 20 ? -3.085  -2.082  -10.799 1.00 52.37 ? 20  GLN A N   1 
ATOM   148  C CA  . GLN A 1 20 ? -2.638  -0.719  -11.068 1.00 49.34 ? 20  GLN A CA  1 
ATOM   149  C C   . GLN A 1 20 ? -1.484  -0.728  -12.058 1.00 52.18 ? 20  GLN A C   1 
ATOM   150  O O   . GLN A 1 20 ? -1.376  0.161   -12.911 1.00 54.81 ? 20  GLN A O   1 
ATOM   151  C CB  . GLN A 1 20 ? -2.212  -0.031  -9.777  1.00 51.52 ? 20  GLN A CB  1 
ATOM   152  C CG  . GLN A 1 20 ? -1.844  1.430   -9.942  1.00 50.07 ? 20  GLN A CG  1 
ATOM   153  C CD  . GLN A 1 20 ? -3.060  2.337   -10.042 1.00 53.47 ? 20  GLN A CD  1 
ATOM   154  O OE1 . GLN A 1 20 ? -3.518  2.889   -9.038  1.00 54.83 ? 20  GLN A OE1 1 
ATOM   155  N NE2 . GLN A 1 20 ? -3.586  2.495   -11.249 1.00 50.64 ? 20  GLN A NE2 1 
ATOM   156  N N   . VAL A 1 21 ? -0.593  -1.715  -11.936 1.00 53.43 ? 21  VAL A N   1 
ATOM   157  C CA  . VAL A 1 21 ? 0.473   -1.889  -12.921 1.00 53.68 ? 21  VAL A CA  1 
ATOM   158  C C   . VAL A 1 21 ? -0.127  -2.122  -14.299 1.00 54.36 ? 21  VAL A C   1 
ATOM   159  O O   . VAL A 1 21 ? 0.293   -1.517  -15.289 1.00 56.50 ? 21  VAL A O   1 
ATOM   160  C CB  . VAL A 1 21 ? 1.400   -3.048  -12.519 1.00 49.35 ? 21  VAL A CB  1 
ATOM   161  C CG1 . VAL A 1 21 ? 2.257   -3.457  -13.703 1.00 49.60 ? 21  VAL A CG1 1 
ATOM   162  C CG2 . VAL A 1 21 ? 2.251   -2.668  -11.318 1.00 50.69 ? 21  VAL A CG2 1 
ATOM   163  N N   . LEU A 1 22 ? -1.106  -3.024  -14.379 1.00 52.56 ? 22  LEU A N   1 
ATOM   164  C CA  . LEU A 1 22 ? -1.763  -3.325  -15.647 1.00 55.59 ? 22  LEU A CA  1 
ATOM   165  C C   . LEU A 1 22 ? -2.369  -2.071  -16.265 1.00 57.55 ? 22  LEU A C   1 
ATOM   166  O O   . LEU A 1 22 ? -2.118  -1.752  -17.433 1.00 59.85 ? 22  LEU A O   1 
ATOM   167  C CB  . LEU A 1 22 ? -2.831  -4.392  -15.422 1.00 56.83 ? 22  LEU A CB  1 
ATOM   168  C CG  . LEU A 1 22 ? -2.216  -5.679  -14.848 1.00 60.03 ? 22  LEU A CG  1 
ATOM   169  C CD1 . LEU A 1 22 ? -3.282  -6.657  -14.358 1.00 56.49 ? 22  LEU A CD1 1 
ATOM   170  C CD2 . LEU A 1 22 ? -1.256  -6.345  -15.827 1.00 60.43 ? 22  LEU A CD2 1 
ATOM   171  N N   . ARG A 1 23 ? -3.180  -1.350  -15.488 1.00 58.01 ? 23  ARG A N   1 
ATOM   172  C CA  . ARG A 1 23 ? -3.826  -0.148  -16.005 1.00 59.39 ? 23  ARG A CA  1 
ATOM   173  C C   . ARG A 1 23 ? -2.802  0.891   -16.456 1.00 61.18 ? 23  ARG A C   1 
ATOM   174  O O   . ARG A 1 23 ? -2.955  1.494   -17.529 1.00 61.66 ? 23  ARG A O   1 
ATOM   175  C CB  . ARG A 1 23 ? -4.760  0.430   -14.939 1.00 61.42 ? 23  ARG A CB  1 
ATOM   176  C CG  . ARG A 1 23 ? -5.758  1.460   -15.457 1.00 62.76 ? 23  ARG A CG  1 
ATOM   177  C CD  . ARG A 1 23 ? -6.864  1.733   -14.445 1.00 58.74 ? 23  ARG A CD  1 
ATOM   178  N NE  . ARG A 1 23 ? -7.713  2.849   -14.855 1.00 59.92 ? 23  ARG A NE  1 
ATOM   179  C CZ  . ARG A 1 23 ? -8.810  2.722   -15.600 1.00 64.63 ? 23  ARG A CZ  1 
ATOM   180  N NH1 . ARG A 1 23 ? -9.193  1.524   -16.027 1.00 64.47 ? 23  ARG A NH1 1 
ATOM   181  N NH2 . ARG A 1 23 ? -9.524  3.794   -15.925 1.00 65.22 ? 23  ARG A NH2 1 
ATOM   182  N N   . VAL A 1 24 ? -1.740  1.095   -15.667 1.00 58.50 ? 24  VAL A N   1 
ATOM   183  C CA  . VAL A 1 24 ? -0.733  2.101   -16.011 1.00 57.27 ? 24  VAL A CA  1 
ATOM   184  C C   . VAL A 1 24 ? 0.041   1.702   -17.264 1.00 57.39 ? 24  VAL A C   1 
ATOM   185  O O   . VAL A 1 24 ? 0.384   2.552   -18.092 1.00 59.07 ? 24  VAL A O   1 
ATOM   186  C CB  . VAL A 1 24 ? 0.205   2.350   -14.814 1.00 57.29 ? 24  VAL A CB  1 
ATOM   187  C CG1 . VAL A 1 24 ? 1.389   3.160   -15.240 1.00 55.71 ? 24  VAL A CG1 1 
ATOM   188  C CG2 . VAL A 1 24 ? -0.533  3.098   -13.710 1.00 57.69 ? 24  VAL A CG2 1 
ATOM   189  N N   . VAL A 1 25 ? 0.318   0.410   -17.436 1.00 59.09 ? 25  VAL A N   1 
ATOM   190  C CA  . VAL A 1 25 ? 1.087   -0.029  -18.599 1.00 58.89 ? 25  VAL A CA  1 
ATOM   191  C C   . VAL A 1 25 ? 0.217   -0.102  -19.847 1.00 61.25 ? 25  VAL A C   1 
ATOM   192  O O   . VAL A 1 25 ? 0.740   -0.035  -20.966 1.00 64.82 ? 25  VAL A O   1 
ATOM   193  C CB  . VAL A 1 25 ? 1.764   -1.379  -18.292 1.00 57.41 ? 25  VAL A CB  1 
ATOM   194  C CG1 . VAL A 1 25 ? 2.435   -1.968  -19.519 1.00 61.34 ? 25  VAL A CG1 1 
ATOM   195  C CG2 . VAL A 1 25 ? 2.802   -1.203  -17.194 1.00 59.73 ? 25  VAL A CG2 1 
ATOM   196  N N   . MET A 1 26 ? -1.103  -0.165  -19.692 1.00 61.56 ? 26  MET A N   1 
ATOM   197  C CA  . MET A 1 26 ? -1.991  -0.284  -20.840 1.00 62.41 ? 26  MET A CA  1 
ATOM   198  C C   . MET A 1 26 ? -2.480  1.074   -21.326 1.00 65.43 ? 26  MET A C   1 
ATOM   199  O O   . MET A 1 26 ? -2.448  1.354   -22.529 1.00 65.01 ? 26  MET A O   1 
ATOM   200  C CB  . MET A 1 26 ? -3.177  -1.179  -20.498 1.00 64.83 ? 26  MET A CB  1 
ATOM   201  C CG  . MET A 1 26 ? -2.850  -2.646  -20.458 1.00 68.85 ? 26  MET A CG  1 
ATOM   202  S SD  . MET A 1 26 ? -4.385  -3.559  -20.578 1.00 92.49 ? 26  MET A SD  1 
ATOM   203  C CE  . MET A 1 26 ? -5.022  -2.841  -22.096 1.00 71.31 ? 26  MET A CE  1 
ATOM   204  N N   . THR A 1 27 ? -2.963  1.915   -20.414 1.00 66.18 ? 27  THR A N   1 
ATOM   205  C CA  . THR A 1 27 ? -3.471  3.225   -20.798 1.00 64.03 ? 27  THR A CA  1 
ATOM   206  C C   . THR A 1 27 ? -2.373  4.272   -20.877 1.00 60.95 ? 27  THR A C   1 
ATOM   207  O O   . THR A 1 27 ? -2.591  5.337   -21.467 1.00 63.23 ? 27  THR A O   1 
ATOM   208  C CB  . THR A 1 27 ? -4.529  3.696   -19.800 1.00 61.11 ? 27  THR A CB  1 
ATOM   209  O OG1 . THR A 1 27 ? -3.886  4.057   -18.569 1.00 61.82 ? 27  THR A OG1 1 
ATOM   210  C CG2 . THR A 1 27 ? -5.527  2.587   -19.542 1.00 59.20 ? 27  THR A CG2 1 
ATOM   211  N N   . LYS A 1 28 ? -1.203  3.987   -20.303 1.00 60.74 ? 28  LYS A N   1 
ATOM   212  C CA  . LYS A 1 28 ? -0.083  4.924   -20.285 1.00 62.44 ? 28  LYS A CA  1 
ATOM   213  C C   . LYS A 1 28 ? -0.487  6.265   -19.677 1.00 61.79 ? 28  LYS A C   1 
ATOM   214  O O   . LYS A 1 28 ? -0.035  7.320   -20.125 1.00 61.56 ? 28  LYS A O   1 
ATOM   215  C CB  . LYS A 1 28 ? 0.489   5.121   -21.694 1.00 60.01 ? 28  LYS A CB  1 
ATOM   216  C CG  . LYS A 1 28 ? 0.991   3.843   -22.361 1.00 61.21 ? 28  LYS A CG  1 
ATOM   217  C CD  . LYS A 1 28 ? 2.391   3.464   -21.905 1.00 62.45 ? 28  LYS A CD  1 
ATOM   218  C CE  . LYS A 1 28 ? 2.779   2.079   -22.415 1.00 62.56 ? 28  LYS A CE  1 
ATOM   219  N NZ  . LYS A 1 28 ? 3.875   1.460   -21.608 1.00 62.70 ? 28  LYS A NZ  1 
ATOM   220  N N   . GLN A 1 29 ? -1.400  6.250   -18.702 1.00 61.72 ? 29  GLN A N   1 
ATOM   221  C CA  . GLN A 1 29 ? -1.847  7.472   -18.039 1.00 61.28 ? 29  GLN A CA  1 
ATOM   222  C C   . GLN A 1 29 ? -1.709  7.366   -16.526 1.00 58.29 ? 29  GLN A C   1 
ATOM   223  O O   . GLN A 1 29 ? -2.091  6.356   -15.925 1.00 62.14 ? 29  GLN A O   1 
ATOM   224  C CB  . GLN A 1 29 ? -3.288  7.813   -18.416 1.00 58.76 ? 29  GLN A CB  1 
ATOM   225  C CG  . GLN A 1 29 ? -3.458  8.061   -19.890 1.00 60.04 ? 29  GLN A CG  1 
ATOM   226  C CD  . GLN A 1 29 ? -4.895  8.289   -20.275 1.00 66.21 ? 29  GLN A CD  1 
ATOM   227  O OE1 . GLN A 1 29 ? -5.645  7.338   -20.488 1.00 70.64 ? 29  GLN A OE1 1 
ATOM   228  N NE2 . GLN A 1 29 ? -5.289  9.558   -20.388 1.00 64.71 ? 29  GLN A NE2 1 
ATOM   229  N N   . THR A 1 30 ? -1.192  8.447   -15.918 1.00 57.49 ? 30  THR A N   1 
ATOM   230  C CA  . THR A 1 30 ? -0.850  8.472   -14.501 1.00 56.19 ? 30  THR A CA  1 
ATOM   231  C C   . THR A 1 30 ? -1.265  9.768   -13.819 1.00 56.76 ? 30  THR A C   1 
ATOM   232  O O   . THR A 1 30 ? -0.865  9.996   -12.672 1.00 56.52 ? 30  THR A O   1 
ATOM   233  C CB  . THR A 1 30 ? 0.658   8.271   -14.308 1.00 58.15 ? 30  THR A CB  1 
ATOM   234  O OG1 . THR A 1 30 ? 1.370   9.231   -15.098 1.00 56.67 ? 30  THR A OG1 1 
ATOM   235  C CG2 . THR A 1 30 ? 1.084   6.863   -14.699 1.00 58.41 ? 30  THR A CG2 1 
ATOM   236  N N   . ARG A 1 31 ? -2.032  10.628  -14.498 1.00 62.57 ? 31  ARG A N   1 
ATOM   237  C CA  . ARG A 1 31 ? -2.386  11.945  -13.966 1.00 62.75 ? 31  ARG A CA  1 
ATOM   238  C C   . ARG A 1 31 ? -2.951  11.877  -12.552 1.00 60.85 ? 31  ARG A C   1 
ATOM   239  O O   . ARG A 1 31 ? -2.506  12.607  -11.659 1.00 62.22 ? 31  ARG A O   1 
ATOM   240  C CB  . ARG A 1 31 ? -3.391  12.631  -14.892 1.00 61.51 ? 31  ARG A CB  1 
ATOM   241  C CG  . ARG A 1 31 ? -3.808  14.001  -14.405 1.00 60.86 ? 31  ARG A CG  1 
ATOM   242  C CD  . ARG A 1 31 ? -4.995  14.503  -15.183 1.00 64.92 ? 31  ARG A CD  1 
ATOM   243  N NE  . ARG A 1 31 ? -6.155  13.645  -14.969 1.00 65.38 ? 31  ARG A NE  1 
ATOM   244  C CZ  . ARG A 1 31 ? -7.238  13.643  -15.740 1.00 66.78 ? 31  ARG A CZ  1 
ATOM   245  N NH1 . ARG A 1 31 ? -7.317  14.461  -16.787 1.00 68.75 ? 31  ARG A NH1 1 
ATOM   246  N NH2 . ARG A 1 31 ? -8.244  12.822  -15.465 1.00 66.18 ? 31  ARG A NH2 1 
ATOM   247  N N   . ASP A 1 32 ? -3.948  11.027  -12.335 1.00 57.70 ? 32  ASP A N   1 
ATOM   248  C CA  . ASP A 1 32 ? -4.667  11.020  -11.069 1.00 57.87 ? 32  ASP A CA  1 
ATOM   249  C C   . ASP A 1 32 ? -3.942  10.261  -9.969  1.00 55.51 ? 32  ASP A C   1 
ATOM   250  O O   . ASP A 1 32 ? -4.440  10.220  -8.839  1.00 57.47 ? 32  ASP A O   1 
ATOM   251  C CB  . ASP A 1 32 ? -6.058  10.444  -11.296 1.00 59.07 ? 32  ASP A CB  1 
ATOM   252  C CG  . ASP A 1 32 ? -6.864  11.290  -12.246 1.00 60.97 ? 32  ASP A CG  1 
ATOM   253  O OD1 . ASP A 1 32 ? -6.803  12.534  -12.110 1.00 61.96 ? 32  ASP A OD1 1 
ATOM   254  O OD2 . ASP A 1 32 ? -7.504  10.724  -13.159 1.00 60.32 ? 32  ASP A OD2 1 
ATOM   255  N N   . ILE A 1 33 ? -2.791  9.687   -10.264 1.00 56.35 ? 33  ILE A N   1 
ATOM   256  C CA  . ILE A 1 33 ? -1.985  8.954   -9.296  1.00 55.69 ? 33  ILE A CA  1 
ATOM   257  C C   . ILE A 1 33 ? -1.027  9.927   -8.632  1.00 56.47 ? 33  ILE A C   1 
ATOM   258  O O   . ILE A 1 33 ? -0.396  10.752  -9.306  1.00 55.48 ? 33  ILE A O   1 
ATOM   259  C CB  . ILE A 1 33 ? -1.227  7.806   -9.989  1.00 53.33 ? 33  ILE A CB  1 
ATOM   260  C CG1 . ILE A 1 33 ? -2.216  6.787   -10.557 1.00 49.92 ? 33  ILE A CG1 1 
ATOM   261  C CG2 . ILE A 1 33 ? -0.229  7.166   -9.043  1.00 51.86 ? 33  ILE A CG2 1 
ATOM   262  C CD1 . ILE A 1 33 ? -1.548  5.666   -11.281 1.00 52.36 ? 33  ILE A CD1 1 
ATOM   263  N N   . SER A 1 34 ? -0.899  9.828   -7.312  1.00 53.04 ? 34  SER A N   1 
ATOM   264  C CA  . SER A 1 34 ? -0.019  10.729  -6.586  1.00 53.08 ? 34  SER A CA  1 
ATOM   265  C C   . SER A 1 34 ? 1.429   10.276  -6.708  1.00 53.12 ? 34  SER A C   1 
ATOM   266  O O   . SER A 1 34 ? 1.740   9.095   -6.529  1.00 52.63 ? 34  SER A O   1 
ATOM   267  C CB  . SER A 1 34 ? -0.410  10.807  -5.113  1.00 51.85 ? 34  SER A CB  1 
ATOM   268  O OG  . SER A 1 34 ? 0.301   11.844  -4.453  1.00 53.32 ? 34  SER A OG  1 
ATOM   269  N N   . ARG A 1 35 ? 2.307   11.222  -7.036  1.00 52.79 ? 35  ARG A N   1 
ATOM   270  C CA  . ARG A 1 35 ? 3.731   10.924  -7.097  1.00 54.19 ? 35  ARG A CA  1 
ATOM   271  C C   . ARG A 1 35 ? 4.293   10.758  -5.691  1.00 51.87 ? 35  ARG A C   1 
ATOM   272  O O   . ARG A 1 35 ? 5.017   9.795   -5.406  1.00 50.41 ? 35  ARG A O   1 
ATOM   273  C CB  . ARG A 1 35 ? 4.462   12.041  -7.841  1.00 52.54 ? 35  ARG A CB  1 
ATOM   274  C CG  . ARG A 1 35 ? 5.961   11.960  -7.749  1.00 55.73 ? 35  ARG A CG  1 
ATOM   275  C CD  . ARG A 1 35 ? 6.609   13.166  -8.392  1.00 62.79 ? 35  ARG A CD  1 
ATOM   276  N NE  . ARG A 1 35 ? 6.413   14.383  -7.606  1.00 63.60 ? 35  ARG A NE  1 
ATOM   277  C CZ  . ARG A 1 35 ? 6.995   15.546  -7.889  1.00 70.13 ? 35  ARG A CZ  1 
ATOM   278  N NH1 . ARG A 1 35 ? 7.807   15.647  -8.938  1.00 67.34 ? 35  ARG A NH1 1 
ATOM   279  N NH2 . ARG A 1 35 ? 6.767   16.608  -7.125  1.00 76.83 ? 35  ARG A NH2 1 
ATOM   280  N N   . ASN A 1 36 ? 3.941   11.686  -4.796  1.00 50.38 ? 36  ASN A N   1 
ATOM   281  C CA  . ASN A 1 36 ? 4.409   11.626  -3.416  1.00 52.21 ? 36  ASN A CA  1 
ATOM   282  C C   . ASN A 1 36 ? 3.956   10.342  -2.734  1.00 50.50 ? 36  ASN A C   1 
ATOM   283  O O   . ASN A 1 36 ? 4.710   9.742   -1.953  1.00 51.85 ? 36  ASN A O   1 
ATOM   284  C CB  . ASN A 1 36 ? 3.899   12.850  -2.659  1.00 55.15 ? 36  ASN A CB  1 
ATOM   285  C CG  . ASN A 1 36 ? 4.448   14.144  -3.215  1.00 51.45 ? 36  ASN A CG  1 
ATOM   286  O OD1 . ASN A 1 36 ? 5.098   14.160  -4.256  1.00 50.80 ? 36  ASN A OD1 1 
ATOM   287  N ND2 . ASN A 1 36 ? 4.162   15.248  -2.533  1.00 59.10 ? 36  ASN A ND2 1 
ATOM   288  N N   . MET A 1 37 ? 2.735   9.897   -3.037  1.00 51.21 ? 37  MET A N   1 
ATOM   289  C CA  . MET A 1 37 ? 2.248   8.632   -2.507  1.00 52.29 ? 37  MET A CA  1 
ATOM   290  C C   . MET A 1 37 ? 3.223   7.507   -2.796  1.00 50.82 ? 37  MET A C   1 
ATOM   291  O O   . MET A 1 37 ? 3.596   6.744   -1.899  1.00 46.64 ? 37  MET A O   1 
ATOM   292  C CB  . MET A 1 37 ? 0.887   8.292   -3.111  1.00 53.84 ? 37  MET A CB  1 
ATOM   293  C CG  . MET A 1 37 ? 0.269   7.046   -2.499  1.00 53.48 ? 37  MET A CG  1 
ATOM   294  S SD  . MET A 1 37 ? -1.008  6.310   -3.512  1.00 50.69 ? 37  MET A SD  1 
ATOM   295  C CE  . MET A 1 37 ? -0.875  4.612   -2.942  1.00 56.14 ? 37  MET A CE  1 
ATOM   296  N N   . TYR A 1 38 ? 3.650   7.401   -4.057  1.00 51.75 ? 38  TYR A N   1 
ATOM   297  C CA  . TYR A 1 38 ? 4.490   6.296   -4.490  1.00 52.17 ? 38  TYR A CA  1 
ATOM   298  C C   . TYR A 1 38 ? 5.956   6.495   -4.131  1.00 51.01 ? 38  TYR A C   1 
ATOM   299  O O   . TYR A 1 38 ? 6.707   5.514   -4.086  1.00 51.07 ? 38  TYR A O   1 
ATOM   300  C CB  . TYR A 1 38 ? 4.297   6.079   -5.993  1.00 50.57 ? 38  TYR A CB  1 
ATOM   301  C CG  . TYR A 1 38 ? 3.082   5.230   -6.260  1.00 48.93 ? 38  TYR A CG  1 
ATOM   302  C CD1 . TYR A 1 38 ? 1.804   5.793   -6.254  1.00 48.99 ? 38  TYR A CD1 1 
ATOM   303  C CD2 . TYR A 1 38 ? 3.200   3.858   -6.467  1.00 49.63 ? 38  TYR A CD2 1 
ATOM   304  C CE1 . TYR A 1 38 ? 0.685   5.023   -6.471  1.00 48.23 ? 38  TYR A CE1 1 
ATOM   305  C CE2 . TYR A 1 38 ? 2.075   3.066   -6.682  1.00 51.51 ? 38  TYR A CE2 1 
ATOM   306  C CZ  . TYR A 1 38 ? 0.823   3.657   -6.686  1.00 50.86 ? 38  TYR A CZ  1 
ATOM   307  O OH  . TYR A 1 38 ? -0.292  2.884   -6.906  1.00 50.88 ? 38  TYR A OH  1 
ATOM   308  N N   . ILE A 1 39 ? 6.377   7.731   -3.860  1.00 50.19 ? 39  ILE A N   1 
ATOM   309  C CA  . ILE A 1 39 ? 7.708   7.959   -3.307  1.00 51.62 ? 39  ILE A CA  1 
ATOM   310  C C   . ILE A 1 39 ? 7.777   7.431   -1.876  1.00 52.04 ? 39  ILE A C   1 
ATOM   311  O O   . ILE A 1 39 ? 8.590   6.550   -1.544  1.00 48.29 ? 39  ILE A O   1 
ATOM   312  C CB  . ILE A 1 39 ? 8.051   9.455   -3.378  1.00 53.46 ? 39  ILE A CB  1 
ATOM   313  C CG1 . ILE A 1 39 ? 8.195   9.872   -4.848  1.00 54.24 ? 39  ILE A CG1 1 
ATOM   314  C CG2 . ILE A 1 39 ? 9.317   9.763   -2.581  1.00 52.84 ? 39  ILE A CG2 1 
ATOM   315  C CD1 . ILE A 1 39 ? 8.518   11.336  -5.042  1.00 56.62 ? 39  ILE A CD1 1 
ATOM   316  N N   . MET A 1 40 ? 6.884   7.940   -1.019  1.00 52.34 ? 40  MET A N   1 
ATOM   317  C CA  . MET A 1 40 ? 6.830   7.480   0.361   1.00 51.54 ? 40  MET A CA  1 
ATOM   318  C C   . MET A 1 40 ? 6.586   5.983   0.430   1.00 53.77 ? 40  MET A C   1 
ATOM   319  O O   . MET A 1 40 ? 7.127   5.291   1.303   1.00 54.15 ? 40  MET A O   1 
ATOM   320  C CB  . MET A 1 40 ? 5.733   8.213   1.120   1.00 50.65 ? 40  MET A CB  1 
ATOM   321  C CG  . MET A 1 40 ? 5.972   9.684   1.282   1.00 54.41 ? 40  MET A CG  1 
ATOM   322  S SD  . MET A 1 40 ? 4.603   10.405  2.198   1.00 63.22 ? 40  MET A SD  1 
ATOM   323  C CE  . MET A 1 40 ? 4.890   9.641   3.805   1.00 55.01 ? 40  MET A CE  1 
ATOM   324  N N   . PHE A 1 41 ? 5.741   5.471   -0.459  1.00 52.34 ? 41  PHE A N   1 
ATOM   325  C CA  . PHE A 1 41 ? 5.482   4.043   -0.483  1.00 50.53 ? 41  PHE A CA  1 
ATOM   326  C C   . PHE A 1 41 ? 6.729   3.266   -0.867  1.00 53.30 ? 41  PHE A C   1 
ATOM   327  O O   . PHE A 1 41 ? 7.023   2.221   -0.271  1.00 53.67 ? 41  PHE A O   1 
ATOM   328  C CB  . PHE A 1 41 ? 4.354   3.741   -1.459  1.00 52.99 ? 41  PHE A CB  1 
ATOM   329  C CG  . PHE A 1 41 ? 3.612   2.508   -1.122  1.00 53.24 ? 41  PHE A CG  1 
ATOM   330  C CD1 . PHE A 1 41 ? 2.438   2.577   -0.410  1.00 52.55 ? 41  PHE A CD1 1 
ATOM   331  C CD2 . PHE A 1 41 ? 4.121   1.263   -1.471  1.00 53.97 ? 41  PHE A CD2 1 
ATOM   332  C CE1 . PHE A 1 41 ? 1.769   1.438   -0.086  1.00 54.37 ? 41  PHE A CE1 1 
ATOM   333  C CE2 . PHE A 1 41 ? 3.460   0.111   -1.143  1.00 51.53 ? 41  PHE A CE2 1 
ATOM   334  C CZ  . PHE A 1 41 ? 2.288   0.193   -0.454  1.00 55.76 ? 41  PHE A CZ  1 
ATOM   335  N N   . PHE A 1 42 ? 7.475   3.764   -1.859  1.00 52.38 ? 42  PHE A N   1 
ATOM   336  C CA  . PHE A 1 42 ? 8.735   3.144   -2.257  1.00 51.75 ? 42  PHE A CA  1 
ATOM   337  C C   . PHE A 1 42 ? 9.684   3.009   -1.068  1.00 53.36 ? 42  PHE A C   1 
ATOM   338  O O   . PHE A 1 42 ? 10.119  1.904   -0.716  1.00 50.35 ? 42  PHE A O   1 
ATOM   339  C CB  . PHE A 1 42 ? 9.369   3.981   -3.368  1.00 53.03 ? 42  PHE A CB  1 
ATOM   340  C CG  . PHE A 1 42 ? 10.608  3.387   -3.953  1.00 55.22 ? 42  PHE A CG  1 
ATOM   341  C CD1 . PHE A 1 42 ? 10.527  2.455   -4.977  1.00 53.12 ? 42  PHE A CD1 1 
ATOM   342  C CD2 . PHE A 1 42 ? 11.862  3.765   -3.483  1.00 53.11 ? 42  PHE A CD2 1 
ATOM   343  C CE1 . PHE A 1 42 ? 11.669  1.913   -5.525  1.00 51.73 ? 42  PHE A CE1 1 
ATOM   344  C CE2 . PHE A 1 42 ? 13.011  3.219   -4.026  1.00 53.11 ? 42  PHE A CE2 1 
ATOM   345  C CZ  . PHE A 1 42 ? 12.914  2.294   -5.048  1.00 49.29 ? 42  PHE A CZ  1 
ATOM   346  N N   . LEU A 1 43 ? 10.000  4.140   -0.426  1.00 51.80 ? 43  LEU A N   1 
ATOM   347  C CA  . LEU A 1 43 ? 10.914  4.113   0.713   1.00 50.90 ? 43  LEU A CA  1 
ATOM   348  C C   . LEU A 1 43 ? 10.379  3.219   1.825   1.00 53.78 ? 43  LEU A C   1 
ATOM   349  O O   . LEU A 1 43 ? 11.155  2.541   2.520   1.00 54.42 ? 43  LEU A O   1 
ATOM   350  C CB  . LEU A 1 43 ? 11.138  5.534   1.221   1.00 48.95 ? 43  LEU A CB  1 
ATOM   351  C CG  . LEU A 1 43 ? 11.747  6.480   0.188   1.00 47.78 ? 43  LEU A CG  1 
ATOM   352  C CD1 . LEU A 1 43 ? 11.795  7.898   0.704   1.00 48.74 ? 43  LEU A CD1 1 
ATOM   353  C CD2 . LEU A 1 43 ? 13.132  6.008   -0.191  1.00 50.85 ? 43  LEU A CD2 1 
ATOM   354  N N   . GLY A 1 44 ? 9.056   3.218   2.014   1.00 52.43 ? 44  GLY A N   1 
ATOM   355  C CA  . GLY A 1 44 ? 8.459   2.360   3.020   1.00 50.02 ? 44  GLY A CA  1 
ATOM   356  C C   . GLY A 1 44 ? 8.705   0.892   2.737   1.00 51.65 ? 44  GLY A C   1 
ATOM   357  O O   . GLY A 1 44 ? 9.129   0.145   3.617   1.00 48.82 ? 44  GLY A O   1 
ATOM   358  N N   . VAL A 1 45 ? 8.462   0.467   1.493   1.00 50.87 ? 45  VAL A N   1 
ATOM   359  C CA  . VAL A 1 45 ? 8.694   -0.928  1.119   1.00 53.14 ? 45  VAL A CA  1 
ATOM   360  C C   . VAL A 1 45 ? 10.176  -1.276  1.221   1.00 53.35 ? 45  VAL A C   1 
ATOM   361  O O   . VAL A 1 45 ? 10.538  -2.391  1.614   1.00 53.78 ? 45  VAL A O   1 
ATOM   362  C CB  . VAL A 1 45 ? 8.137   -1.201  -0.290  1.00 53.87 ? 45  VAL A CB  1 
ATOM   363  C CG1 . VAL A 1 45 ? 8.461   -2.616  -0.739  1.00 49.88 ? 45  VAL A CG1 1 
ATOM   364  C CG2 . VAL A 1 45 ? 6.635   -0.988  -0.298  1.00 56.82 ? 45  VAL A CG2 1 
ATOM   365  N N   . VAL A 1 46 ? 11.055  -0.339  0.859   1.00 51.52 ? 46  VAL A N   1 
ATOM   366  C CA  . VAL A 1 46 ? 12.487  -0.567  1.031   1.00 52.13 ? 46  VAL A CA  1 
ATOM   367  C C   . VAL A 1 46 ? 12.801  -0.860  2.499   1.00 52.61 ? 46  VAL A C   1 
ATOM   368  O O   . VAL A 1 46 ? 13.518  -1.817  2.821   1.00 52.38 ? 46  VAL A O   1 
ATOM   369  C CB  . VAL A 1 46 ? 13.290  0.630   0.483   1.00 54.25 ? 46  VAL A CB  1 
ATOM   370  C CG1 . VAL A 1 46 ? 14.738  0.604   0.961   1.00 51.71 ? 46  VAL A CG1 1 
ATOM   371  C CG2 . VAL A 1 46 ? 13.250  0.629   -1.042  1.00 47.45 ? 46  VAL A CG2 1 
ATOM   372  N N   . LEU A 1 47 ? 12.241  -0.059  3.416   1.00 52.17 ? 47  LEU A N   1 
ATOM   373  C CA  . LEU A 1 47 ? 12.497  -0.297  4.837   1.00 53.22 ? 47  LEU A CA  1 
ATOM   374  C C   . LEU A 1 47 ? 11.819  -1.575  5.339   1.00 53.92 ? 47  LEU A C   1 
ATOM   375  O O   . LEU A 1 47 ? 12.340  -2.231  6.247   1.00 55.58 ? 47  LEU A O   1 
ATOM   376  C CB  . LEU A 1 47 ? 12.052  0.911   5.671   1.00 54.03 ? 47  LEU A CB  1 
ATOM   377  C CG  . LEU A 1 47 ? 12.901  2.175   5.491   1.00 51.42 ? 47  LEU A CG  1 
ATOM   378  C CD1 . LEU A 1 47 ? 12.674  3.206   6.602   1.00 50.54 ? 47  LEU A CD1 1 
ATOM   379  C CD2 . LEU A 1 47 ? 14.362  1.807   5.369   1.00 55.57 ? 47  LEU A CD2 1 
ATOM   380  N N   . TRP A 1 48 ? 10.661  -1.940  4.779   1.00 53.69 ? 48  TRP A N   1 
ATOM   381  C CA  . TRP A 1 48 ? 10.016  -3.202  5.139   1.00 52.25 ? 48  TRP A CA  1 
ATOM   382  C C   . TRP A 1 48 ? 10.890  -4.383  4.738   1.00 55.52 ? 48  TRP A C   1 
ATOM   383  O O   . TRP A 1 48 ? 10.979  -5.384  5.462   1.00 54.06 ? 48  TRP A O   1 
ATOM   384  C CB  . TRP A 1 48 ? 8.657   -3.319  4.442   1.00 52.36 ? 48  TRP A CB  1 
ATOM   385  C CG  . TRP A 1 48 ? 7.512   -2.618  5.101   1.00 54.87 ? 48  TRP A CG  1 
ATOM   386  C CD1 . TRP A 1 48 ? 6.708   -1.663  4.542   1.00 57.15 ? 48  TRP A CD1 1 
ATOM   387  C CD2 . TRP A 1 48 ? 7.049   -2.797  6.444   1.00 55.20 ? 48  TRP A CD2 1 
ATOM   388  N NE1 . TRP A 1 48 ? 5.763   -1.245  5.455   1.00 59.63 ? 48  TRP A NE1 1 
ATOM   389  C CE2 . TRP A 1 48 ? 5.954   -1.925  6.630   1.00 56.24 ? 48  TRP A CE2 1 
ATOM   390  C CE3 . TRP A 1 48 ? 7.450   -3.614  7.508   1.00 58.95 ? 48  TRP A CE3 1 
ATOM   391  C CZ2 . TRP A 1 48 ? 5.256   -1.847  7.834   1.00 58.40 ? 48  TRP A CZ2 1 
ATOM   392  C CZ3 . TRP A 1 48 ? 6.757   -3.537  8.706   1.00 62.74 ? 48  TRP A CZ3 1 
ATOM   393  C CH2 . TRP A 1 48 ? 5.672   -2.656  8.859   1.00 62.83 ? 48  TRP A CH2 1 
ATOM   394  N N   . PHE A 1 49 ? 11.548  -4.272  3.575   1.00 56.41 ? 49  PHE A N   1 
ATOM   395  C CA  . PHE A 1 49 ? 12.428  -5.319  3.066   1.00 54.90 ? 49  PHE A CA  1 
ATOM   396  C C   . PHE A 1 49 ? 13.709  -5.389  3.885   1.00 55.13 ? 49  PHE A C   1 
ATOM   397  O O   . PHE A 1 49 ? 14.264  -6.477  4.097   1.00 53.16 ? 49  PHE A O   1 
ATOM   398  C CB  . PHE A 1 49 ? 12.728  -5.037  1.595   1.00 50.57 ? 49  PHE A CB  1 
ATOM   399  C CG  . PHE A 1 49 ? 13.916  -5.768  1.043   1.00 54.15 ? 49  PHE A CG  1 
ATOM   400  C CD1 . PHE A 1 49 ? 13.772  -7.032  0.495   1.00 56.69 ? 49  PHE A CD1 1 
ATOM   401  C CD2 . PHE A 1 49 ? 15.175  -5.185  1.048   1.00 54.82 ? 49  PHE A CD2 1 
ATOM   402  C CE1 . PHE A 1 49 ? 14.862  -7.707  -0.037  1.00 56.37 ? 49  PHE A CE1 1 
ATOM   403  C CE2 . PHE A 1 49 ? 16.270  -5.857  0.523   1.00 55.19 ? 49  PHE A CE2 1 
ATOM   404  C CZ  . PHE A 1 49 ? 16.110  -7.118  -0.027  1.00 53.69 ? 49  PHE A CZ  1 
ATOM   405  N N   . VAL A 1 50 ? 14.192  -4.233  4.351   1.00 54.05 ? 50  VAL A N   1 
ATOM   406  C CA  . VAL A 1 50 ? 15.351  -4.221  5.231   1.00 55.67 ? 50  VAL A CA  1 
ATOM   407  C C   . VAL A 1 50 ? 15.000  -4.868  6.566   1.00 58.67 ? 50  VAL A C   1 
ATOM   408  O O   . VAL A 1 50 ? 15.805  -5.607  7.145   1.00 56.80 ? 50  VAL A O   1 
ATOM   409  C CB  . VAL A 1 50 ? 15.855  -2.778  5.417   1.00 52.76 ? 50  VAL A CB  1 
ATOM   410  C CG1 . VAL A 1 50 ? 16.969  -2.728  6.456   1.00 56.83 ? 50  VAL A CG1 1 
ATOM   411  C CG2 . VAL A 1 50 ? 16.316  -2.199  4.099   1.00 52.44 ? 50  VAL A CG2 1 
ATOM   412  N N   . TYR A 1 51 ? 13.778  -4.629  7.054   1.00 60.23 ? 51  TYR A N   1 
ATOM   413  C CA  . TYR A 1 51 ? 13.321  -5.248  8.295   1.00 60.68 ? 51  TYR A CA  1 
ATOM   414  C C   . TYR A 1 51 ? 13.199  -6.755  8.129   1.00 61.05 ? 51  TYR A C   1 
ATOM   415  O O   . TYR A 1 51 ? 13.574  -7.521  9.025   1.00 62.86 ? 51  TYR A O   1 
ATOM   416  C CB  . TYR A 1 51 ? 11.976  -4.629  8.696   1.00 63.05 ? 51  TYR A CB  1 
ATOM   417  C CG  . TYR A 1 51 ? 11.309  -5.212  9.924   1.00 66.04 ? 51  TYR A CG  1 
ATOM   418  C CD1 . TYR A 1 51 ? 11.624  -4.744  11.197  1.00 67.73 ? 51  TYR A CD1 1 
ATOM   419  C CD2 . TYR A 1 51 ? 10.345  -6.206  9.812   1.00 65.40 ? 51  TYR A CD2 1 
ATOM   420  C CE1 . TYR A 1 51 ? 11.009  -5.264  12.323  1.00 70.61 ? 51  TYR A CE1 1 
ATOM   421  C CE2 . TYR A 1 51 ? 9.727   -6.731  10.932  1.00 67.93 ? 51  TYR A CE2 1 
ATOM   422  C CZ  . TYR A 1 51 ? 10.062  -6.260  12.185  1.00 72.45 ? 51  TYR A CZ  1 
ATOM   423  O OH  . TYR A 1 51 ? 9.445   -6.790  13.300  1.00 73.62 ? 51  TYR A OH  1 
ATOM   424  N N   . GLY A 1 52 ? 12.705  -7.193  6.970   1.00 60.79 ? 52  GLY A N   1 
ATOM   425  C CA  . GLY A 1 52 ? 12.605  -8.617  6.709   1.00 60.80 ? 52  GLY A CA  1 
ATOM   426  C C   . GLY A 1 52 ? 13.964  -9.289  6.675   1.00 62.95 ? 52  GLY A C   1 
ATOM   427  O O   . GLY A 1 52 ? 14.143  -10.370 7.242   1.00 65.16 ? 52  GLY A O   1 
ATOM   428  N N   . ILE A 1 53 ? 14.946  -8.656  6.025   1.00 59.70 ? 53  ILE A N   1 
ATOM   429  C CA  . ILE A 1 53 ? 16.282  -9.243  6.019   1.00 58.10 ? 53  ILE A CA  1 
ATOM   430  C C   . ILE A 1 53 ? 16.862  -9.255  7.426   1.00 60.74 ? 53  ILE A C   1 
ATOM   431  O O   . ILE A 1 53 ? 17.490  -10.233 7.842   1.00 61.94 ? 53  ILE A O   1 
ATOM   432  C CB  . ILE A 1 53 ? 17.206  -8.495  5.044   1.00 57.25 ? 53  ILE A CB  1 
ATOM   433  C CG1 . ILE A 1 53 ? 16.718  -8.659  3.605   1.00 55.27 ? 53  ILE A CG1 1 
ATOM   434  C CG2 . ILE A 1 53 ? 18.610  -9.015  5.158   1.00 57.84 ? 53  ILE A CG2 1 
ATOM   435  C CD1 . ILE A 1 53 ? 17.736  -8.235  2.600   1.00 52.24 ? 53  ILE A CD1 1 
ATOM   436  N N   . LEU A 1 54 ? 16.648  -8.177  8.183   1.00 63.97 ? 54  LEU A N   1 
ATOM   437  C CA  . LEU A 1 54 ? 17.169  -8.090  9.543   1.00 61.46 ? 54  LEU A CA  1 
ATOM   438  C C   . LEU A 1 54 ? 16.546  -9.137  10.456  1.00 65.55 ? 54  LEU A C   1 
ATOM   439  O O   . LEU A 1 54 ? 17.187  -9.586  11.411  1.00 69.18 ? 54  LEU A O   1 
ATOM   440  C CB  . LEU A 1 54 ? 16.918  -6.691  10.097  1.00 62.58 ? 54  LEU A CB  1 
ATOM   441  C CG  . LEU A 1 54 ? 17.966  -5.621  9.782   1.00 61.39 ? 54  LEU A CG  1 
ATOM   442  C CD1 . LEU A 1 54 ? 17.499  -4.259  10.263  1.00 62.80 ? 54  LEU A CD1 1 
ATOM   443  C CD2 . LEU A 1 54 ? 19.304  -5.965  10.402  1.00 64.86 ? 54  LEU A CD2 1 
ATOM   444  N N   . ARG A 1 55 ? 15.298  -9.519  10.195  1.00 65.85 ? 55  ARG A N   1 
ATOM   445  C CA  . ARG A 1 55 ? 14.600  -10.533 10.974  1.00 67.21 ? 55  ARG A CA  1 
ATOM   446  C C   . ARG A 1 55 ? 14.585  -11.891 10.284  1.00 67.07 ? 55  ARG A C   1 
ATOM   447  O O   . ARG A 1 55 ? 13.915  -12.812 10.767  1.00 66.13 ? 55  ARG A O   1 
ATOM   448  C CB  . ARG A 1 55 ? 13.174  -10.077 11.279  1.00 67.22 ? 55  ARG A CB  1 
ATOM   449  C CG  . ARG A 1 55 ? 13.117  -8.850  12.150  1.00 68.63 ? 55  ARG A CG  1 
ATOM   450  C CD  . ARG A 1 55 ? 13.486  -9.204  13.580  1.00 73.08 ? 55  ARG A CD  1 
ATOM   451  N NE  . ARG A 1 55 ? 13.257  -8.091  14.496  1.00 80.07 ? 55  ARG A NE  1 
ATOM   452  C CZ  . ARG A 1 55 ? 13.583  -8.108  15.786  1.00 87.97 ? 55  ARG A CZ  1 
ATOM   453  N NH1 . ARG A 1 55 ? 14.156  -9.184  16.309  1.00 84.99 ? 55  ARG A NH1 1 
ATOM   454  N NH2 . ARG A 1 55 ? 13.344  -7.049  16.553  1.00 90.48 ? 55  ARG A NH2 1 
ATOM   455  N N   . SER A 1 56 ? 15.283  -12.021 9.149   1.00 68.64 ? 56  SER A N   1 
ATOM   456  C CA  . SER A 1 56 ? 15.369  -13.278 8.395   1.00 66.33 ? 56  SER A CA  1 
ATOM   457  C C   . SER A 1 56 ? 13.984  -13.840 8.078   1.00 68.26 ? 56  SER A C   1 
ATOM   458  O O   . SER A 1 56 ? 13.762  -15.054 8.089   1.00 70.87 ? 56  SER A O   1 
ATOM   459  C CB  . SER A 1 56 ? 16.211  -14.299 9.157   1.00 62.54 ? 56  SER A CB  1 
ATOM   460  O OG  . SER A 1 56 ? 17.528  -13.813 9.323   1.00 66.92 ? 56  SER A OG  1 
ATOM   461  N N   . ALA A 1 57 ? 13.040  -12.948 7.786   1.00 65.19 ? 57  ALA A N   1 
ATOM   462  C CA  . ALA A 1 57 ? 11.667  -13.340 7.474   1.00 64.13 ? 57  ALA A CA  1 
ATOM   463  C C   . ALA A 1 57 ? 11.520  -13.437 5.960   1.00 63.48 ? 57  ALA A C   1 
ATOM   464  O O   . ALA A 1 57 ? 11.143  -12.474 5.285   1.00 63.43 ? 57  ALA A O   1 
ATOM   465  C CB  . ALA A 1 57 ? 10.679  -12.355 8.082   1.00 62.95 ? 57  ALA A CB  1 
ATOM   466  N N   . LEU A 1 58 ? 11.826  -14.618 5.425   1.00 62.45 ? 58  LEU A N   1 
ATOM   467  C CA  . LEU A 1 58 ? 11.720  -14.839 3.985   1.00 60.71 ? 58  LEU A CA  1 
ATOM   468  C C   . LEU A 1 58 ? 10.382  -14.424 3.390   1.00 59.36 ? 58  LEU A C   1 
ATOM   469  O O   . LEU A 1 58 ? 10.395  -13.800 2.318   1.00 57.86 ? 58  LEU A O   1 
ATOM   470  C CB  . LEU A 1 58 ? 11.978  -16.316 3.657   1.00 60.60 ? 58  LEU A CB  1 
ATOM   471  C CG  . LEU A 1 58 ? 13.405  -16.849 3.764   1.00 63.67 ? 58  LEU A CG  1 
ATOM   472  C CD1 . LEU A 1 58 ? 14.390  -15.866 3.145   1.00 66.23 ? 58  LEU A CD1 1 
ATOM   473  C CD2 . LEU A 1 58 ? 13.773  -17.162 5.207   1.00 67.17 ? 58  LEU A CD2 1 
ATOM   474  N N   . PRO A 1 59 ? 9.221   -14.688 4.006   1.00 62.27 ? 59  PRO A N   1 
ATOM   475  C CA  . PRO A 1 59 ? 7.964   -14.218 3.397   1.00 61.75 ? 59  PRO A CA  1 
ATOM   476  C C   . PRO A 1 59 ? 7.873   -12.706 3.305   1.00 60.70 ? 59  PRO A C   1 
ATOM   477  O O   . PRO A 1 59 ? 7.283   -12.177 2.348   1.00 60.03 ? 59  PRO A O   1 
ATOM   478  C CB  . PRO A 1 59 ? 6.884   -14.796 4.326   1.00 63.44 ? 59  PRO A CB  1 
ATOM   479  C CG  . PRO A 1 59 ? 7.590   -15.100 5.597   1.00 63.19 ? 59  PRO A CG  1 
ATOM   480  C CD  . PRO A 1 59 ? 8.957   -15.529 5.187   1.00 60.38 ? 59  PRO A CD  1 
ATOM   481  N N   . ILE A 1 60 ? 8.456   -11.992 4.272   1.00 59.43 ? 60  ILE A N   1 
ATOM   482  C CA  . ILE A 1 60 ? 8.447   -10.534 4.233   1.00 58.64 ? 60  ILE A CA  1 
ATOM   483  C C   . ILE A 1 60 ? 9.354   -10.046 3.114   1.00 57.83 ? 60  ILE A C   1 
ATOM   484  O O   . ILE A 1 60 ? 9.018   -9.110  2.372   1.00 55.16 ? 60  ILE A O   1 
ATOM   485  C CB  . ILE A 1 60 ? 8.874   -9.973  5.603   1.00 58.66 ? 60  ILE A CB  1 
ATOM   486  C CG1 . ILE A 1 60 ? 7.917   -10.472 6.687   1.00 60.93 ? 60  ILE A CG1 1 
ATOM   487  C CG2 . ILE A 1 60 ? 8.912   -8.444  5.587   1.00 55.91 ? 60  ILE A CG2 1 
ATOM   488  C CD1 . ILE A 1 60 ? 8.200   -9.908  8.061   1.00 60.93 ? 60  ILE A CD1 1 
ATOM   489  N N   . ILE A 1 61 ? 10.511  -10.694 2.965   1.00 58.98 ? 61  ILE A N   1 
ATOM   490  C CA  . ILE A 1 61 ? 11.450  -10.350 1.903   1.00 57.27 ? 61  ILE A CA  1 
ATOM   491  C C   . ILE A 1 61 ? 10.813  -10.565 0.535   1.00 54.99 ? 61  ILE A C   1 
ATOM   492  O O   . ILE A 1 61 ? 10.849  -9.687  -0.332  1.00 50.72 ? 61  ILE A O   1 
ATOM   493  C CB  . ILE A 1 61 ? 12.732  -11.180 2.061   1.00 54.68 ? 61  ILE A CB  1 
ATOM   494  C CG1 . ILE A 1 61 ? 13.359  -10.888 3.434   1.00 59.54 ? 61  ILE A CG1 1 
ATOM   495  C CG2 . ILE A 1 61 ? 13.697  -10.870 0.942   1.00 54.17 ? 61  ILE A CG2 1 
ATOM   496  C CD1 . ILE A 1 61 ? 14.553  -11.770 3.780   1.00 59.84 ? 61  ILE A CD1 1 
ATOM   497  N N   . LEU A 1 62 ? 10.199  -11.730 0.331   1.00 56.05 ? 62  LEU A N   1 
ATOM   498  C CA  . LEU A 1 62 ? 9.591   -12.049 -0.957  1.00 55.14 ? 62  LEU A CA  1 
ATOM   499  C C   . LEU A 1 62 ? 8.439   -11.105 -1.277  1.00 54.65 ? 62  LEU A C   1 
ATOM   500  O O   . LEU A 1 62 ? 8.410   -10.474 -2.345  1.00 54.20 ? 62  LEU A O   1 
ATOM   501  C CB  . LEU A 1 62 ? 9.118   -13.504 -0.967  1.00 53.74 ? 62  LEU A CB  1 
ATOM   502  C CG  . LEU A 1 62 ? 10.104  -14.614 -1.354  1.00 52.99 ? 62  LEU A CG  1 
ATOM   503  C CD1 . LEU A 1 62 ? 11.470  -14.496 -0.684  1.00 51.49 ? 62  LEU A CD1 1 
ATOM   504  C CD2 . LEU A 1 62 ? 9.461   -15.952 -1.033  1.00 58.50 ? 62  LEU A CD2 1 
ATOM   505  N N   . ALA A 1 63 ? 7.455   -11.030 -0.374  1.00 53.98 ? 63  ALA A N   1 
ATOM   506  C CA  . ALA A 1 63 ? 6.309   -10.154 -0.593  1.00 51.87 ? 63  ALA A CA  1 
ATOM   507  C C   . ALA A 1 63 ? 6.752   -8.729  -0.890  1.00 51.25 ? 63  ALA A C   1 
ATOM   508  O O   . ALA A 1 63 ? 6.266   -8.092  -1.835  1.00 51.45 ? 63  ALA A O   1 
ATOM   509  C CB  . ALA A 1 63 ? 5.395   -10.181 0.630   1.00 53.70 ? 63  ALA A CB  1 
ATOM   510  N N   . ASN A 1 64 ? 7.695   -8.217  -0.095  1.00 51.46 ? 64  ASN A N   1 
ATOM   511  C CA  . ASN A 1 64 ? 8.128   -6.835  -0.267  1.00 51.06 ? 64  ASN A CA  1 
ATOM   512  C C   . ASN A 1 64 ? 8.994   -6.644  -1.504  1.00 52.16 ? 64  ASN A C   1 
ATOM   513  O O   . ASN A 1 64 ? 9.075   -5.528  -2.022  1.00 53.67 ? 64  ASN A O   1 
ATOM   514  C CB  . ASN A 1 64 ? 8.845   -6.358  0.989   1.00 52.57 ? 64  ASN A CB  1 
ATOM   515  C CG  . ASN A 1 64 ? 7.882   -6.144  2.140   1.00 52.32 ? 64  ASN A CG  1 
ATOM   516  O OD1 . ASN A 1 64 ? 7.307   -5.068  2.293   1.00 53.38 ? 64  ASN A OD1 1 
ATOM   517  N ND2 . ASN A 1 64 ? 7.672   -7.182  2.935   1.00 52.64 ? 64  ASN A ND2 1 
ATOM   518  N N   . VAL A 1 65 ? 9.680   -7.689  -1.970  1.00 53.31 ? 65  VAL A N   1 
ATOM   519  C CA  . VAL A 1 65 ? 10.382  -7.609  -3.249  1.00 47.39 ? 65  VAL A CA  1 
ATOM   520  C C   . VAL A 1 65 ? 9.384   -7.491  -4.397  1.00 46.94 ? 65  VAL A C   1 
ATOM   521  O O   . VAL A 1 65 ? 9.525   -6.635  -5.281  1.00 47.04 ? 65  VAL A O   1 
ATOM   522  C CB  . VAL A 1 65 ? 11.320  -8.815  -3.427  1.00 50.66 ? 65  VAL A CB  1 
ATOM   523  C CG1 . VAL A 1 65 ? 11.674  -9.030  -4.899  1.00 49.56 ? 65  VAL A CG1 1 
ATOM   524  C CG2 . VAL A 1 65 ? 12.590  -8.620  -2.606  1.00 50.09 ? 65  VAL A CG2 1 
ATOM   525  N N   . VAL A 1 66 ? 8.347   -8.333  -4.394  1.00 49.04 ? 66  VAL A N   1 
ATOM   526  C CA  . VAL A 1 66 ? 7.331   -8.241  -5.447  1.00 52.40 ? 66  VAL A CA  1 
ATOM   527  C C   . VAL A 1 66 ? 6.669   -6.863  -5.427  1.00 49.11 ? 66  VAL A C   1 
ATOM   528  O O   . VAL A 1 66 ? 6.559   -6.185  -6.463  1.00 47.97 ? 66  VAL A O   1 
ATOM   529  C CB  . VAL A 1 66 ? 6.300   -9.381  -5.305  1.00 48.40 ? 66  VAL A CB  1 
ATOM   530  C CG1 . VAL A 1 66 ? 5.273   -9.330  -6.424  1.00 49.64 ? 66  VAL A CG1 1 
ATOM   531  C CG2 . VAL A 1 66 ? 7.001   -10.719 -5.332  1.00 43.69 ? 66  VAL A CG2 1 
ATOM   532  N N   . THR A 1 67 ? 6.268   -6.405  -4.233  1.00 48.10 ? 67  THR A N   1 
ATOM   533  C CA  . THR A 1 67 ? 5.684   -5.072  -4.106  1.00 50.57 ? 67  THR A CA  1 
ATOM   534  C C   . THR A 1 67 ? 6.650   -3.991  -4.584  1.00 50.61 ? 67  THR A C   1 
ATOM   535  O O   . THR A 1 67 ? 6.249   -3.069  -5.301  1.00 47.03 ? 67  THR A O   1 
ATOM   536  C CB  . THR A 1 67 ? 5.281   -4.804  -2.655  1.00 49.34 ? 67  THR A CB  1 
ATOM   537  O OG1 . THR A 1 67 ? 4.399   -5.837  -2.193  1.00 51.97 ? 67  THR A OG1 1 
ATOM   538  C CG2 . THR A 1 67 ? 4.612   -3.436  -2.526  1.00 43.95 ? 67  THR A CG2 1 
ATOM   539  N N   . LEU A 1 68 ? 7.931   -4.102  -4.216  1.00 48.51 ? 68  LEU A N   1 
ATOM   540  C CA  . LEU A 1 68 ? 8.923   -3.121  -4.653  1.00 48.97 ? 68  LEU A CA  1 
ATOM   541  C C   . LEU A 1 68 ? 9.016   -3.071  -6.175  1.00 48.51 ? 68  LEU A C   1 
ATOM   542  O O   . LEU A 1 68 ? 9.172   -1.996  -6.762  1.00 47.97 ? 68  LEU A O   1 
ATOM   543  C CB  . LEU A 1 68 ? 10.285  -3.438  -4.036  1.00 47.91 ? 68  LEU A CB  1 
ATOM   544  C CG  . LEU A 1 68 ? 11.415  -2.421  -4.231  1.00 48.79 ? 68  LEU A CG  1 
ATOM   545  C CD1 . LEU A 1 68 ? 11.042  -1.088  -3.607  1.00 48.89 ? 68  LEU A CD1 1 
ATOM   546  C CD2 . LEU A 1 68 ? 12.707  -2.939  -3.621  1.00 45.16 ? 68  LEU A CD2 1 
ATOM   547  N N   . PHE A 1 69 ? 8.953   -4.232  -6.824  1.00 48.36 ? 69  PHE A N   1 
ATOM   548  C CA  . PHE A 1 69 ? 8.895   -4.281  -8.281  1.00 51.85 ? 69  PHE A CA  1 
ATOM   549  C C   . PHE A 1 69 ? 7.711   -3.475  -8.815  1.00 49.53 ? 69  PHE A C   1 
ATOM   550  O O   . PHE A 1 69 ? 7.886   -2.536  -9.607  1.00 47.15 ? 69  PHE A O   1 
ATOM   551  C CB  . PHE A 1 69 ? 8.815   -5.740  -8.735  1.00 52.14 ? 69  PHE A CB  1 
ATOM   552  C CG  . PHE A 1 69 ? 9.105   -5.941  -10.193 1.00 51.34 ? 69  PHE A CG  1 
ATOM   553  C CD1 . PHE A 1 69 ? 10.405  -5.826  -10.665 1.00 52.51 ? 69  PHE A CD1 1 
ATOM   554  C CD2 . PHE A 1 69 ? 8.095   -6.257  -11.087 1.00 54.38 ? 69  PHE A CD2 1 
ATOM   555  C CE1 . PHE A 1 69 ? 10.704  -6.013  -12.007 1.00 56.58 ? 69  PHE A CE1 1 
ATOM   556  C CE2 . PHE A 1 69 ? 8.386   -6.448  -12.443 1.00 55.25 ? 69  PHE A CE2 1 
ATOM   557  C CZ  . PHE A 1 69 ? 9.695   -6.327  -12.899 1.00 57.69 ? 69  PHE A CZ  1 
ATOM   558  N N   . PHE A 1 70 ? 6.489   -3.854  -8.410  1.00 48.52 ? 70  PHE A N   1 
ATOM   559  C CA  . PHE A 1 70 ? 5.288   -3.168  -8.891  1.00 48.92 ? 70  PHE A CA  1 
ATOM   560  C C   . PHE A 1 70 ? 5.353   -1.661  -8.646  1.00 49.02 ? 70  PHE A C   1 
ATOM   561  O O   . PHE A 1 70 ? 5.143   -0.857  -9.564  1.00 51.90 ? 70  PHE A O   1 
ATOM   562  C CB  . PHE A 1 70 ? 4.044   -3.751  -8.217  1.00 50.52 ? 70  PHE A CB  1 
ATOM   563  C CG  . PHE A 1 70 ? 3.759   -5.177  -8.581  1.00 47.81 ? 70  PHE A CG  1 
ATOM   564  C CD1 . PHE A 1 70 ? 4.171   -5.694  -9.795  1.00 54.21 ? 70  PHE A CD1 1 
ATOM   565  C CD2 . PHE A 1 70 ? 3.071   -6.000  -7.708  1.00 50.58 ? 70  PHE A CD2 1 
ATOM   566  C CE1 . PHE A 1 70 ? 3.900   -7.018  -10.129 1.00 56.39 ? 70  PHE A CE1 1 
ATOM   567  C CE2 . PHE A 1 70 ? 2.798   -7.324  -8.035  1.00 51.54 ? 70  PHE A CE2 1 
ATOM   568  C CZ  . PHE A 1 70 ? 3.212   -7.832  -9.245  1.00 50.65 ? 70  PHE A CZ  1 
ATOM   569  N N   . VAL A 1 71 ? 5.631   -1.261  -7.403  1.00 48.13 ? 71  VAL A N   1 
ATOM   570  C CA  . VAL A 1 71 ? 5.692   0.157   -7.055  1.00 49.93 ? 71  VAL A CA  1 
ATOM   571  C C   . VAL A 1 71 ? 6.757   0.865   -7.878  1.00 50.03 ? 71  VAL A C   1 
ATOM   572  O O   . VAL A 1 71 ? 6.593   2.027   -8.257  1.00 54.23 ? 71  VAL A O   1 
ATOM   573  C CB  . VAL A 1 71 ? 5.938   0.336   -5.543  1.00 50.06 ? 71  VAL A CB  1 
ATOM   574  C CG1 . VAL A 1 71 ? 6.239   1.798   -5.208  1.00 49.48 ? 71  VAL A CG1 1 
ATOM   575  C CG2 . VAL A 1 71 ? 4.735   -0.138  -4.751  1.00 48.24 ? 71  VAL A CG2 1 
ATOM   576  N N   . THR A 1 72 ? 7.873   0.188   -8.153  1.00 49.85 ? 72  THR A N   1 
ATOM   577  C CA  . THR A 1 72 ? 8.902   0.790   -8.998  1.00 49.96 ? 72  THR A CA  1 
ATOM   578  C C   . THR A 1 72 ? 8.369   1.051   -10.407 1.00 52.84 ? 72  THR A C   1 
ATOM   579  O O   . THR A 1 72 ? 8.564   2.141   -10.956 1.00 52.41 ? 72  THR A O   1 
ATOM   580  C CB  . THR A 1 72 ? 10.153  -0.091  -9.030  1.00 48.77 ? 72  THR A CB  1 
ATOM   581  O OG1 . THR A 1 72 ? 10.523  -0.443  -7.689  1.00 54.17 ? 72  THR A OG1 1 
ATOM   582  C CG2 . THR A 1 72 ? 11.298  0.644   -9.679  1.00 45.52 ? 72  THR A CG2 1 
ATOM   583  N N   . ILE A 1 73 ? 7.678   0.070   -11.003 1.00 48.30 ? 73  ILE A N   1 
ATOM   584  C CA  . ILE A 1 73 ? 7.120   0.269   -12.344 1.00 49.33 ? 73  ILE A CA  1 
ATOM   585  C C   . ILE A 1 73 ? 6.158   1.453   -12.353 1.00 51.99 ? 73  ILE A C   1 
ATOM   586  O O   . ILE A 1 73 ? 6.234   2.342   -13.222 1.00 47.03 ? 73  ILE A O   1 
ATOM   587  C CB  . ILE A 1 73 ? 6.419   -1.015  -12.831 1.00 51.49 ? 73  ILE A CB  1 
ATOM   588  C CG1 . ILE A 1 73 ? 7.376   -2.213  -12.774 1.00 52.32 ? 73  ILE A CG1 1 
ATOM   589  C CG2 . ILE A 1 73 ? 5.838   -0.839  -14.242 1.00 47.54 ? 73  ILE A CG2 1 
ATOM   590  C CD1 . ILE A 1 73 ? 6.803   -3.477  -13.381 1.00 48.81 ? 73  ILE A CD1 1 
ATOM   591  N N   . ILE A 1 74 ? 5.246   1.488   -11.371 1.00 52.57 ? 74  ILE A N   1 
ATOM   592  C CA  . ILE A 1 74 ? 4.254   2.561   -11.309 1.00 50.62 ? 74  ILE A CA  1 
ATOM   593  C C   . ILE A 1 74 ? 4.931   3.908   -11.118 1.00 53.54 ? 74  ILE A C   1 
ATOM   594  O O   . ILE A 1 74 ? 4.600   4.894   -11.795 1.00 52.73 ? 74  ILE A O   1 
ATOM   595  C CB  . ILE A 1 74 ? 3.228   2.287   -10.194 1.00 50.91 ? 74  ILE A CB  1 
ATOM   596  C CG1 . ILE A 1 74 ? 2.441   1.003   -10.492 1.00 51.46 ? 74  ILE A CG1 1 
ATOM   597  C CG2 . ILE A 1 74 ? 2.268   3.470   -10.054 1.00 49.07 ? 74  ILE A CG2 1 
ATOM   598  C CD1 . ILE A 1 74 ? 1.601   0.513   -9.321  1.00 49.14 ? 74  ILE A CD1 1 
ATOM   599  N N   . LEU A 1 75 ? 5.905   3.964   -10.207 1.00 53.21 ? 75  LEU A N   1 
ATOM   600  C CA  . LEU A 1 75 ? 6.612   5.209   -9.938  1.00 54.10 ? 75  LEU A CA  1 
ATOM   601  C C   . LEU A 1 75 ? 7.348   5.695   -11.175 1.00 55.45 ? 75  LEU A C   1 
ATOM   602  O O   . LEU A 1 75 ? 7.364   6.896   -11.464 1.00 57.27 ? 75  LEU A O   1 
ATOM   603  C CB  . LEU A 1 75 ? 7.592   5.011   -8.785  1.00 52.21 ? 75  LEU A CB  1 
ATOM   604  C CG  . LEU A 1 75 ? 8.294   6.250   -8.235  1.00 52.51 ? 75  LEU A CG  1 
ATOM   605  C CD1 . LEU A 1 75 ? 7.271   7.268   -7.708  1.00 48.28 ? 75  LEU A CD1 1 
ATOM   606  C CD2 . LEU A 1 75 ? 9.266   5.833   -7.132  1.00 56.59 ? 75  LEU A CD2 1 
ATOM   607  N N   . TYR A 1 76 ? 7.973   4.776   -11.913 1.00 50.71 ? 76  TYR A N   1 
ATOM   608  C CA  . TYR A 1 76 ? 8.656   5.149   -13.145 1.00 53.25 ? 76  TYR A CA  1 
ATOM   609  C C   . TYR A 1 76 ? 7.696   5.816   -14.116 1.00 59.17 ? 76  TYR A C   1 
ATOM   610  O O   . TYR A 1 76 ? 7.956   6.922   -14.607 1.00 62.15 ? 76  TYR A O   1 
ATOM   611  C CB  . TYR A 1 76 ? 9.292   3.919   -13.796 1.00 59.27 ? 76  TYR A CB  1 
ATOM   612  C CG  . TYR A 1 76 ? 9.794   4.176   -15.210 1.00 61.85 ? 76  TYR A CG  1 
ATOM   613  C CD1 . TYR A 1 76 ? 8.981   3.931   -16.317 1.00 56.50 ? 76  TYR A CD1 1 
ATOM   614  C CD2 . TYR A 1 76 ? 11.072  4.679   -15.433 1.00 62.02 ? 76  TYR A CD2 1 
ATOM   615  C CE1 . TYR A 1 76 ? 9.431   4.170   -17.600 1.00 60.85 ? 76  TYR A CE1 1 
ATOM   616  C CE2 . TYR A 1 76 ? 11.533  4.921   -16.717 1.00 61.84 ? 76  TYR A CE2 1 
ATOM   617  C CZ  . TYR A 1 76 ? 10.705  4.666   -17.795 1.00 64.44 ? 76  TYR A CZ  1 
ATOM   618  O OH  . TYR A 1 76 ? 11.145  4.900   -19.079 1.00 66.04 ? 76  TYR A OH  1 
ATOM   619  N N   . TYR A 1 77 ? 6.573   5.151   -14.407 1.00 59.39 ? 77  TYR A N   1 
ATOM   620  C CA  . TYR A 1 77 ? 5.595   5.731   -15.326 1.00 56.74 ? 77  TYR A CA  1 
ATOM   621  C C   . TYR A 1 77 ? 5.136   7.110   -14.859 1.00 58.06 ? 77  TYR A C   1 
ATOM   622  O O   . TYR A 1 77 ? 4.990   8.031   -15.669 1.00 63.15 ? 77  TYR A O   1 
ATOM   623  C CB  . TYR A 1 77 ? 4.403   4.791   -15.464 1.00 58.58 ? 77  TYR A CB  1 
ATOM   624  C CG  . TYR A 1 77 ? 4.553   3.718   -16.525 1.00 55.59 ? 77  TYR A CG  1 
ATOM   625  C CD1 . TYR A 1 77 ? 4.301   3.987   -17.858 1.00 59.25 ? 77  TYR A CD1 1 
ATOM   626  C CD2 . TYR A 1 77 ? 4.946   2.433   -16.183 1.00 56.41 ? 77  TYR A CD2 1 
ATOM   627  C CE1 . TYR A 1 77 ? 4.430   3.001   -18.824 1.00 61.46 ? 77  TYR A CE1 1 
ATOM   628  C CE2 . TYR A 1 77 ? 5.086   1.444   -17.137 1.00 57.73 ? 77  TYR A CE2 1 
ATOM   629  C CZ  . TYR A 1 77 ? 4.826   1.730   -18.457 1.00 61.23 ? 77  TYR A CZ  1 
ATOM   630  O OH  . TYR A 1 77 ? 4.961   0.747   -19.411 1.00 61.54 ? 77  TYR A OH  1 
ATOM   631  N N   . LYS A 1 78 ? 4.886   7.268   -13.557 1.00 59.62 ? 78  LYS A N   1 
ATOM   632  C CA  . LYS A 1 78 ? 4.477   8.572   -13.033 1.00 61.39 ? 78  LYS A CA  1 
ATOM   633  C C   . LYS A 1 78 ? 5.556   9.637   -13.260 1.00 61.90 ? 78  LYS A C   1 
ATOM   634  O O   . LYS A 1 78 ? 5.254   10.756  -13.688 1.00 61.49 ? 78  LYS A O   1 
ATOM   635  C CB  . LYS A 1 78 ? 4.126   8.450   -11.547 1.00 60.77 ? 78  LYS A CB  1 
ATOM   636  C CG  . LYS A 1 78 ? 3.776   9.762   -10.876 1.00 58.52 ? 78  LYS A CG  1 
ATOM   637  C CD  . LYS A 1 78 ? 2.479   10.350  -11.425 1.00 55.31 ? 78  LYS A CD  1 
ATOM   638  C CE  . LYS A 1 78 ? 2.163   11.670  -10.733 1.00 58.19 ? 78  LYS A CE  1 
ATOM   639  N NZ  . LYS A 1 78 ? 0.918   12.328  -11.211 1.00 60.11 ? 78  LYS A NZ  1 
ATOM   640  N N   . LEU A 1 79 ? 6.823   9.310   -12.959 1.00 61.65 ? 79  LEU A N   1 
ATOM   641  C CA  . LEU A 1 79 ? 7.908   10.282  -13.112 1.00 60.96 ? 79  LEU A CA  1 
ATOM   642  C C   . LEU A 1 79 ? 8.147   10.633  -14.576 1.00 60.55 ? 79  LEU A C   1 
ATOM   643  O O   . LEU A 1 79 ? 8.513   11.771  -14.886 1.00 59.08 ? 79  LEU A O   1 
ATOM   644  C CB  . LEU A 1 79 ? 9.201   9.766   -12.467 1.00 61.04 ? 79  LEU A CB  1 
ATOM   645  C CG  . LEU A 1 79 ? 9.237   9.510   -10.945 1.00 57.38 ? 79  LEU A CG  1 
ATOM   646  C CD1 . LEU A 1 79 ? 10.626  9.088   -10.476 1.00 53.99 ? 79  LEU A CD1 1 
ATOM   647  C CD2 . LEU A 1 79 ? 8.749   10.708  -10.135 1.00 60.07 ? 79  LEU A CD2 1 
ATOM   648  N N   . THR A 1 80 ? 7.947   9.679   -15.483 1.00 62.87 ? 80  THR A N   1 
ATOM   649  C CA  . THR A 1 80 ? 8.099   9.899   -16.918 1.00 64.03 ? 80  THR A CA  1 
ATOM   650  C C   . THR A 1 80 ? 6.839   10.498  -17.530 1.00 67.59 ? 80  THR A C   1 
ATOM   651  O O   . THR A 1 80 ? 6.681   10.440  -18.755 1.00 70.26 ? 80  THR A O   1 
ATOM   652  C CB  . THR A 1 80 ? 8.444   8.594   -17.640 1.00 63.01 ? 80  THR A CB  1 
ATOM   653  O OG1 . THR A 1 80 ? 7.423   7.616   -17.397 1.00 61.60 ? 80  THR A OG1 1 
ATOM   654  C CG2 . THR A 1 80 ? 9.778   8.056   -17.136 1.00 59.76 ? 80  THR A CG2 1 
ATOM   655  N N   . GLU A 1 81 ? 5.940   10.988  -16.666 1.00 68.02 ? 81  GLU A N   1 
ATOM   656  C CA  . GLU A 1 81 ? 4.684   11.718  -16.934 1.00 70.43 ? 81  GLU A CA  1 
ATOM   657  C C   . GLU A 1 81 ? 3.489   10.812  -16.658 1.00 70.00 ? 81  GLU A C   1 
ATOM   658  O O   . GLU A 1 81 ? 2.568   11.202  -15.932 1.00 69.63 ? 81  GLU A O   1 
ATOM   659  C CB  . GLU A 1 81 ? 4.576   12.269  -18.361 1.00 72.74 ? 81  GLU A CB  1 
ATOM   660  C CG  . GLU A 1 81 ? 5.446   13.473  -18.644 1.00 79.18 ? 81  GLU A CG  1 
ATOM   661  C CD  . GLU A 1 81 ? 5.564   13.764  -20.132 1.00 90.26 ? 81  GLU A CD  1 
ATOM   662  O OE1 . GLU A 1 81 ? 4.532   13.715  -20.838 1.00 95.36 ? 81  GLU A OE1 1 
ATOM   663  O OE2 . GLU A 1 81 ? 6.694   14.021  -20.601 1.00 90.03 ? 81  GLU A OE2 1 
ATOM   664  N N   . MET B 1 1  ? 17.118  -2.151  17.044  1.00 70.01 ? 1   MET B N   1 
ATOM   665  C CA  . MET B 1 1  ? 17.155  -1.283  15.871  1.00 70.10 ? 1   MET B CA  1 
ATOM   666  C C   . MET B 1 1  ? 15.994  -1.618  14.934  1.00 70.41 ? 1   MET B C   1 
ATOM   667  O O   . MET B 1 1  ? 15.231  -0.737  14.535  1.00 70.02 ? 1   MET B O   1 
ATOM   668  C CB  . MET B 1 1  ? 18.487  -1.414  15.123  1.00 65.35 ? 1   MET B CB  1 
ATOM   669  C CG  . MET B 1 1  ? 18.650  -0.425  13.955  1.00 64.86 ? 1   MET B CG  1 
ATOM   670  S SD  . MET B 1 1  ? 19.003  1.293   14.457  1.00 69.31 ? 1   MET B SD  1 
ATOM   671  C CE  . MET B 1 1  ? 18.378  2.217   13.058  1.00 65.71 ? 1   MET B CE  1 
ATOM   672  N N   . GLU B 1 2  ? 15.882  -2.903  14.592  1.00 69.44 ? 2   GLU B N   1 
ATOM   673  C CA  . GLU B 1 2  ? 14.856  -3.413  13.687  1.00 70.62 ? 2   GLU B CA  1 
ATOM   674  C C   . GLU B 1 2  ? 13.476  -2.836  13.981  1.00 73.52 ? 2   GLU B C   1 
ATOM   675  O O   . GLU B 1 2  ? 12.724  -2.528  13.050  1.00 71.93 ? 2   GLU B O   1 
ATOM   676  C CB  . GLU B 1 2  ? 14.799  -4.942  13.762  1.00 70.76 ? 2   GLU B CB  1 
ATOM   677  C CG  . GLU B 1 2  ? 16.120  -5.633  13.460  1.00 72.91 ? 2   GLU B CG  1 
ATOM   678  C CD  . GLU B 1 2  ? 16.919  -5.977  14.719  1.00 76.12 ? 2   GLU B CD  1 
ATOM   679  O OE1 . GLU B 1 2  ? 16.872  -5.203  15.703  1.00 74.98 ? 2   GLU B OE1 1 
ATOM   680  O OE2 . GLU B 1 2  ? 17.601  -7.027  14.719  1.00 77.19 ? 2   GLU B OE2 1 
ATOM   681  N N   . ASN B 1 3  ? 13.135  -2.683  15.266  1.00 73.56 ? 3   ASN B N   1 
ATOM   682  C CA  . ASN B 1 3  ? 11.824  -2.147  15.616  1.00 71.21 ? 3   ASN B CA  1 
ATOM   683  C C   . ASN B 1 3  ? 11.657  -0.729  15.085  1.00 70.82 ? 3   ASN B C   1 
ATOM   684  O O   . ASN B 1 3  ? 10.617  -0.397  14.509  1.00 69.26 ? 3   ASN B O   1 
ATOM   685  C CB  . ASN B 1 3  ? 11.636  -2.192  17.127  1.00 71.59 ? 3   ASN B CB  1 
ATOM   686  C CG  . ASN B 1 3  ? 11.288  -3.577  17.616  1.00 75.98 ? 3   ASN B CG  1 
ATOM   687  O OD1 . ASN B 1 3  ? 10.582  -4.330  16.941  1.00 76.04 ? 3   ASN B OD1 1 
ATOM   688  N ND2 . ASN B 1 3  ? 11.783  -3.926  18.793  1.00 82.88 ? 3   ASN B ND2 1 
ATOM   689  N N   . LEU B 1 4  ? 12.693  0.102   15.225  1.00 69.61 ? 4   LEU B N   1 
ATOM   690  C CA  . LEU B 1 4  ? 12.670  1.440   14.634  1.00 70.11 ? 4   LEU B CA  1 
ATOM   691  C C   . LEU B 1 4  ? 12.432  1.362   13.134  1.00 66.34 ? 4   LEU B C   1 
ATOM   692  O O   . LEU B 1 4  ? 11.654  2.142   12.571  1.00 63.96 ? 4   LEU B O   1 
ATOM   693  C CB  . LEU B 1 4  ? 13.986  2.167   14.920  1.00 69.69 ? 4   LEU B CB  1 
ATOM   694  C CG  . LEU B 1 4  ? 14.227  3.536   14.274  1.00 65.62 ? 4   LEU B CG  1 
ATOM   695  C CD1 . LEU B 1 4  ? 14.991  4.410   15.243  1.00 62.52 ? 4   LEU B CD1 1 
ATOM   696  C CD2 . LEU B 1 4  ? 14.976  3.456   12.941  1.00 66.66 ? 4   LEU B CD2 1 
ATOM   697  N N   . ILE B 1 5  ? 13.142  0.454   12.462  1.00 66.92 ? 5   ILE B N   1 
ATOM   698  C CA  . ILE B 1 5  ? 12.972  0.282   11.024  1.00 66.59 ? 5   ILE B CA  1 
ATOM   699  C C   . ILE B 1 5  ? 11.512  -0.022  10.704  1.00 65.23 ? 5   ILE B C   1 
ATOM   700  O O   . ILE B 1 5  ? 10.922  0.563   9.791   1.00 63.22 ? 5   ILE B O   1 
ATOM   701  C CB  . ILE B 1 5  ? 13.901  -0.833  10.507  1.00 65.63 ? 5   ILE B CB  1 
ATOM   702  C CG1 . ILE B 1 5  ? 15.335  -0.641  11.017  1.00 65.48 ? 5   ILE B CG1 1 
ATOM   703  C CG2 . ILE B 1 5  ? 13.902  -0.872  8.990   1.00 60.44 ? 5   ILE B CG2 1 
ATOM   704  C CD1 . ILE B 1 5  ? 15.958  0.679   10.657  1.00 65.01 ? 5   ILE B CD1 1 
ATOM   705  N N   . GLY B 1 6  ? 10.913  -0.946  11.460  1.00 65.06 ? 6   GLY B N   1 
ATOM   706  C CA  . GLY B 1 6  ? 9.513   -1.291  11.248  1.00 66.33 ? 6   GLY B CA  1 
ATOM   707  C C   . GLY B 1 6  ? 8.559   -0.131  11.465  1.00 64.50 ? 6   GLY B C   1 
ATOM   708  O O   . GLY B 1 6  ? 7.635   0.080   10.676  1.00 61.89 ? 6   GLY B O   1 
ATOM   709  N N   . TYR B 1 7  ? 8.756   0.619   12.553  1.00 67.09 ? 7   TYR B N   1 
ATOM   710  C CA  . TYR B 1 7  ? 7.879   1.751   12.861  1.00 65.26 ? 7   TYR B CA  1 
ATOM   711  C C   . TYR B 1 7  ? 7.959   2.818   11.776  1.00 61.35 ? 7   TYR B C   1 
ATOM   712  O O   . TYR B 1 7  ? 6.935   3.365   11.349  1.00 59.62 ? 7   TYR B O   1 
ATOM   713  C CB  . TYR B 1 7  ? 8.238   2.341   14.229  1.00 68.88 ? 7   TYR B CB  1 
ATOM   714  C CG  . TYR B 1 7  ? 7.928   1.436   15.411  1.00 73.22 ? 7   TYR B CG  1 
ATOM   715  C CD1 . TYR B 1 7  ? 6.968   0.435   15.317  1.00 75.59 ? 7   TYR B CD1 1 
ATOM   716  C CD2 . TYR B 1 7  ? 8.616   1.568   16.613  1.00 77.67 ? 7   TYR B CD2 1 
ATOM   717  C CE1 . TYR B 1 7  ? 6.692   -0.401  16.390  1.00 78.58 ? 7   TYR B CE1 1 
ATOM   718  C CE2 . TYR B 1 7  ? 8.345   0.734   17.695  1.00 78.93 ? 7   TYR B CE2 1 
ATOM   719  C CZ  . TYR B 1 7  ? 7.382   -0.247  17.575  1.00 80.58 ? 7   TYR B CZ  1 
ATOM   720  O OH  . TYR B 1 7  ? 7.115   -1.076  18.643  1.00 85.70 ? 7   TYR B OH  1 
ATOM   721  N N   . VAL B 1 8  ? 9.180   3.156   11.343  1.00 63.38 ? 8   VAL B N   1 
ATOM   722  C CA  . VAL B 1 8  ? 9.346   4.124   10.260  1.00 61.03 ? 8   VAL B CA  1 
ATOM   723  C C   . VAL B 1 8  ? 8.724   3.596   8.969   1.00 58.98 ? 8   VAL B C   1 
ATOM   724  O O   . VAL B 1 8  ? 8.069   4.341   8.229   1.00 57.89 ? 8   VAL B O   1 
ATOM   725  C CB  . VAL B 1 8  ? 10.837  4.473   10.078  1.00 59.49 ? 8   VAL B CB  1 
ATOM   726  C CG1 . VAL B 1 8  ? 11.023  5.519   8.993   1.00 59.36 ? 8   VAL B CG1 1 
ATOM   727  C CG2 . VAL B 1 8  ? 11.423  4.979   11.378  1.00 63.71 ? 8   VAL B CG2 1 
ATOM   728  N N   . ALA B 1 9  ? 8.910   2.306   8.683   1.00 57.30 ? 9   ALA B N   1 
ATOM   729  C CA  . ALA B 1 9  ? 8.319   1.713   7.487   1.00 54.95 ? 9   ALA B CA  1 
ATOM   730  C C   . ALA B 1 9  ? 6.799   1.822   7.507   1.00 56.55 ? 9   ALA B C   1 
ATOM   731  O O   . ALA B 1 9  ? 6.176   2.223   6.515   1.00 55.38 ? 9   ALA B O   1 
ATOM   732  C CB  . ALA B 1 9  ? 8.754   0.254   7.360   1.00 55.79 ? 9   ALA B CB  1 
ATOM   733  N N   . ALA B 1 10 ? 6.183   1.425   8.624   1.00 57.96 ? 10  ALA B N   1 
ATOM   734  C CA  . ALA B 1 10 ? 4.731   1.501   8.755   1.00 54.03 ? 10  ALA B CA  1 
ATOM   735  C C   . ALA B 1 10 ? 4.236   2.940   8.662   1.00 54.71 ? 10  ALA B C   1 
ATOM   736  O O   . ALA B 1 10 ? 3.211   3.211   8.023   1.00 53.24 ? 10  ALA B O   1 
ATOM   737  C CB  . ALA B 1 10 ? 4.290   0.862   10.067  1.00 50.13 ? 10  ALA B CB  1 
ATOM   738  N N   . PHE B 1 11 ? 4.917   3.872   9.330   1.00 53.05 ? 11  PHE B N   1 
ATOM   739  C CA  . PHE B 1 11 ? 4.542   5.277   9.209   1.00 53.12 ? 11  PHE B CA  1 
ATOM   740  C C   . PHE B 1 11 ? 4.555   5.734   7.753   1.00 55.34 ? 11  PHE B C   1 
ATOM   741  O O   . PHE B 1 11 ? 3.542   6.216   7.226   1.00 51.57 ? 11  PHE B O   1 
ATOM   742  C CB  . PHE B 1 11 ? 5.467   6.155   10.045  1.00 51.80 ? 11  PHE B CB  1 
ATOM   743  C CG  . PHE B 1 11 ? 5.273   7.619   9.791   1.00 49.79 ? 11  PHE B CG  1 
ATOM   744  C CD1 . PHE B 1 11 ? 4.235   8.302   10.396  1.00 51.15 ? 11  PHE B CD1 1 
ATOM   745  C CD2 . PHE B 1 11 ? 6.114   8.308   8.934   1.00 50.26 ? 11  PHE B CD2 1 
ATOM   746  C CE1 . PHE B 1 11 ? 4.046   9.651   10.164  1.00 54.82 ? 11  PHE B CE1 1 
ATOM   747  C CE2 . PHE B 1 11 ? 5.932   9.657   8.695   1.00 53.22 ? 11  PHE B CE2 1 
ATOM   748  C CZ  . PHE B 1 11 ? 4.894   10.330  9.311   1.00 55.69 ? 11  PHE B CZ  1 
ATOM   749  N N   . LEU B 1 12 ? 5.713   5.602   7.095   1.00 54.12 ? 12  LEU B N   1 
ATOM   750  C CA  . LEU B 1 12 ? 5.855   5.983   5.692   1.00 51.61 ? 12  LEU B CA  1 
ATOM   751  C C   . LEU B 1 12 ? 4.742   5.391   4.842   1.00 53.22 ? 12  LEU B C   1 
ATOM   752  O O   . LEU B 1 12 ? 4.058   6.101   4.094   1.00 54.60 ? 12  LEU B O   1 
ATOM   753  C CB  . LEU B 1 12 ? 7.212   5.513   5.168   1.00 53.53 ? 12  LEU B CB  1 
ATOM   754  C CG  . LEU B 1 12 ? 8.478   6.263   5.594   1.00 55.43 ? 12  LEU B CG  1 
ATOM   755  C CD1 . LEU B 1 12 ? 9.749   5.606   5.028   1.00 50.45 ? 12  LEU B CD1 1 
ATOM   756  C CD2 . LEU B 1 12 ? 8.399   7.728   5.183   1.00 54.66 ? 12  LEU B CD2 1 
ATOM   757  N N   . THR B 1 13 ? 4.552   4.079   4.964   1.00 53.60 ? 13  THR B N   1 
ATOM   758  C CA  . THR B 1 13 ? 3.579   3.347   4.161   1.00 50.68 ? 13  THR B CA  1 
ATOM   759  C C   . THR B 1 13 ? 2.138   3.803   4.421   1.00 52.41 ? 13  THR B C   1 
ATOM   760  O O   . THR B 1 13 ? 1.327   3.848   3.491   1.00 57.59 ? 13  THR B O   1 
ATOM   761  C CB  . THR B 1 13 ? 3.793   1.849   4.410   1.00 56.90 ? 13  THR B CB  1 
ATOM   762  O OG1 . THR B 1 13 ? 3.851   1.148   3.158   1.00 56.52 ? 13  THR B OG1 1 
ATOM   763  C CG2 . THR B 1 13 ? 2.738   1.239   5.347   1.00 56.83 ? 13  THR B CG2 1 
ATOM   764  N N   . THR B 1 14 ? 1.794   4.150   5.670   1.00 54.60 ? 14  THR B N   1 
ATOM   765  C CA  . THR B 1 14 ? 0.445   4.633   5.979   1.00 49.92 ? 14  THR B CA  1 
ATOM   766  C C   . THR B 1 14 ? 0.228   6.059   5.481   1.00 50.90 ? 14  THR B C   1 
ATOM   767  O O   . THR B 1 14 ? -0.806  6.368   4.877   1.00 51.10 ? 14  THR B O   1 
ATOM   768  C CB  . THR B 1 14 ? 0.182   4.544   7.485   1.00 54.67 ? 14  THR B CB  1 
ATOM   769  O OG1 . THR B 1 14 ? 0.157   3.170   7.899   1.00 55.45 ? 14  THR B OG1 1 
ATOM   770  C CG2 . THR B 1 14 ? -1.133  5.227   7.861   1.00 52.55 ? 14  THR B CG2 1 
ATOM   771  N N   . VAL B 1 15 ? 1.174   6.960   5.762   1.00 52.56 ? 15  VAL B N   1 
ATOM   772  C CA  . VAL B 1 15 ? 0.992   8.356   5.389   1.00 52.96 ? 15  VAL B CA  1 
ATOM   773  C C   . VAL B 1 15 ? 1.120   8.558   3.886   1.00 53.01 ? 15  VAL B C   1 
ATOM   774  O O   . VAL B 1 15 ? 0.670   9.585   3.360   1.00 53.05 ? 15  VAL B O   1 
ATOM   775  C CB  . VAL B 1 15 ? 1.985   9.226   6.177   1.00 53.66 ? 15  VAL B CB  1 
ATOM   776  C CG1 . VAL B 1 15 ? 1.742   10.701  5.919   1.00 53.20 ? 15  VAL B CG1 1 
ATOM   777  C CG2 . VAL B 1 15 ? 1.848   8.932   7.657   1.00 54.47 ? 15  VAL B CG2 1 
ATOM   778  N N   . SER B 1 16 ? 1.687   7.583   3.169   1.00 51.05 ? 16  SER B N   1 
ATOM   779  C CA  . SER B 1 16 ? 1.803   7.701   1.722   1.00 50.21 ? 16  SER B CA  1 
ATOM   780  C C   . SER B 1 16 ? 0.438   7.861   1.073   1.00 52.32 ? 16  SER B C   1 
ATOM   781  O O   . SER B 1 16 ? 0.309   8.565   0.064   1.00 50.25 ? 16  SER B O   1 
ATOM   782  C CB  . SER B 1 16 ? 2.500   6.475   1.139   1.00 51.44 ? 16  SER B CB  1 
ATOM   783  O OG  . SER B 1 16 ? 1.655   5.343   1.237   1.00 50.11 ? 16  SER B OG  1 
ATOM   784  N N   . PHE B 1 17 ? -0.594  7.237   1.640   1.00 51.96 ? 17  PHE B N   1 
ATOM   785  C CA  . PHE B 1 17 ? -1.921  7.372   1.052   1.00 52.40 ? 17  PHE B CA  1 
ATOM   786  C C   . PHE B 1 17 ? -2.484  8.772   1.232   1.00 49.55 ? 17  PHE B C   1 
ATOM   787  O O   . PHE B 1 17 ? -3.406  9.151   0.498   1.00 48.60 ? 17  PHE B O   1 
ATOM   788  C CB  . PHE B 1 17 ? -2.873  6.337   1.654   1.00 48.42 ? 17  PHE B CB  1 
ATOM   789  C CG  . PHE B 1 17 ? -2.725  4.975   1.054   1.00 48.14 ? 17  PHE B CG  1 
ATOM   790  C CD1 . PHE B 1 17 ? -3.327  4.669   -0.161  1.00 49.12 ? 17  PHE B CD1 1 
ATOM   791  C CD2 . PHE B 1 17 ? -1.954  4.005   1.687   1.00 50.13 ? 17  PHE B CD2 1 
ATOM   792  C CE1 . PHE B 1 17 ? -3.189  3.404   -0.727  1.00 50.88 ? 17  PHE B CE1 1 
ATOM   793  C CE2 . PHE B 1 17 ? -1.803  2.738   1.134   1.00 50.67 ? 17  PHE B CE2 1 
ATOM   794  C CZ  . PHE B 1 17 ? -2.422  2.437   -0.080  1.00 50.82 ? 17  PHE B CZ  1 
ATOM   795  N N   . LEU B 1 18 ? -1.925  9.561   2.155   1.00 50.59 ? 18  LEU B N   1 
ATOM   796  C CA  . LEU B 1 18 ? -2.476  10.890  2.406   1.00 51.50 ? 18  LEU B CA  1 
ATOM   797  C C   . LEU B 1 18 ? -2.392  11.798  1.181   1.00 50.17 ? 18  LEU B C   1 
ATOM   798  O O   . LEU B 1 18 ? -3.427  12.372  0.810   1.00 48.42 ? 18  LEU B O   1 
ATOM   799  C CB  . LEU B 1 18 ? -1.798  11.523  3.626   1.00 51.93 ? 18  LEU B CB  1 
ATOM   800  C CG  . LEU B 1 18 ? -2.399  12.859  4.066   1.00 51.88 ? 18  LEU B CG  1 
ATOM   801  C CD1 . LEU B 1 18 ? -3.854  12.659  4.515   1.00 55.85 ? 18  LEU B CD1 1 
ATOM   802  C CD2 . LEU B 1 18 ? -1.584  13.543  5.163   1.00 48.77 ? 18  LEU B CD2 1 
ATOM   803  N N   . PRO B 1 19 ? -1.245  11.941  0.493   1.00 50.43 ? 19  PRO B N   1 
ATOM   804  C CA  . PRO B 1 19 ? -1.236  12.762  -0.734  1.00 50.66 ? 19  PRO B CA  1 
ATOM   805  C C   . PRO B 1 19 ? -2.205  12.274  -1.792  1.00 50.64 ? 19  PRO B C   1 
ATOM   806  O O   . PRO B 1 19 ? -2.708  13.077  -2.589  1.00 51.53 ? 19  PRO B O   1 
ATOM   807  C CB  . PRO B 1 19 ? 0.215   12.636  -1.220  1.00 51.02 ? 19  PRO B CB  1 
ATOM   808  C CG  . PRO B 1 19 ? 0.977   12.431  0.013   1.00 53.42 ? 19  PRO B CG  1 
ATOM   809  C CD  . PRO B 1 19 ? 0.122   11.514  0.838   1.00 51.35 ? 19  PRO B CD  1 
ATOM   810  N N   . GLN B 1 20 ? -2.480  10.973  -1.832  1.00 48.96 ? 20  GLN B N   1 
ATOM   811  C CA  . GLN B 1 20 ? -3.453  10.469  -2.790  1.00 50.98 ? 20  GLN B CA  1 
ATOM   812  C C   . GLN B 1 20 ? -4.860  10.910  -2.397  1.00 52.35 ? 20  GLN B C   1 
ATOM   813  O O   . GLN B 1 20 ? -5.672  11.264  -3.262  1.00 51.65 ? 20  GLN B O   1 
ATOM   814  C CB  . GLN B 1 20 ? -3.346  8.947   -2.883  1.00 49.97 ? 20  GLN B CB  1 
ATOM   815  C CG  . GLN B 1 20 ? -4.235  8.318   -3.926  1.00 50.71 ? 20  GLN B CG  1 
ATOM   816  C CD  . GLN B 1 20 ? -3.701  8.520   -5.331  1.00 52.77 ? 20  GLN B CD  1 
ATOM   817  O OE1 . GLN B 1 20 ? -2.987  7.670   -5.875  1.00 51.87 ? 20  GLN B OE1 1 
ATOM   818  N NE2 . GLN B 1 20 ? -4.047  9.654   -5.928  1.00 51.08 ? 20  GLN B NE2 1 
ATOM   819  N N   . VAL B 1 21 ? -5.160  10.906  -1.093  1.00 49.26 ? 21  VAL B N   1 
ATOM   820  C CA  . VAL B 1 21 ? -6.416  11.471  -0.608  1.00 50.26 ? 21  VAL B CA  1 
ATOM   821  C C   . VAL B 1 21 ? -6.515  12.946  -0.995  1.00 51.80 ? 21  VAL B C   1 
ATOM   822  O O   . VAL B 1 21 ? -7.524  13.396  -1.546  1.00 48.63 ? 21  VAL B O   1 
ATOM   823  C CB  . VAL B 1 21 ? -6.537  11.283  0.916   1.00 50.11 ? 21  VAL B CB  1 
ATOM   824  C CG1 . VAL B 1 21 ? -7.585  12.218  1.490   1.00 48.16 ? 21  VAL B CG1 1 
ATOM   825  C CG2 . VAL B 1 21 ? -6.865  9.845   1.267   1.00 47.68 ? 21  VAL B CG2 1 
ATOM   826  N N   . LEU B 1 22 ? -5.453  13.712  -0.733  1.00 50.30 ? 22  LEU B N   1 
ATOM   827  C CA  . LEU B 1 22 ? -5.436  15.138  -1.054  1.00 51.03 ? 22  LEU B CA  1 
ATOM   828  C C   . LEU B 1 22 ? -5.729  15.381  -2.529  1.00 54.27 ? 22  LEU B C   1 
ATOM   829  O O   . LEU B 1 22 ? -6.563  16.226  -2.879  1.00 54.25 ? 22  LEU B O   1 
ATOM   830  C CB  . LEU B 1 22 ? -4.081  15.732  -0.673  1.00 52.28 ? 22  LEU B CB  1 
ATOM   831  C CG  . LEU B 1 22 ? -3.778  15.604  0.824   1.00 58.22 ? 22  LEU B CG  1 
ATOM   832  C CD1 . LEU B 1 22 ? -2.323  15.925  1.163   1.00 52.88 ? 22  LEU B CD1 1 
ATOM   833  C CD2 . LEU B 1 22 ? -4.717  16.507  1.602   1.00 62.60 ? 22  LEU B CD2 1 
ATOM   834  N N   . ARG B 1 23 ? -5.002  14.691  -3.411  1.00 54.68 ? 23  ARG B N   1 
ATOM   835  C CA  . ARG B 1 23 ? -5.207  14.849  -4.848  1.00 55.63 ? 23  ARG B CA  1 
ATOM   836  C C   . ARG B 1 23 ? -6.618  14.439  -5.272  1.00 56.27 ? 23  ARG B C   1 
ATOM   837  O O   . ARG B 1 23 ? -7.254  15.120  -6.086  1.00 55.51 ? 23  ARG B O   1 
ATOM   838  C CB  . ARG B 1 23 ? -4.164  14.035  -5.609  1.00 57.45 ? 23  ARG B CB  1 
ATOM   839  C CG  . ARG B 1 23 ? -4.042  14.420  -7.058  1.00 58.09 ? 23  ARG B CG  1 
ATOM   840  C CD  . ARG B 1 23 ? -2.799  13.832  -7.677  1.00 57.27 ? 23  ARG B CD  1 
ATOM   841  N NE  . ARG B 1 23 ? -2.781  14.093  -9.107  1.00 60.39 ? 23  ARG B NE  1 
ATOM   842  C CZ  . ARG B 1 23 ? -2.224  15.169  -9.648  1.00 64.97 ? 23  ARG B CZ  1 
ATOM   843  N NH1 . ARG B 1 23 ? -2.248  15.342  -10.965 1.00 67.20 ? 23  ARG B NH1 1 
ATOM   844  N NH2 . ARG B 1 23 ? -1.637  16.072  -8.869  1.00 61.58 ? 23  ARG B NH2 1 
ATOM   845  N N   . VAL B 1 24 ? -7.125  13.327  -4.734  1.00 56.61 ? 24  VAL B N   1 
ATOM   846  C CA  . VAL B 1 24 ? -8.462  12.872  -5.113  1.00 55.88 ? 24  VAL B CA  1 
ATOM   847  C C   . VAL B 1 24 ? -9.528  13.854  -4.639  1.00 54.10 ? 24  VAL B C   1 
ATOM   848  O O   . VAL B 1 24 ? -10.497 14.123  -5.355  1.00 57.71 ? 24  VAL B O   1 
ATOM   849  C CB  . VAL B 1 24 ? -8.715  11.451  -4.575  1.00 53.90 ? 24  VAL B CB  1 
ATOM   850  C CG1 . VAL B 1 24 ? -10.160 11.104  -4.700  1.00 53.21 ? 24  VAL B CG1 1 
ATOM   851  C CG2 . VAL B 1 24 ? -7.906  10.441  -5.361  1.00 51.53 ? 24  VAL B CG2 1 
ATOM   852  N N   . VAL B 1 25 ? -9.354  14.433  -3.449  1.00 53.55 ? 25  VAL B N   1 
ATOM   853  C CA  . VAL B 1 25 ? -10.336 15.367  -2.903  1.00 54.49 ? 25  VAL B CA  1 
ATOM   854  C C   . VAL B 1 25 ? -10.205 16.745  -3.532  1.00 56.83 ? 25  VAL B C   1 
ATOM   855  O O   . VAL B 1 25 ? -11.181 17.503  -3.563  1.00 58.45 ? 25  VAL B O   1 
ATOM   856  C CB  . VAL B 1 25 ? -10.181 15.467  -1.372  1.00 53.76 ? 25  VAL B CB  1 
ATOM   857  C CG1 . VAL B 1 25 ? -11.058 16.560  -0.791  1.00 55.31 ? 25  VAL B CG1 1 
ATOM   858  C CG2 . VAL B 1 25 ? -10.525 14.142  -0.707  1.00 54.03 ? 25  VAL B CG2 1 
ATOM   859  N N   . MET B 1 26 ? -9.057  17.049  -4.130  1.00 57.92 ? 26  MET B N   1 
ATOM   860  C CA  . MET B 1 26 ? -8.788  18.362  -4.693  1.00 57.79 ? 26  MET B CA  1 
ATOM   861  C C   . MET B 1 26 ? -9.193  18.421  -6.157  1.00 60.04 ? 26  MET B C   1 
ATOM   862  O O   . MET B 1 26 ? -9.939  19.315  -6.564  1.00 62.59 ? 26  MET B O   1 
ATOM   863  C CB  . MET B 1 26 ? -7.293  18.674  -4.545  1.00 61.63 ? 26  MET B CB  1 
ATOM   864  C CG  . MET B 1 26 ? -6.863  20.107  -4.813  1.00 61.11 ? 26  MET B CG  1 
ATOM   865  S SD  . MET B 1 26 ? -6.942  21.066  -3.301  1.00 71.29 ? 26  MET B SD  1 
ATOM   866  C CE  . MET B 1 26 ? -5.946  20.037  -2.216  1.00 59.36 ? 26  MET B CE  1 
ATOM   867  N N   . THR B 1 27 ? -8.720  17.461  -6.949  1.00 58.84 ? 27  THR B N   1 
ATOM   868  C CA  . THR B 1 27 ? -9.017  17.420  -8.371  1.00 60.57 ? 27  THR B CA  1 
ATOM   869  C C   . THR B 1 27 ? -10.314 16.690  -8.673  1.00 61.41 ? 27  THR B C   1 
ATOM   870  O O   . THR B 1 27 ? -10.822 16.803  -9.795  1.00 63.51 ? 27  THR B O   1 
ATOM   871  C CB  . THR B 1 27 ? -7.879  16.745  -9.141  1.00 62.82 ? 27  THR B CB  1 
ATOM   872  O OG1 . THR B 1 27 ? -7.895  15.333  -8.888  1.00 62.11 ? 27  THR B OG1 1 
ATOM   873  C CG2 . THR B 1 27 ? -6.543  17.323  -8.715  1.00 59.15 ? 27  THR B CG2 1 
ATOM   874  N N   . LYS B 1 28 ? -10.840 15.933  -7.709  1.00 59.86 ? 28  LYS B N   1 
ATOM   875  C CA  . LYS B 1 28 ? -12.073 15.161  -7.891  1.00 62.99 ? 28  LYS B CA  1 
ATOM   876  C C   . LYS B 1 28 ? -11.986 14.246  -9.109  1.00 64.59 ? 28  LYS B C   1 
ATOM   877  O O   . LYS B 1 28 ? -12.993 13.972  -9.766  1.00 67.51 ? 28  LYS B O   1 
ATOM   878  C CB  . LYS B 1 28 ? -13.292 16.084  -8.005  1.00 60.49 ? 28  LYS B CB  1 
ATOM   879  C CG  . LYS B 1 28 ? -13.546 16.973  -6.798  1.00 62.59 ? 28  LYS B CG  1 
ATOM   880  C CD  . LYS B 1 28 ? -14.285 16.229  -5.702  1.00 61.29 ? 28  LYS B CD  1 
ATOM   881  C CE  . LYS B 1 28 ? -14.350 17.050  -4.426  1.00 62.44 ? 28  LYS B CE  1 
ATOM   882  N NZ  . LYS B 1 28 ? -14.593 16.202  -3.228  1.00 60.87 ? 28  LYS B NZ  1 
ATOM   883  N N   . GLN B 1 29 ? -10.784 13.769  -9.427  1.00 62.11 ? 29  GLN B N   1 
ATOM   884  C CA  . GLN B 1 29 ? -10.569 12.909  -10.581 1.00 60.91 ? 29  GLN B CA  1 
ATOM   885  C C   . GLN B 1 29 ? -9.919  11.603  -10.155 1.00 60.99 ? 29  GLN B C   1 
ATOM   886  O O   . GLN B 1 29 ? -8.954  11.598  -9.379  1.00 61.53 ? 29  GLN B O   1 
ATOM   887  C CB  . GLN B 1 29 ? -9.707  13.604  -11.627 1.00 64.11 ? 29  GLN B CB  1 
ATOM   888  C CG  . GLN B 1 29 ? -10.312 14.871  -12.181 1.00 65.53 ? 29  GLN B CG  1 
ATOM   889  C CD  . GLN B 1 29 ? -9.352  15.619  -13.083 1.00 69.22 ? 29  GLN B CD  1 
ATOM   890  O OE1 . GLN B 1 29 ? -8.529  16.407  -12.611 1.00 68.43 ? 29  GLN B OE1 1 
ATOM   891  N NE2 . GLN B 1 29 ? -9.446  15.373  -14.388 1.00 67.88 ? 29  GLN B NE2 1 
ATOM   892  N N   . THR B 1 30 ? -10.438 10.496  -10.703 1.00 59.53 ? 30  THR B N   1 
ATOM   893  C CA  . THR B 1 30 ? -10.038 9.165   -10.271 1.00 57.46 ? 30  THR B CA  1 
ATOM   894  C C   . THR B 1 30 ? -9.808  8.223   -11.444 1.00 57.72 ? 30  THR B C   1 
ATOM   895  O O   . THR B 1 30 ? -9.602  7.022   -11.224 1.00 54.74 ? 30  THR B O   1 
ATOM   896  C CB  . THR B 1 30 ? -11.114 8.570   -9.360  1.00 56.72 ? 30  THR B CB  1 
ATOM   897  O OG1 . THR B 1 30 ? -12.377 8.598   -10.044 1.00 59.00 ? 30  THR B OG1 1 
ATOM   898  C CG2 . THR B 1 30 ? -11.225 9.361   -8.070  1.00 55.86 ? 30  THR B CG2 1 
ATOM   899  N N   . ARG B 1 31 ? -9.836  8.735   -12.677 1.00 60.88 ? 31  ARG B N   1 
ATOM   900  C CA  . ARG B 1 31 ? -9.731  7.886   -13.858 1.00 60.27 ? 31  ARG B CA  1 
ATOM   901  C C   . ARG B 1 31 ? -8.541  6.940   -13.766 1.00 59.90 ? 31  ARG B C   1 
ATOM   902  O O   . ARG B 1 31 ? -8.695  5.719   -13.886 1.00 61.21 ? 31  ARG B O   1 
ATOM   903  C CB  . ARG B 1 31 ? -9.635  8.760   -15.112 1.00 56.40 ? 31  ARG B CB  1 
ATOM   904  C CG  . ARG B 1 31 ? -9.542  7.978   -16.416 1.00 58.85 ? 31  ARG B CG  1 
ATOM   905  C CD  . ARG B 1 31 ? -9.183  8.891   -17.587 1.00 62.49 ? 31  ARG B CD  1 
ATOM   906  N NE  . ARG B 1 31 ? -7.855  9.482   -17.441 1.00 61.83 ? 31  ARG B NE  1 
ATOM   907  C CZ  . ARG B 1 31 ? -7.432  10.547  -18.119 1.00 65.47 ? 31  ARG B CZ  1 
ATOM   908  N NH1 . ARG B 1 31 ? -8.240  11.146  -18.989 1.00 67.14 ? 31  ARG B NH1 1 
ATOM   909  N NH2 . ARG B 1 31 ? -6.209  11.025  -17.918 1.00 65.47 ? 31  ARG B NH2 1 
ATOM   910  N N   . ASP B 1 32 ? -7.359  7.480   -13.480 1.00 58.17 ? 32  ASP B N   1 
ATOM   911  C CA  . ASP B 1 32 ? -6.129  6.706   -13.579 1.00 58.57 ? 32  ASP B CA  1 
ATOM   912  C C   . ASP B 1 32 ? -5.889  5.789   -12.389 1.00 56.37 ? 32  ASP B C   1 
ATOM   913  O O   . ASP B 1 32 ? -4.923  5.018   -12.417 1.00 56.43 ? 32  ASP B O   1 
ATOM   914  C CB  . ASP B 1 32 ? -4.940  7.658   -13.732 1.00 58.52 ? 32  ASP B CB  1 
ATOM   915  C CG  . ASP B 1 32 ? -5.035  8.510   -14.985 1.00 61.29 ? 32  ASP B CG  1 
ATOM   916  O OD1 . ASP B 1 32 ? -5.441  7.973   -16.039 1.00 63.59 ? 32  ASP B OD1 1 
ATOM   917  O OD2 . ASP B 1 32 ? -4.715  9.718   -14.912 1.00 60.78 ? 32  ASP B OD2 1 
ATOM   918  N N   . ILE B 1 33 ? -6.750  5.821   -11.376 1.00 58.02 ? 33  ILE B N   1 
ATOM   919  C CA  . ILE B 1 33 ? -6.617  4.982   -10.190 1.00 54.74 ? 33  ILE B CA  1 
ATOM   920  C C   . ILE B 1 33 ? -7.372  3.688   -10.420 1.00 56.46 ? 33  ILE B C   1 
ATOM   921  O O   . ILE B 1 33 ? -8.516  3.704   -10.889 1.00 55.56 ? 33  ILE B O   1 
ATOM   922  C CB  . ILE B 1 33 ? -7.146  5.715   -8.944  1.00 54.00 ? 33  ILE B CB  1 
ATOM   923  C CG1 . ILE B 1 33 ? -6.307  6.968   -8.661  1.00 52.19 ? 33  ILE B CG1 1 
ATOM   924  C CG2 . ILE B 1 33 ? -7.186  4.777   -7.758  1.00 49.81 ? 33  ILE B CG2 1 
ATOM   925  C CD1 . ILE B 1 33 ? -6.803  7.769   -7.484  1.00 52.66 ? 33  ILE B CD1 1 
ATOM   926  N N   . SER B 1 34 ? -6.750  2.563   -10.058 1.00 58.36 ? 34  SER B N   1 
ATOM   927  C CA  . SER B 1 34 ? -7.364  1.256   -10.255 1.00 53.94 ? 34  SER B CA  1 
ATOM   928  C C   . SER B 1 34 ? -8.379  0.963   -9.158  1.00 52.44 ? 34  SER B C   1 
ATOM   929  O O   . SER B 1 34 ? -8.072  1.070   -7.965  1.00 48.80 ? 34  SER B O   1 
ATOM   930  C CB  . SER B 1 34 ? -6.299  0.165   -10.268 1.00 54.49 ? 34  SER B CB  1 
ATOM   931  O OG  . SER B 1 34 ? -6.838  -1.086  -10.659 1.00 56.44 ? 34  SER B OG  1 
ATOM   932  N N   . ARG B 1 35 ? -9.575  0.547   -9.572  1.00 54.11 ? 35  ARG B N   1 
ATOM   933  C CA  . ARG B 1 35 ? -10.620 0.201   -8.616  1.00 53.75 ? 35  ARG B CA  1 
ATOM   934  C C   . ARG B 1 35 ? -10.281 -1.095  -7.904  1.00 52.86 ? 35  ARG B C   1 
ATOM   935  O O   . ARG B 1 35 ? -10.390 -1.196  -6.673  1.00 53.18 ? 35  ARG B O   1 
ATOM   936  C CB  . ARG B 1 35 ? -11.960 0.064   -9.333  1.00 51.52 ? 35  ARG B CB  1 
ATOM   937  C CG  . ARG B 1 35 ? -13.040 -0.547  -8.486  1.00 52.79 ? 35  ARG B CG  1 
ATOM   938  C CD  . ARG B 1 35 ? -14.305 -0.758  -9.291  1.00 59.20 ? 35  ARG B CD  1 
ATOM   939  N NE  . ARG B 1 35 ? -15.086 0.468   -9.415  1.00 63.15 ? 35  ARG B NE  1 
ATOM   940  C CZ  . ARG B 1 35 ? -15.016 1.302   -10.447 1.00 60.91 ? 35  ARG B CZ  1 
ATOM   941  N NH1 . ARG B 1 35 ? -15.770 2.393   -10.463 1.00 59.60 ? 35  ARG B NH1 1 
ATOM   942  N NH2 . ARG B 1 35 ? -14.195 1.047   -11.462 1.00 57.80 ? 35  ARG B NH2 1 
ATOM   943  N N   . ASN B 1 36 ? -9.865  -2.099  -8.673  1.00 50.04 ? 36  ASN B N   1 
ATOM   944  C CA  . ASN B 1 36 ? -9.501  -3.377  -8.087  1.00 52.07 ? 36  ASN B CA  1 
ATOM   945  C C   . ASN B 1 36 ? -8.336  -3.223  -7.117  1.00 48.88 ? 36  ASN B C   1 
ATOM   946  O O   . ASN B 1 36 ? -8.307  -3.874  -6.070  1.00 47.61 ? 36  ASN B O   1 
ATOM   947  C CB  . ASN B 1 36 ? -9.188  -4.367  -9.208  1.00 52.50 ? 36  ASN B CB  1 
ATOM   948  C CG  . ASN B 1 36 ? -10.398 -4.644  -10.088 1.00 51.57 ? 36  ASN B CG  1 
ATOM   949  O OD1 . ASN B 1 36 ? -11.429 -3.987  -9.960  1.00 54.13 ? 36  ASN B OD1 1 
ATOM   950  N ND2 . ASN B 1 36 ? -10.270 -5.600  -11.001 1.00 59.56 ? 36  ASN B ND2 1 
ATOM   951  N N   . MET B 1 37 ? -7.383  -2.341  -7.438  1.00 52.94 ? 37  MET B N   1 
ATOM   952  C CA  . MET B 1 37 ? -6.245  -2.088  -6.554  1.00 51.16 ? 37  MET B CA  1 
ATOM   953  C C   . MET B 1 37 ? -6.719  -1.707  -5.160  1.00 49.76 ? 37  MET B C   1 
ATOM   954  O O   . MET B 1 37 ? -6.222  -2.229  -4.155  1.00 49.51 ? 37  MET B O   1 
ATOM   955  C CB  . MET B 1 37 ? -5.348  -0.992  -7.143  1.00 50.88 ? 37  MET B CB  1 
ATOM   956  C CG  . MET B 1 37 ? -3.989  -0.837  -6.458  1.00 51.79 ? 37  MET B CG  1 
ATOM   957  S SD  . MET B 1 37 ? -3.805  0.409   -5.174  1.00 55.66 ? 37  MET B SD  1 
ATOM   958  C CE  . MET B 1 37 ? -2.953  1.675   -6.111  1.00 54.09 ? 37  MET B CE  1 
ATOM   959  N N   . TYR B 1 38 ? -7.676  -0.778  -5.086  1.00 51.04 ? 38  TYR B N   1 
ATOM   960  C CA  . TYR B 1 38 ? -8.163  -0.277  -3.806  1.00 51.08 ? 38  TYR B CA  1 
ATOM   961  C C   . TYR B 1 38 ? -9.195  -1.194  -3.163  1.00 49.46 ? 38  TYR B C   1 
ATOM   962  O O   . TYR B 1 38 ? -9.381  -1.130  -1.942  1.00 47.98 ? 38  TYR B O   1 
ATOM   963  C CB  . TYR B 1 38 ? -8.702  1.144   -3.994  1.00 45.99 ? 38  TYR B CB  1 
ATOM   964  C CG  . TYR B 1 38 ? -7.576  2.138   -3.889  1.00 45.72 ? 38  TYR B CG  1 
ATOM   965  C CD1 . TYR B 1 38 ? -6.707  2.344   -4.958  1.00 46.25 ? 38  TYR B CD1 1 
ATOM   966  C CD2 . TYR B 1 38 ? -7.358  2.848   -2.710  1.00 46.86 ? 38  TYR B CD2 1 
ATOM   967  C CE1 . TYR B 1 38 ? -5.658  3.240   -4.857  1.00 47.66 ? 38  TYR B CE1 1 
ATOM   968  C CE2 . TYR B 1 38 ? -6.305  3.742   -2.594  1.00 46.51 ? 38  TYR B CE2 1 
ATOM   969  C CZ  . TYR B 1 38 ? -5.458  3.933   -3.670  1.00 50.29 ? 38  TYR B CZ  1 
ATOM   970  O OH  . TYR B 1 38 ? -4.416  4.825   -3.563  1.00 51.84 ? 38  TYR B OH  1 
ATOM   971  N N   . ILE B 1 39 ? -9.844  -2.058  -3.947  1.00 49.50 ? 39  ILE B N   1 
ATOM   972  C CA  . ILE B 1 39 ? -10.688 -3.107  -3.374  1.00 48.04 ? 39  ILE B CA  1 
ATOM   973  C C   . ILE B 1 39 ? -9.829  -4.141  -2.653  1.00 49.28 ? 39  ILE B C   1 
ATOM   974  O O   . ILE B 1 39 ? -10.001 -4.412  -1.451  1.00 46.25 ? 39  ILE B O   1 
ATOM   975  C CB  . ILE B 1 39 ? -11.537 -3.760  -4.478  1.00 48.99 ? 39  ILE B CB  1 
ATOM   976  C CG1 . ILE B 1 39 ? -12.599 -2.769  -4.998  1.00 52.21 ? 39  ILE B CG1 1 
ATOM   977  C CG2 . ILE B 1 39 ? -12.127 -5.084  -4.003  1.00 46.50 ? 39  ILE B CG2 1 
ATOM   978  C CD1 . ILE B 1 39 ? -13.472 -3.331  -6.113  1.00 50.05 ? 39  ILE B CD1 1 
ATOM   979  N N   . MET B 1 40 ? -8.884  -4.728  -3.389  1.00 51.13 ? 40  MET B N   1 
ATOM   980  C CA  . MET B 1 40 ? -7.974  -5.709  -2.823  1.00 48.99 ? 40  MET B CA  1 
ATOM   981  C C   . MET B 1 40 ? -7.187  -5.115  -1.668  1.00 51.47 ? 40  MET B C   1 
ATOM   982  O O   . MET B 1 40 ? -6.962  -5.777  -0.647  1.00 52.05 ? 40  MET B O   1 
ATOM   983  C CB  . MET B 1 40 ? -7.035  -6.209  -3.917  1.00 47.15 ? 40  MET B CB  1 
ATOM   984  C CG  . MET B 1 40 ? -6.647  -7.668  -3.767  1.00 54.68 ? 40  MET B CG  1 
ATOM   985  S SD  . MET B 1 40 ? -5.689  -8.269  -5.175  1.00 62.42 ? 40  MET B SD  1 
ATOM   986  C CE  . MET B 1 40 ? -5.146  -9.874  -4.576  1.00 52.72 ? 40  MET B CE  1 
ATOM   987  N N   . PHE B 1 41 ? -6.755  -3.865  -1.815  1.00 51.15 ? 41  PHE B N   1 
ATOM   988  C CA  . PHE B 1 41 ? -6.022  -3.214  -0.739  1.00 48.67 ? 41  PHE B CA  1 
ATOM   989  C C   . PHE B 1 41 ? -6.921  -3.001  0.468   1.00 48.81 ? 41  PHE B C   1 
ATOM   990  O O   . PHE B 1 41 ? -6.482  -3.154  1.613   1.00 51.63 ? 41  PHE B O   1 
ATOM   991  C CB  . PHE B 1 41 ? -5.431  -1.898  -1.227  1.00 48.85 ? 41  PHE B CB  1 
ATOM   992  C CG  . PHE B 1 41 ? -4.188  -1.507  -0.506  1.00 49.15 ? 41  PHE B CG  1 
ATOM   993  C CD1 . PHE B 1 41 ? -4.251  -0.895  0.738   1.00 50.71 ? 41  PHE B CD1 1 
ATOM   994  C CD2 . PHE B 1 41 ? -2.948  -1.772  -1.059  1.00 53.14 ? 41  PHE B CD2 1 
ATOM   995  C CE1 . PHE B 1 41 ? -3.101  -0.547  1.413   1.00 50.17 ? 41  PHE B CE1 1 
ATOM   996  C CE2 . PHE B 1 41 ? -1.793  -1.422  -0.391  1.00 54.26 ? 41  PHE B CE2 1 
ATOM   997  C CZ  . PHE B 1 41 ? -1.876  -0.810  0.847   1.00 55.04 ? 41  PHE B CZ  1 
ATOM   998  N N   . PHE B 1 42 ? -8.184  -2.644  0.229   1.00 47.80 ? 42  PHE B N   1 
ATOM   999  C CA  . PHE B 1 42 ? -9.154  -2.528  1.311   1.00 51.95 ? 42  PHE B CA  1 
ATOM   1000 C C   . PHE B 1 42 ? -9.212  -3.818  2.128   1.00 51.85 ? 42  PHE B C   1 
ATOM   1001 O O   . PHE B 1 42 ? -8.949  -3.818  3.339   1.00 49.45 ? 42  PHE B O   1 
ATOM   1002 C CB  . PHE B 1 42 ? -10.528 -2.187  0.721   1.00 50.70 ? 42  PHE B CB  1 
ATOM   1003 C CG  . PHE B 1 42 ? -11.594 -1.889  1.742   1.00 51.15 ? 42  PHE B CG  1 
ATOM   1004 C CD1 . PHE B 1 42 ? -11.734 -0.614  2.267   1.00 50.15 ? 42  PHE B CD1 1 
ATOM   1005 C CD2 . PHE B 1 42 ? -12.476 -2.878  2.156   1.00 53.82 ? 42  PHE B CD2 1 
ATOM   1006 C CE1 . PHE B 1 42 ? -12.735 -0.334  3.195   1.00 52.94 ? 42  PHE B CE1 1 
ATOM   1007 C CE2 . PHE B 1 42 ? -13.479 -2.605  3.094   1.00 51.70 ? 42  PHE B CE2 1 
ATOM   1008 C CZ  . PHE B 1 42 ? -13.609 -1.338  3.610   1.00 48.95 ? 42  PHE B CZ  1 
ATOM   1009 N N   . LEU B 1 43 ? -9.513  -4.942  1.464   1.00 51.82 ? 43  LEU B N   1 
ATOM   1010 C CA  . LEU B 1 43 ? -9.597  -6.212  2.180   1.00 48.67 ? 43  LEU B CA  1 
ATOM   1011 C C   . LEU B 1 43 ? -8.275  -6.551  2.855   1.00 50.85 ? 43  LEU B C   1 
ATOM   1012 O O   . LEU B 1 43 ? -8.257  -7.097  3.966   1.00 48.59 ? 43  LEU B O   1 
ATOM   1013 C CB  . LEU B 1 43 ? -10.009 -7.327  1.224   1.00 49.52 ? 43  LEU B CB  1 
ATOM   1014 C CG  . LEU B 1 43 ? -11.366 -7.143  0.534   1.00 51.71 ? 43  LEU B CG  1 
ATOM   1015 C CD1 . LEU B 1 43 ? -11.579 -8.232  -0.492  1.00 52.94 ? 43  LEU B CD1 1 
ATOM   1016 C CD2 . LEU B 1 43 ? -12.516 -7.118  1.536   1.00 49.56 ? 43  LEU B CD2 1 
ATOM   1017 N N   . GLY B 1 44 ? -7.157  -6.221  2.201   1.00 52.63 ? 44  GLY B N   1 
ATOM   1018 C CA  . GLY B 1 44 ? -5.855  -6.484  2.794   1.00 51.49 ? 44  GLY B CA  1 
ATOM   1019 C C   . GLY B 1 44 ? -5.658  -5.741  4.101   1.00 49.57 ? 44  GLY B C   1 
ATOM   1020 O O   . GLY B 1 44 ? -5.245  -6.325  5.103   1.00 44.19 ? 44  GLY B O   1 
ATOM   1021 N N   . VAL B 1 45 ? -5.967  -4.438  4.107   1.00 48.71 ? 45  VAL B N   1 
ATOM   1022 C CA  . VAL B 1 45 ? -5.861  -3.643  5.330   1.00 50.95 ? 45  VAL B CA  1 
ATOM   1023 C C   . VAL B 1 45 ? -6.836  -4.154  6.386   1.00 50.51 ? 45  VAL B C   1 
ATOM   1024 O O   . VAL B 1 45 ? -6.537  -4.148  7.588   1.00 48.61 ? 45  VAL B O   1 
ATOM   1025 C CB  . VAL B 1 45 ? -6.094  -2.152  5.016   1.00 51.81 ? 45  VAL B CB  1 
ATOM   1026 C CG1 . VAL B 1 45 ? -6.095  -1.320  6.284   1.00 50.36 ? 45  VAL B CG1 1 
ATOM   1027 C CG2 . VAL B 1 45 ? -5.036  -1.641  4.062   1.00 50.09 ? 45  VAL B CG2 1 
ATOM   1028 N N   . VAL B 1 46 ? -8.025  -4.585  5.958   1.00 50.19 ? 46  VAL B N   1 
ATOM   1029 C CA  . VAL B 1 46 ? -8.987  -5.180  6.881   1.00 49.15 ? 46  VAL B CA  1 
ATOM   1030 C C   . VAL B 1 46 ? -8.379  -6.396  7.582   1.00 50.10 ? 46  VAL B C   1 
ATOM   1031 O O   . VAL B 1 46 ? -8.425  -6.506  8.815   1.00 48.14 ? 46  VAL B O   1 
ATOM   1032 C CB  . VAL B 1 46 ? -10.287 -5.526  6.133   1.00 47.37 ? 46  VAL B CB  1 
ATOM   1033 C CG1 . VAL B 1 46 ? -11.173 -6.457  6.948   1.00 44.90 ? 46  VAL B CG1 1 
ATOM   1034 C CG2 . VAL B 1 46 ? -11.034 -4.253  5.781   1.00 45.36 ? 46  VAL B CG2 1 
ATOM   1035 N N   . LEU B 1 47 ? -7.758  -7.305  6.814   1.00 48.38 ? 47  LEU B N   1 
ATOM   1036 C CA  . LEU B 1 47 ? -7.165  -8.502  7.414   1.00 49.83 ? 47  LEU B CA  1 
ATOM   1037 C C   . LEU B 1 47 ? -5.927  -8.183  8.249   1.00 53.04 ? 47  LEU B C   1 
ATOM   1038 O O   . LEU B 1 47 ? -5.674  -8.860  9.251   1.00 55.15 ? 47  LEU B O   1 
ATOM   1039 C CB  . LEU B 1 47 ? -6.806  -9.528  6.339   1.00 50.69 ? 47  LEU B CB  1 
ATOM   1040 C CG  . LEU B 1 47 ? -7.985  -10.223 5.653   1.00 53.51 ? 47  LEU B CG  1 
ATOM   1041 C CD1 . LEU B 1 47 ? -7.535  -11.461 4.880   1.00 52.25 ? 47  LEU B CD1 1 
ATOM   1042 C CD2 . LEU B 1 47 ? -9.044  -10.575 6.679   1.00 52.64 ? 47  LEU B CD2 1 
ATOM   1043 N N   . TRP B 1 48 ? -5.136  -7.178  7.856   1.00 51.12 ? 48  TRP B N   1 
ATOM   1044 C CA  . TRP B 1 48 ? -4.015  -6.748  8.687   1.00 48.39 ? 48  TRP B CA  1 
ATOM   1045 C C   . TRP B 1 48 ? -4.509  -6.199  10.016  1.00 52.30 ? 48  TRP B C   1 
ATOM   1046 O O   . TRP B 1 48 ? -3.856  -6.370  11.052  1.00 53.07 ? 48  TRP B O   1 
ATOM   1047 C CB  . TRP B 1 48 ? -3.188  -5.684  7.969   1.00 52.32 ? 48  TRP B CB  1 
ATOM   1048 C CG  . TRP B 1 48 ? -2.114  -6.200  7.075   1.00 52.02 ? 48  TRP B CG  1 
ATOM   1049 C CD1 . TRP B 1 48 ? -1.975  -5.960  5.743   1.00 53.74 ? 48  TRP B CD1 1 
ATOM   1050 C CD2 . TRP B 1 48 ? -1.001  -7.024  7.455   1.00 53.81 ? 48  TRP B CD2 1 
ATOM   1051 N NE1 . TRP B 1 48 ? -0.848  -6.593  5.263   1.00 56.54 ? 48  TRP B NE1 1 
ATOM   1052 C CE2 . TRP B 1 48 ? -0.236  -7.255  6.295   1.00 53.98 ? 48  TRP B CE2 1 
ATOM   1053 C CE3 . TRP B 1 48 ? -0.581  -7.592  8.665   1.00 53.43 ? 48  TRP B CE3 1 
ATOM   1054 C CZ2 . TRP B 1 48 ? 0.922   -8.034  6.307   1.00 53.18 ? 48  TRP B CZ2 1 
ATOM   1055 C CZ3 . TRP B 1 48 ? 0.572   -8.363  8.675   1.00 50.40 ? 48  TRP B CZ3 1 
ATOM   1056 C CH2 . TRP B 1 48 ? 1.308   -8.578  7.505   1.00 49.07 ? 48  TRP B CH2 1 
ATOM   1057 N N   . PHE B 1 49 ? -5.653  -5.512  9.994   1.00 54.26 ? 49  PHE B N   1 
ATOM   1058 C CA  . PHE B 1 49 ? -6.237  -4.951  11.207  1.00 53.92 ? 49  PHE B CA  1 
ATOM   1059 C C   . PHE B 1 49 ? -6.812  -6.050  12.088  1.00 51.89 ? 49  PHE B C   1 
ATOM   1060 O O   . PHE B 1 49 ? -6.748  -5.969  13.321  1.00 52.18 ? 49  PHE B O   1 
ATOM   1061 C CB  . PHE B 1 49 ? -7.312  -3.937  10.809  1.00 52.28 ? 49  PHE B CB  1 
ATOM   1062 C CG  . PHE B 1 49 ? -8.284  -3.593  11.900  1.00 51.07 ? 49  PHE B CG  1 
ATOM   1063 C CD1 . PHE B 1 49 ? -9.493  -4.270  12.013  1.00 53.22 ? 49  PHE B CD1 1 
ATOM   1064 C CD2 . PHE B 1 49 ? -8.008  -2.573  12.791  1.00 53.07 ? 49  PHE B CD2 1 
ATOM   1065 C CE1 . PHE B 1 49 ? -10.401 -3.938  13.006  1.00 53.96 ? 49  PHE B CE1 1 
ATOM   1066 C CE2 . PHE B 1 49 ? -8.909  -2.235  13.787  1.00 55.22 ? 49  PHE B CE2 1 
ATOM   1067 C CZ  . PHE B 1 49 ? -10.108 -2.914  13.892  1.00 54.26 ? 49  PHE B CZ  1 
ATOM   1068 N N   . VAL B 1 50 ? -7.383  -7.085  11.465  1.00 51.89 ? 50  VAL B N   1 
ATOM   1069 C CA  . VAL B 1 50 ? -7.866  -8.234  12.218  1.00 54.06 ? 50  VAL B CA  1 
ATOM   1070 C C   . VAL B 1 50 ? -6.694  -8.984  12.827  1.00 56.95 ? 50  VAL B C   1 
ATOM   1071 O O   . VAL B 1 50 ? -6.793  -9.533  13.930  1.00 54.85 ? 50  VAL B O   1 
ATOM   1072 C CB  . VAL B 1 50 ? -8.721  -9.137  11.313  1.00 52.39 ? 50  VAL B CB  1 
ATOM   1073 C CG1 . VAL B 1 50 ? -9.072  -10.439 12.021  1.00 54.04 ? 50  VAL B CG1 1 
ATOM   1074 C CG2 . VAL B 1 50 ? -9.990  -8.409  10.913  1.00 51.43 ? 50  VAL B CG2 1 
ATOM   1075 N N   . TYR B 1 51 ? -5.570  -9.034  12.107  1.00 58.40 ? 51  TYR B N   1 
ATOM   1076 C CA  . TYR B 1 51 ? -4.357  -9.648  12.630  1.00 57.73 ? 51  TYR B CA  1 
ATOM   1077 C C   . TYR B 1 51 ? -3.808  -8.839  13.799  1.00 58.18 ? 51  TYR B C   1 
ATOM   1078 O O   . TYR B 1 51 ? -3.324  -9.406  14.787  1.00 59.60 ? 51  TYR B O   1 
ATOM   1079 C CB  . TYR B 1 51 ? -3.328  -9.773  11.503  1.00 59.43 ? 51  TYR B CB  1 
ATOM   1080 C CG  . TYR B 1 51 ? -1.990  -10.317 11.944  1.00 62.96 ? 51  TYR B CG  1 
ATOM   1081 C CD1 . TYR B 1 51 ? -0.964  -9.461  12.313  1.00 61.95 ? 51  TYR B CD1 1 
ATOM   1082 C CD2 . TYR B 1 51 ? -1.758  -11.685 12.004  1.00 63.49 ? 51  TYR B CD2 1 
ATOM   1083 C CE1 . TYR B 1 51 ? 0.251   -9.944  12.725  1.00 63.81 ? 51  TYR B CE1 1 
ATOM   1084 C CE2 . TYR B 1 51 ? -0.536  -12.182 12.415  1.00 65.43 ? 51  TYR B CE2 1 
ATOM   1085 C CZ  . TYR B 1 51 ? 0.464   -11.302 12.779  1.00 68.47 ? 51  TYR B CZ  1 
ATOM   1086 O OH  . TYR B 1 51 ? 1.690   -11.765 13.198  1.00 77.41 ? 51  TYR B OH  1 
ATOM   1087 N N   . GLY B 1 52 ? -3.877  -7.511  13.702  1.00 57.20 ? 52  GLY B N   1 
ATOM   1088 C CA  . GLY B 1 52 ? -3.428  -6.670  14.797  1.00 57.99 ? 52  GLY B CA  1 
ATOM   1089 C C   . GLY B 1 52 ? -4.274  -6.844  16.043  1.00 58.85 ? 52  GLY B C   1 
ATOM   1090 O O   . GLY B 1 52 ? -3.746  -6.906  17.156  1.00 62.16 ? 52  GLY B O   1 
ATOM   1091 N N   . ILE B 1 53 ? -5.599  -6.906  15.881  1.00 55.14 ? 53  ILE B N   1 
ATOM   1092 C CA  . ILE B 1 53 ? -6.450  -7.149  17.041  1.00 57.79 ? 53  ILE B CA  1 
ATOM   1093 C C   . ILE B 1 53 ? -6.231  -8.556  17.579  1.00 60.04 ? 53  ILE B C   1 
ATOM   1094 O O   . ILE B 1 53 ? -6.190  -8.766  18.796  1.00 60.37 ? 53  ILE B O   1 
ATOM   1095 C CB  . ILE B 1 53 ? -7.932  -6.914  16.703  1.00 58.45 ? 53  ILE B CB  1 
ATOM   1096 C CG1 . ILE B 1 53 ? -8.180  -5.454  16.348  1.00 57.67 ? 53  ILE B CG1 1 
ATOM   1097 C CG2 . ILE B 1 53 ? -8.800  -7.285  17.879  1.00 59.46 ? 53  ILE B CG2 1 
ATOM   1098 C CD1 . ILE B 1 53 ? -9.641  -5.106  16.326  1.00 56.49 ? 53  ILE B CD1 1 
ATOM   1099 N N   . LEU B 1 54 ? -6.086  -9.540  16.687  1.00 60.26 ? 54  LEU B N   1 
ATOM   1100 C CA  . LEU B 1 54 ? -5.886  -10.915 17.127  1.00 59.41 ? 54  LEU B CA  1 
ATOM   1101 C C   . LEU B 1 54 ? -4.587  -11.067 17.899  1.00 62.34 ? 54  LEU B C   1 
ATOM   1102 O O   . LEU B 1 54 ? -4.510  -11.887 18.819  1.00 65.24 ? 54  LEU B O   1 
ATOM   1103 C CB  . LEU B 1 54 ? -5.904  -11.875 15.928  1.00 60.32 ? 54  LEU B CB  1 
ATOM   1104 C CG  . LEU B 1 54 ? -7.247  -12.457 15.447  1.00 58.18 ? 54  LEU B CG  1 
ATOM   1105 C CD1 . LEU B 1 54 ? -7.087  -13.268 14.169  1.00 53.25 ? 54  LEU B CD1 1 
ATOM   1106 C CD2 . LEU B 1 54 ? -7.902  -13.315 16.514  1.00 57.83 ? 54  LEU B CD2 1 
ATOM   1107 N N   . ARG B 1 55 ? -3.574  -10.266 17.570  1.00 63.17 ? 55  ARG B N   1 
ATOM   1108 C CA  . ARG B 1 55 ? -2.284  -10.304 18.247  1.00 63.49 ? 55  ARG B CA  1 
ATOM   1109 C C   . ARG B 1 55 ? -2.156  -9.203  19.292  1.00 64.48 ? 55  ARG B C   1 
ATOM   1110 O O   . ARG B 1 55 ? -1.088  -9.069  19.901  1.00 67.58 ? 55  ARG B O   1 
ATOM   1111 C CB  . ARG B 1 55 ? -1.147  -10.161 17.228  1.00 62.48 ? 55  ARG B CB  1 
ATOM   1112 C CG  . ARG B 1 55 ? -1.088  -11.253 16.181  1.00 65.12 ? 55  ARG B CG  1 
ATOM   1113 C CD  . ARG B 1 55 ? -0.560  -12.551 16.734  1.00 67.91 ? 55  ARG B CD  1 
ATOM   1114 N NE  . ARG B 1 55 ? 0.819   -12.403 17.185  1.00 73.10 ? 55  ARG B NE  1 
ATOM   1115 C CZ  . ARG B 1 55 ? 1.564   -13.409 17.629  1.00 74.37 ? 55  ARG B CZ  1 
ATOM   1116 N NH1 . ARG B 1 55 ? 1.051   -14.632 17.673  1.00 73.03 ? 55  ARG B NH1 1 
ATOM   1117 N NH2 . ARG B 1 55 ? 2.815   -13.192 18.025  1.00 71.04 ? 55  ARG B NH2 1 
ATOM   1118 N N   . SER B 1 56 ? -3.220  -8.417  19.502  1.00 63.12 ? 56  SER B N   1 
ATOM   1119 C CA  . SER B 1 56 ? -3.234  -7.296  20.450  1.00 64.23 ? 56  SER B CA  1 
ATOM   1120 C C   . SER B 1 56 ? -2.046  -6.361  20.231  1.00 65.75 ? 56  SER B C   1 
ATOM   1121 O O   . SER B 1 56 ? -1.488  -5.800  21.178  1.00 67.98 ? 56  SER B O   1 
ATOM   1122 C CB  . SER B 1 56 ? -3.283  -7.783  21.900  1.00 64.65 ? 56  SER B CB  1 
ATOM   1123 O OG  . SER B 1 56 ? -4.490  -8.471  22.163  1.00 61.58 ? 56  SER B OG  1 
ATOM   1124 N N   . ALA B 1 57 ? -1.664  -6.186  18.963  1.00 64.59 ? 57  ALA B N   1 
ATOM   1125 C CA  . ALA B 1 57 ? -0.550  -5.318  18.574  1.00 62.48 ? 57  ALA B CA  1 
ATOM   1126 C C   . ALA B 1 57 ? -1.131  -3.957  18.194  1.00 61.33 ? 57  ALA B C   1 
ATOM   1127 O O   . ALA B 1 57 ? -1.428  -3.680  17.030  1.00 63.31 ? 57  ALA B O   1 
ATOM   1128 C CB  . ALA B 1 57 ? 0.255   -5.938  17.436  1.00 61.18 ? 57  ALA B CB  1 
ATOM   1129 N N   . LEU B 1 58 ? -1.297  -3.110  19.200  1.00 60.12 ? 58  LEU B N   1 
ATOM   1130 C CA  . LEU B 1 58 ? -1.839  -1.769  18.987  1.00 62.17 ? 58  LEU B CA  1 
ATOM   1131 C C   . LEU B 1 58 ? -1.142  -0.949  17.897  1.00 60.70 ? 58  LEU B C   1 
ATOM   1132 O O   . LEU B 1 58 ? -1.848  -0.220  17.182  1.00 57.80 ? 58  LEU B O   1 
ATOM   1133 C CB  . LEU B 1 58 ? -1.861  -1.016  20.325  1.00 60.15 ? 58  LEU B CB  1 
ATOM   1134 C CG  . LEU B 1 58 ? -2.956  -1.453  21.325  1.00 63.65 ? 58  LEU B CG  1 
ATOM   1135 C CD1 . LEU B 1 58 ? -2.859  -2.905  21.838  1.00 59.75 ? 58  LEU B CD1 1 
ATOM   1136 C CD2 . LEU B 1 58 ? -3.031  -0.492  22.501  1.00 61.05 ? 58  LEU B CD2 1 
ATOM   1137 N N   . PRO B 1 59 ? 0.189   -0.982  17.714  1.00 63.39 ? 59  PRO B N   1 
ATOM   1138 C CA  . PRO B 1 59 ? 0.776   -0.198  16.603  1.00 62.49 ? 59  PRO B CA  1 
ATOM   1139 C C   . PRO B 1 59 ? 0.290   -0.648  15.229  1.00 58.30 ? 59  PRO B C   1 
ATOM   1140 O O   . PRO B 1 59 ? 0.124   0.189   14.324  1.00 59.22 ? 59  PRO B O   1 
ATOM   1141 C CB  . PRO B 1 59 ? 2.290   -0.416  16.777  1.00 64.75 ? 59  PRO B CB  1 
ATOM   1142 C CG  . PRO B 1 59 ? 2.457   -0.773  18.215  1.00 64.90 ? 59  PRO B CG  1 
ATOM   1143 C CD  . PRO B 1 59 ? 1.237   -1.572  18.566  1.00 60.92 ? 59  PRO B CD  1 
ATOM   1144 N N   . ILE B 1 60 ? 0.036   -1.949  15.057  1.00 59.01 ? 60  ILE B N   1 
ATOM   1145 C CA  . ILE B 1 60 ? -0.495  -2.463  13.797  1.00 59.74 ? 60  ILE B CA  1 
ATOM   1146 C C   . ILE B 1 60 ? -1.947  -2.016  13.635  1.00 60.11 ? 60  ILE B C   1 
ATOM   1147 O O   . ILE B 1 60 ? -2.387  -1.624  12.543  1.00 56.50 ? 60  ILE B O   1 
ATOM   1148 C CB  . ILE B 1 60 ? -0.372  -3.999  13.762  1.00 58.68 ? 60  ILE B CB  1 
ATOM   1149 C CG1 . ILE B 1 60 ? 1.080   -4.434  13.951  1.00 59.24 ? 60  ILE B CG1 1 
ATOM   1150 C CG2 . ILE B 1 60 ? -0.871  -4.563  12.429  1.00 56.19 ? 60  ILE B CG2 1 
ATOM   1151 C CD1 . ILE B 1 60 ? 1.279   -5.944  13.836  1.00 61.17 ? 60  ILE B CD1 1 
ATOM   1152 N N   . ILE B 1 61 ? -2.702  -2.053  14.739  1.00 58.89 ? 61  ILE B N   1 
ATOM   1153 C CA  . ILE B 1 61 ? -4.092  -1.606  14.743  1.00 59.01 ? 61  ILE B CA  1 
ATOM   1154 C C   . ILE B 1 61 ? -4.181  -0.138  14.338  1.00 56.27 ? 61  ILE B C   1 
ATOM   1155 O O   . ILE B 1 61 ? -5.031  0.254   13.532  1.00 51.06 ? 61  ILE B O   1 
ATOM   1156 C CB  . ILE B 1 61 ? -4.707  -1.837  16.134  1.00 56.29 ? 61  ILE B CB  1 
ATOM   1157 C CG1 . ILE B 1 61 ? -4.648  -3.330  16.489  1.00 58.68 ? 61  ILE B CG1 1 
ATOM   1158 C CG2 . ILE B 1 61 ? -6.123  -1.311  16.179  1.00 53.21 ? 61  ILE B CG2 1 
ATOM   1159 C CD1 . ILE B 1 61 ? -5.079  -3.648  17.916  1.00 57.06 ? 61  ILE B CD1 1 
ATOM   1160 N N   . LEU B 1 62 ? -3.319  0.697   14.917  1.00 56.64 ? 62  LEU B N   1 
ATOM   1161 C CA  . LEU B 1 62 ? -3.344  2.126   14.628  1.00 56.53 ? 62  LEU B CA  1 
ATOM   1162 C C   . LEU B 1 62 ? -3.001  2.396   13.169  1.00 55.98 ? 62  LEU B C   1 
ATOM   1163 O O   . LEU B 1 62 ? -3.786  3.016   12.431  1.00 55.31 ? 62  LEU B O   1 
ATOM   1164 C CB  . LEU B 1 62 ? -2.367  2.857   15.555  1.00 55.30 ? 62  LEU B CB  1 
ATOM   1165 C CG  . LEU B 1 62 ? -2.826  3.232   16.974  1.00 55.07 ? 62  LEU B CG  1 
ATOM   1166 C CD1 . LEU B 1 62 ? -1.811  4.169   17.615  1.00 53.05 ? 62  LEU B CD1 1 
ATOM   1167 C CD2 . LEU B 1 62 ? -4.235  3.838   17.014  1.00 52.22 ? 62  LEU B CD2 1 
ATOM   1168 N N   . ALA B 1 63 ? -1.821  1.936   12.738  1.00 55.97 ? 63  ALA B N   1 
ATOM   1169 C CA  . ALA B 1 63 ? -1.400  2.163   11.359  1.00 54.35 ? 63  ALA B CA  1 
ATOM   1170 C C   . ALA B 1 63 ? -2.461  1.694   10.371  1.00 52.42 ? 63  ALA B C   1 
ATOM   1171 O O   . ALA B 1 63 ? -2.782  2.394   9.401   1.00 52.31 ? 63  ALA B O   1 
ATOM   1172 C CB  . ALA B 1 63 ? -0.071  1.459   11.093  1.00 54.14 ? 63  ALA B CB  1 
ATOM   1173 N N   . ASN B 1 64 ? -3.016  0.502   10.600  1.00 51.67 ? 64  ASN B N   1 
ATOM   1174 C CA  . ASN B 1 64 ? -3.992  -0.025  9.652   1.00 52.53 ? 64  ASN B CA  1 
ATOM   1175 C C   . ASN B 1 64 ? -5.351  0.669   9.752   1.00 51.87 ? 64  ASN B C   1 
ATOM   1176 O O   . ASN B 1 64 ? -6.076  0.717   8.760   1.00 48.76 ? 64  ASN B O   1 
ATOM   1177 C CB  . ASN B 1 64 ? -4.106  -1.536  9.825   1.00 53.64 ? 64  ASN B CB  1 
ATOM   1178 C CG  . ASN B 1 64 ? -2.873  -2.258  9.291   1.00 56.50 ? 64  ASN B CG  1 
ATOM   1179 O OD1 . ASN B 1 64 ? -2.798  -2.594  8.105   1.00 52.96 ? 64  ASN B OD1 1 
ATOM   1180 N ND2 . ASN B 1 64 ? -1.882  -2.453  10.154  1.00 58.19 ? 64  ASN B ND2 1 
ATOM   1181 N N   . VAL B 1 65 ? -5.716  1.220   10.914  1.00 53.64 ? 65  VAL B N   1 
ATOM   1182 C CA  . VAL B 1 65 ? -6.930  2.038   11.000  1.00 51.62 ? 65  VAL B CA  1 
ATOM   1183 C C   . VAL B 1 65 ? -6.778  3.312   10.174  1.00 51.99 ? 65  VAL B C   1 
ATOM   1184 O O   . VAL B 1 65 ? -7.675  3.689   9.406   1.00 48.41 ? 65  VAL B O   1 
ATOM   1185 C CB  . VAL B 1 65 ? -7.274  2.356   12.468  1.00 53.82 ? 65  VAL B CB  1 
ATOM   1186 C CG1 . VAL B 1 65 ? -8.177  3.583   12.563  1.00 50.50 ? 65  VAL B CG1 1 
ATOM   1187 C CG2 . VAL B 1 65 ? -7.966  1.164   13.118  1.00 54.65 ? 65  VAL B CG2 1 
ATOM   1188 N N   . VAL B 1 66 ? -5.645  4.003   10.322  1.00 52.92 ? 66  VAL B N   1 
ATOM   1189 C CA  . VAL B 1 66 ? -5.417  5.199   9.509   1.00 54.53 ? 66  VAL B CA  1 
ATOM   1190 C C   . VAL B 1 66 ? -5.407  4.841   8.023   1.00 50.96 ? 66  VAL B C   1 
ATOM   1191 O O   . VAL B 1 66 ? -6.055  5.509   7.196   1.00 50.93 ? 66  VAL B O   1 
ATOM   1192 C CB  . VAL B 1 66 ? -4.120  5.911   9.941   1.00 48.31 ? 66  VAL B CB  1 
ATOM   1193 C CG1 . VAL B 1 66 ? -3.912  7.172   9.125   1.00 51.19 ? 66  VAL B CG1 1 
ATOM   1194 C CG2 . VAL B 1 66 ? -4.193  6.270   11.412  1.00 40.12 ? 66  VAL B CG2 1 
ATOM   1195 N N   . THR B 1 67 ? -4.687  3.773   7.659   1.00 48.36 ? 67  THR B N   1 
ATOM   1196 C CA  . THR B 1 67 ? -4.677  3.362   6.255   1.00 54.19 ? 67  THR B CA  1 
ATOM   1197 C C   . THR B 1 67 ? -6.083  3.009   5.767   1.00 50.58 ? 67  THR B C   1 
ATOM   1198 O O   . THR B 1 67 ? -6.492  3.431   4.683   1.00 46.52 ? 67  THR B O   1 
ATOM   1199 C CB  . THR B 1 67 ? -3.733  2.175   6.035   1.00 54.07 ? 67  THR B CB  1 
ATOM   1200 O OG1 . THR B 1 67 ? -2.429  2.475   6.554   1.00 55.86 ? 67  THR B OG1 1 
ATOM   1201 C CG2 . THR B 1 67 ? -3.611  1.889   4.542   1.00 47.14 ? 67  THR B CG2 1 
ATOM   1202 N N   . LEU B 1 68 ? -6.853  2.267   6.572   1.00 50.72 ? 68  LEU B N   1 
ATOM   1203 C CA  . LEU B 1 68 ? -8.214  1.902   6.176   1.00 50.33 ? 68  LEU B CA  1 
ATOM   1204 C C   . LEU B 1 68 ? -9.067  3.142   5.950   1.00 48.08 ? 68  LEU B C   1 
ATOM   1205 O O   . LEU B 1 68 ? -9.894  3.178   5.033   1.00 47.74 ? 68  LEU B O   1 
ATOM   1206 C CB  . LEU B 1 68 ? -8.864  0.985   7.218   1.00 48.31 ? 68  LEU B CB  1 
ATOM   1207 C CG  . LEU B 1 68 ? -10.228 0.402   6.805   1.00 46.91 ? 68  LEU B CG  1 
ATOM   1208 C CD1 . LEU B 1 68 ? -10.064 -0.439  5.559   1.00 50.08 ? 68  LEU B CD1 1 
ATOM   1209 C CD2 . LEU B 1 68 ? -10.888 -0.433  7.903   1.00 41.56 ? 68  LEU B CD2 1 
ATOM   1210 N N   . PHE B 1 69 ? -8.904  4.157   6.797   1.00 49.40 ? 69  PHE B N   1 
ATOM   1211 C CA  . PHE B 1 69 ? -9.557  5.433   6.547   1.00 47.54 ? 69  PHE B CA  1 
ATOM   1212 C C   . PHE B 1 69 ? -9.204  5.965   5.162   1.00 46.31 ? 69  PHE B C   1 
ATOM   1213 O O   . PHE B 1 69 ? -10.081 6.094   4.293   1.00 45.35 ? 69  PHE B O   1 
ATOM   1214 C CB  . PHE B 1 69 ? -9.165  6.436   7.637   1.00 50.84 ? 69  PHE B CB  1 
ATOM   1215 C CG  . PHE B 1 69 ? -9.980  7.688   7.616   1.00 51.54 ? 69  PHE B CG  1 
ATOM   1216 C CD1 . PHE B 1 69 ? -11.305 7.671   8.026   1.00 55.83 ? 69  PHE B CD1 1 
ATOM   1217 C CD2 . PHE B 1 69 ? -9.429  8.883   7.181   1.00 54.25 ? 69  PHE B CD2 1 
ATOM   1218 C CE1 . PHE B 1 69 ? -12.075 8.828   8.002   1.00 57.44 ? 69  PHE B CE1 1 
ATOM   1219 C CE2 . PHE B 1 69 ? -10.196 10.048  7.150   1.00 55.52 ? 69  PHE B CE2 1 
ATOM   1220 C CZ  . PHE B 1 69 ? -11.517 10.020  7.567   1.00 53.79 ? 69  PHE B CZ  1 
ATOM   1221 N N   . PHE B 1 70 ? -7.906  6.217   4.926   1.00 49.41 ? 70  PHE B N   1 
ATOM   1222 C CA  . PHE B 1 70 ? -7.464  6.790   3.652   1.00 47.36 ? 70  PHE B CA  1 
ATOM   1223 C C   . PHE B 1 70 ? -7.973  5.997   2.460   1.00 44.57 ? 70  PHE B C   1 
ATOM   1224 O O   . PHE B 1 70 ? -8.595  6.548   1.538   1.00 48.17 ? 70  PHE B O   1 
ATOM   1225 C CB  . PHE B 1 70 ? -5.941  6.830   3.585   1.00 48.60 ? 70  PHE B CB  1 
ATOM   1226 C CG  . PHE B 1 70 ? -5.320  7.748   4.562   1.00 50.50 ? 70  PHE B CG  1 
ATOM   1227 C CD1 . PHE B 1 70 ? -6.029  8.829   5.048   1.00 52.10 ? 70  PHE B CD1 1 
ATOM   1228 C CD2 . PHE B 1 70 ? -4.004  7.569   4.960   1.00 51.87 ? 70  PHE B CD2 1 
ATOM   1229 C CE1 . PHE B 1 70 ? -5.451  9.702   5.946   1.00 54.07 ? 70  PHE B CE1 1 
ATOM   1230 C CE2 . PHE B 1 70 ? -3.414  8.435   5.855   1.00 52.14 ? 70  PHE B CE2 1 
ATOM   1231 C CZ  . PHE B 1 70 ? -4.139  9.506   6.352   1.00 52.97 ? 70  PHE B CZ  1 
ATOM   1232 N N   . VAL B 1 71 ? -7.704  4.693   2.464   1.00 44.50 ? 71  VAL B N   1 
ATOM   1233 C CA  . VAL B 1 71 ? -8.098  3.832   1.357   1.00 48.34 ? 71  VAL B CA  1 
ATOM   1234 C C   . VAL B 1 71 ? -9.607  3.854   1.170   1.00 46.10 ? 71  VAL B C   1 
ATOM   1235 O O   . VAL B 1 71 ? -10.103 3.864   0.039   1.00 43.68 ? 71  VAL B O   1 
ATOM   1236 C CB  . VAL B 1 71 ? -7.564  2.407   1.591   1.00 47.49 ? 71  VAL B CB  1 
ATOM   1237 C CG1 . VAL B 1 71 ? -8.150  1.430   0.583   1.00 47.00 ? 71  VAL B CG1 1 
ATOM   1238 C CG2 . VAL B 1 71 ? -6.046  2.413   1.508   1.00 46.31 ? 71  VAL B CG2 1 
ATOM   1239 N N   . THR B 1 72 ? -10.359 3.909   2.274   1.00 45.85 ? 72  THR B N   1 
ATOM   1240 C CA  . THR B 1 72 ? -11.815 3.950   2.168   1.00 44.68 ? 72  THR B CA  1 
ATOM   1241 C C   . THR B 1 72 ? -12.296 5.212   1.459   1.00 45.92 ? 72  THR B C   1 
ATOM   1242 O O   . THR B 1 72 ? -13.125 5.132   0.546   1.00 45.14 ? 72  THR B O   1 
ATOM   1243 C CB  . THR B 1 72 ? -12.462 3.820   3.543   1.00 39.98 ? 72  THR B CB  1 
ATOM   1244 O OG1 . THR B 1 72 ? -11.894 2.697   4.230   1.00 47.97 ? 72  THR B OG1 1 
ATOM   1245 C CG2 . THR B 1 72 ? -13.945 3.615   3.397   1.00 40.64 ? 72  THR B CG2 1 
ATOM   1246 N N   . ILE B 1 73 ? -11.800 6.390   1.860   1.00 44.86 ? 73  ILE B N   1 
ATOM   1247 C CA  . ILE B 1 73 ? -12.251 7.603   1.169   1.00 47.37 ? 73  ILE B CA  1 
ATOM   1248 C C   . ILE B 1 73 ? -11.857 7.564   -0.304  1.00 45.67 ? 73  ILE B C   1 
ATOM   1249 O O   . ILE B 1 73 ? -12.647 7.940   -1.182  1.00 42.89 ? 73  ILE B O   1 
ATOM   1250 C CB  . ILE B 1 73 ? -11.757 8.888   1.866   1.00 49.59 ? 73  ILE B CB  1 
ATOM   1251 C CG1 . ILE B 1 73 ? -11.429 9.971   0.827   1.00 47.88 ? 73  ILE B CG1 1 
ATOM   1252 C CG2 . ILE B 1 73 ? -10.609 8.623   2.793   1.00 48.81 ? 73  ILE B CG2 1 
ATOM   1253 C CD1 . ILE B 1 73 ? -10.901 11.240  1.411   1.00 49.40 ? 73  ILE B CD1 1 
ATOM   1254 N N   . ILE B 1 74 ? -10.626 7.132   -0.600  1.00 45.87 ? 74  ILE B N   1 
ATOM   1255 C CA  . ILE B 1 74 ? -10.177 7.097   -1.994  1.00 46.40 ? 74  ILE B CA  1 
ATOM   1256 C C   . ILE B 1 74 ? -11.064 6.175   -2.821  1.00 49.27 ? 74  ILE B C   1 
ATOM   1257 O O   . ILE B 1 74 ? -11.498 6.523   -3.929  1.00 51.39 ? 74  ILE B O   1 
ATOM   1258 C CB  . ILE B 1 74 ? -8.703  6.666   -2.070  1.00 47.99 ? 74  ILE B CB  1 
ATOM   1259 C CG1 . ILE B 1 74 ? -7.824  7.709   -1.381  1.00 46.40 ? 74  ILE B CG1 1 
ATOM   1260 C CG2 . ILE B 1 74 ? -8.290  6.422   -3.525  1.00 47.23 ? 74  ILE B CG2 1 
ATOM   1261 C CD1 . ILE B 1 74 ? -6.418  7.244   -1.143  1.00 48.79 ? 74  ILE B CD1 1 
ATOM   1262 N N   . LEU B 1 75 ? -11.352 4.986   -2.283  1.00 47.86 ? 75  LEU B N   1 
ATOM   1263 C CA  . LEU B 1 75 ? -12.222 4.033   -2.963  1.00 48.39 ? 75  LEU B CA  1 
ATOM   1264 C C   . LEU B 1 75 ? -13.623 4.598   -3.140  1.00 51.04 ? 75  LEU B C   1 
ATOM   1265 O O   . LEU B 1 75 ? -14.255 4.391   -4.183  1.00 52.57 ? 75  LEU B O   1 
ATOM   1266 C CB  . LEU B 1 75 ? -12.283 2.717   -2.183  1.00 50.67 ? 75  LEU B CB  1 
ATOM   1267 C CG  . LEU B 1 75 ? -13.065 1.543   -2.798  1.00 48.17 ? 75  LEU B CG  1 
ATOM   1268 C CD1 . LEU B 1 75 ? -12.521 1.120   -4.159  1.00 46.00 ? 75  LEU B CD1 1 
ATOM   1269 C CD2 . LEU B 1 75 ? -13.069 0.359   -1.837  1.00 52.27 ? 75  LEU B CD2 1 
ATOM   1270 N N   . TYR B 1 76 ? -14.139 5.285   -2.119  1.00 45.71 ? 76  TYR B N   1 
ATOM   1271 C CA  . TYR B 1 76 ? -15.448 5.909   -2.249  1.00 47.68 ? 76  TYR B CA  1 
ATOM   1272 C C   . TYR B 1 76 ? -15.468 6.856   -3.440  1.00 51.67 ? 76  TYR B C   1 
ATOM   1273 O O   . TYR B 1 76 ? -16.328 6.749   -4.322  1.00 55.28 ? 76  TYR B O   1 
ATOM   1274 C CB  . TYR B 1 76 ? -15.812 6.656   -0.966  1.00 49.90 ? 76  TYR B CB  1 
ATOM   1275 C CG  . TYR B 1 76 ? -17.040 7.518   -1.129  1.00 52.72 ? 76  TYR B CG  1 
ATOM   1276 C CD1 . TYR B 1 76 ? -16.935 8.837   -1.570  1.00 47.84 ? 76  TYR B CD1 1 
ATOM   1277 C CD2 . TYR B 1 76 ? -18.310 7.000   -0.904  1.00 53.29 ? 76  TYR B CD2 1 
ATOM   1278 C CE1 . TYR B 1 76 ? -18.047 9.615   -1.753  1.00 47.93 ? 76  TYR B CE1 1 
ATOM   1279 C CE2 . TYR B 1 76 ? -19.435 7.787   -1.076  1.00 51.93 ? 76  TYR B CE2 1 
ATOM   1280 C CZ  . TYR B 1 76 ? -19.290 9.093   -1.505  1.00 52.10 ? 76  TYR B CZ  1 
ATOM   1281 O OH  . TYR B 1 76 ? -20.387 9.900   -1.688  1.00 59.49 ? 76  TYR B OH  1 
ATOM   1282 N N   . TYR B 1 77 ? -14.508 7.784   -3.486  1.00 51.34 ? 77  TYR B N   1 
ATOM   1283 C CA  . TYR B 1 77 ? -14.417 8.710   -4.608  1.00 51.65 ? 77  TYR B CA  1 
ATOM   1284 C C   . TYR B 1 77 ? -14.344 7.969   -5.938  1.00 53.80 ? 77  TYR B C   1 
ATOM   1285 O O   . TYR B 1 77 ? -14.961 8.384   -6.926  1.00 54.49 ? 77  TYR B O   1 
ATOM   1286 C CB  . TYR B 1 77 ? -13.186 9.596   -4.439  1.00 55.91 ? 77  TYR B CB  1 
ATOM   1287 C CG  . TYR B 1 77 ? -13.432 10.866  -3.666  1.00 56.20 ? 77  TYR B CG  1 
ATOM   1288 C CD1 . TYR B 1 77 ? -13.998 11.963  -4.289  1.00 57.68 ? 77  TYR B CD1 1 
ATOM   1289 C CD2 . TYR B 1 77 ? -13.086 10.976  -2.324  1.00 53.90 ? 77  TYR B CD2 1 
ATOM   1290 C CE1 . TYR B 1 77 ? -14.232 13.136  -3.600  1.00 61.54 ? 77  TYR B CE1 1 
ATOM   1291 C CE2 . TYR B 1 77 ? -13.315 12.146  -1.624  1.00 55.62 ? 77  TYR B CE2 1 
ATOM   1292 C CZ  . TYR B 1 77 ? -13.892 13.228  -2.270  1.00 59.09 ? 77  TYR B CZ  1 
ATOM   1293 O OH  . TYR B 1 77 ? -14.139 14.409  -1.600  1.00 54.15 ? 77  TYR B OH  1 
ATOM   1294 N N   . LYS B 1 78 ? -13.570 6.884   -5.989  1.00 52.72 ? 78  LYS B N   1 
ATOM   1295 C CA  . LYS B 1 78 ? -13.472 6.101   -7.218  1.00 54.41 ? 78  LYS B CA  1 
ATOM   1296 C C   . LYS B 1 78 ? -14.830 5.537   -7.632  1.00 54.57 ? 78  LYS B C   1 
ATOM   1297 O O   . LYS B 1 78 ? -15.249 5.677   -8.786  1.00 54.17 ? 78  LYS B O   1 
ATOM   1298 C CB  . LYS B 1 78 ? -12.454 4.973   -7.022  1.00 55.04 ? 78  LYS B CB  1 
ATOM   1299 C CG  . LYS B 1 78 ? -12.332 3.997   -8.186  1.00 56.39 ? 78  LYS B CG  1 
ATOM   1300 C CD  . LYS B 1 78 ? -11.741 4.655   -9.429  1.00 54.37 ? 78  LYS B CD  1 
ATOM   1301 C CE  . LYS B 1 78 ? -11.644 3.653   -10.573 1.00 55.27 ? 78  LYS B CE  1 
ATOM   1302 N NZ  . LYS B 1 78 ? -11.090 4.226   -11.839 1.00 60.56 ? 78  LYS B NZ  1 
ATOM   1303 N N   . LEU B 1 79 ? -15.548 4.925   -6.687  1.00 55.36 ? 79  LEU B N   1 
ATOM   1304 C CA  . LEU B 1 79 ? -16.813 4.272   -7.007  1.00 53.77 ? 79  LEU B CA  1 
ATOM   1305 C C   . LEU B 1 79 ? -17.876 5.277   -7.417  1.00 51.95 ? 79  LEU B C   1 
ATOM   1306 O O   . LEU B 1 79 ? -18.684 5.004   -8.314  1.00 51.50 ? 79  LEU B O   1 
ATOM   1307 C CB  . LEU B 1 79 ? -17.302 3.461   -5.805  1.00 51.00 ? 79  LEU B CB  1 
ATOM   1308 C CG  . LEU B 1 79 ? -16.436 2.293   -5.314  1.00 55.64 ? 79  LEU B CG  1 
ATOM   1309 C CD1 . LEU B 1 79 ? -17.109 1.539   -4.165  1.00 54.64 ? 79  LEU B CD1 1 
ATOM   1310 C CD2 . LEU B 1 79 ? -16.081 1.338   -6.447  1.00 55.88 ? 79  LEU B CD2 1 
ATOM   1311 N N   . THR B 1 80 ? -17.871 6.450   -6.800  1.00 52.77 ? 80  THR B N   1 
ATOM   1312 C CA  . THR B 1 80 ? -18.901 7.447   -7.048  1.00 54.99 ? 80  THR B CA  1 
ATOM   1313 C C   . THR B 1 80 ? -18.621 8.323   -8.270  1.00 56.44 ? 80  THR B C   1 
ATOM   1314 O O   . THR B 1 80 ? -19.368 9.284   -8.488  1.00 57.17 ? 80  THR B O   1 
ATOM   1315 C CB  . THR B 1 80 ? -19.073 8.312   -5.798  1.00 52.48 ? 80  THR B CB  1 
ATOM   1316 O OG1 . THR B 1 80 ? -17.795 8.830   -5.400  1.00 53.81 ? 80  THR B OG1 1 
ATOM   1317 C CG2 . THR B 1 80 ? -19.683 7.497   -4.658  1.00 48.00 ? 80  THR B CG2 1 
ATOM   1318 N N   . GLU B 1 81 ? -17.568 8.007   -9.030  1.00 55.00 ? 81  GLU B N   1 
ATOM   1319 C CA  . GLU B 1 81 ? -17.206 8.576   -10.341 1.00 59.65 ? 81  GLU B CA  1 
ATOM   1320 C C   . GLU B 1 81 ? -16.089 9.595   -10.149 1.00 65.95 ? 81  GLU B C   1 
ATOM   1321 O O   . GLU B 1 81 ? -16.124 10.685  -10.725 1.00 72.35 ? 81  GLU B O   1 
ATOM   1322 C CB  . GLU B 1 81 ? -18.396 9.206   -11.083 1.00 57.45 ? 81  GLU B CB  1 
ATOM   1323 C CG  . GLU B 1 81 ? -19.376 8.170   -11.614 1.00 62.18 ? 81  GLU B CG  1 
ATOM   1324 C CD  . GLU B 1 81 ? -20.716 8.760   -12.012 1.00 65.55 ? 81  GLU B CD  1 
ATOM   1325 O OE1 . GLU B 1 81 ? -21.743 8.224   -11.536 1.00 65.74 ? 81  GLU B OE1 1 
ATOM   1326 O OE2 . GLU B 1 81 ? -20.747 9.790   -12.726 1.00 62.75 ? 81  GLU B OE2 1 
HETATM 1327 C C9  . MVC C 2 .  ? 4.333   22.239  -3.346  1.00 52.57 ? 101 MVC A C9  1 
HETATM 1328 C C8  . MVC C 2 .  ? 3.225   21.412  -4.057  1.00 52.76 ? 101 MVC A C8  1 
HETATM 1329 C C10 . MVC C 2 .  ? 5.558   22.518  -4.235  1.00 55.36 ? 101 MVC A C10 1 
HETATM 1330 C C7  . MVC C 2 .  ? 2.995   20.022  -3.425  1.00 56.67 ? 101 MVC A C7  1 
HETATM 1331 C C24 . MVC C 2 .  ? 0.003   14.888  -5.532  1.00 54.64 ? 101 MVC A C24 1 
HETATM 1332 C C11 . MVC C 2 .  ? 6.757   23.078  -3.440  1.00 53.55 ? 101 MVC A C11 1 
HETATM 1333 C C6  . MVC C 2 .  ? 2.321   20.090  -2.033  1.00 59.27 ? 101 MVC A C6  1 
HETATM 1334 C C14 . MVC C 2 .  ? 8.938   23.533  -1.440  1.00 64.21 ? 101 MVC A C14 1 
HETATM 1335 C C12 . MVC C 2 .  ? 7.653   21.933  -2.950  1.00 58.63 ? 101 MVC A C12 1 
HETATM 1336 C C5  . MVC C 2 .  ? 1.874   18.721  -1.489  1.00 60.47 ? 101 MVC A C5  1 
HETATM 1337 C C13 . MVC C 2 .  ? 8.666   22.142  -2.023  1.00 59.10 ? 101 MVC A C13 1 
HETATM 1338 C C4  . MVC C 2 .  ? 1.485   17.745  -2.628  1.00 62.06 ? 101 MVC A C4  1 
HETATM 1339 C C3  . MVC C 2 .  ? 0.528   16.599  -2.226  1.00 55.61 ? 101 MVC A C3  1 
HETATM 1340 C C21 . MVC C 2 .  ? 1.933   14.884  -7.070  1.00 56.56 ? 101 MVC A C21 1 
HETATM 1341 C C22 . MVC C 2 .  ? 1.305   15.597  -5.895  1.00 55.58 ? 101 MVC A C22 1 
HETATM 1342 O O19 . MVC C 2 .  ? -1.235  16.806  -3.866  1.00 61.92 ? 101 MVC A O19 1 
HETATM 1343 C C1  . MVC C 2 .  ? -0.322  16.108  -3.443  1.00 62.64 ? 101 MVC A C1  1 
HETATM 1344 O O25 . MVC C 2 .  ? -0.046  14.838  -4.089  1.00 62.07 ? 101 MVC A O25 1 
HETATM 1345 O O23 . MVC C 2 .  ? 1.025   16.923  -6.235  1.00 61.36 ? 101 MVC A O23 1 
HETATM 1346 O O20 . MVC C 2 .  ? 1.699   13.499  -6.878  1.00 53.85 ? 101 MVC A O20 1 
HETATM 1347 C C24 . MVC D 2 .  ? -8.848  -2.270  -14.557 1.00 67.31 ? 101 MVC B C24 1 
HETATM 1348 C C3  . MVC D 2 .  ? -6.694  -1.954  -17.735 1.00 68.79 ? 101 MVC B C3  1 
HETATM 1349 C C21 . MVC D 2 .  ? -10.428 -1.179  -12.982 1.00 55.25 ? 101 MVC B C21 1 
HETATM 1350 C C22 . MVC D 2 .  ? -9.000  -1.220  -13.461 1.00 57.89 ? 101 MVC B C22 1 
HETATM 1351 O O19 . MVC D 2 .  ? -6.970  -3.520  -15.914 1.00 70.77 ? 101 MVC B O19 1 
HETATM 1352 C C1  . MVC D 2 .  ? -7.284  -2.439  -16.383 1.00 68.80 ? 101 MVC B C1  1 
HETATM 1353 O O25 . MVC D 2 .  ? -8.216  -1.607  -15.672 1.00 69.93 ? 101 MVC B O25 1 
HETATM 1354 O O23 . MVC D 2 .  ? -8.191  -1.530  -12.375 1.00 57.10 ? 101 MVC B O23 1 
HETATM 1355 O O20 . MVC D 2 .  ? -10.479 -0.038  -12.139 1.00 54.17 ? 101 MVC B O20 1 
HETATM 1356 C C2  . BGC E 3 .  ? 2.446   -1.836  2.709   0.75 60.68 ? 102 BGC B C2  1 
HETATM 1357 C C3  . BGC E 3 .  ? 1.373   -0.854  3.054   0.75 59.52 ? 102 BGC B C3  1 
HETATM 1358 C C4  . BGC E 3 .  ? 0.216   -1.323  3.888   0.75 62.18 ? 102 BGC B C4  1 
HETATM 1359 C C5  . BGC E 3 .  ? 0.619   -2.375  4.885   0.75 62.73 ? 102 BGC B C5  1 
HETATM 1360 C C6  . BGC E 3 .  ? -0.616  -2.871  5.572   0.75 58.25 ? 102 BGC B C6  1 
HETATM 1361 C C1  . BGC E 3 .  ? 2.646   -2.914  3.732   0.75 59.09 ? 102 BGC B C1  1 
HETATM 1362 O O1  . BGC E 3 .  ? 3.415   -3.879  3.180   0.75 63.03 ? 102 BGC B O1  1 
HETATM 1363 O O2  . BGC E 3 .  ? 3.715   -1.159  2.560   0.75 64.84 ? 102 BGC B O2  1 
HETATM 1364 O O3  . BGC E 3 .  ? 0.758   -0.439  1.820   0.75 57.45 ? 102 BGC B O3  1 
HETATM 1365 O O4  . BGC E 3 .  ? -0.379  -0.211  4.562   0.75 58.88 ? 102 BGC B O4  1 
HETATM 1366 O O5  . BGC E 3 .  ? 1.326   -3.462  4.189   0.75 63.75 ? 102 BGC B O5  1 
HETATM 1367 O O6  . BGC E 3 .  ? -1.187  -1.774  6.198   0.75 58.77 ? 102 BGC B O6  1 
# 
loop_
_pdbx_poly_seq_scheme.asym_id 
_pdbx_poly_seq_scheme.entity_id 
_pdbx_poly_seq_scheme.seq_id 
_pdbx_poly_seq_scheme.mon_id 
_pdbx_poly_seq_scheme.ndb_seq_num 
_pdbx_poly_seq_scheme.pdb_seq_num 
_pdbx_poly_seq_scheme.auth_seq_num 
_pdbx_poly_seq_scheme.pdb_mon_id 
_pdbx_poly_seq_scheme.auth_mon_id 
_pdbx_poly_seq_scheme.pdb_strand_id 
_pdbx_poly_seq_scheme.pdb_ins_code 
_pdbx_poly_seq_scheme.hetero 
A 1 1  MET 1  1  1  MET MET A . n 
A 1 2  GLU 2  2  2  GLU GLU A . n 
A 1 3  ASN 3  3  3  ASN ASN A . n 
A 1 4  LEU 4  4  4  LEU LEU A . n 
A 1 5  ILE 5  5  5  ILE ILE A . n 
A 1 6  GLY 6  6  6  GLY GLY A . n 
A 1 7  TYR 7  7  7  TYR TYR A . n 
A 1 8  VAL 8  8  8  VAL VAL A . n 
A 1 9  ALA 9  9  9  ALA ALA A . n 
A 1 10 ALA 10 10 10 ALA ALA A . n 
A 1 11 PHE 11 11 11 PHE PHE A . n 
A 1 12 LEU 12 12 12 LEU LEU A . n 
A 1 13 THR 13 13 13 THR THR A . n 
A 1 14 THR 14 14 14 THR THR A . n 
A 1 15 VAL 15 15 15 VAL VAL A . n 
A 1 16 SER 16 16 16 SER SER A . n 
A 1 17 PHE 17 17 17 PHE PHE A . n 
A 1 18 LEU 18 18 18 LEU LEU A . n 
A 1 19 PRO 19 19 19 PRO PRO A . n 
A 1 20 GLN 20 20 20 GLN GLN A . n 
A 1 21 VAL 21 21 21 VAL VAL A . n 
A 1 22 LEU 22 22 22 LEU LEU A . n 
A 1 23 ARG 23 23 23 ARG ARG A . n 
A 1 24 VAL 24 24 24 VAL VAL A . n 
A 1 25 VAL 25 25 25 VAL VAL A . n 
A 1 26 MET 26 26 26 MET MET A . n 
A 1 27 THR 27 27 27 THR THR A . n 
A 1 28 LYS 28 28 28 LYS LYS A . n 
A 1 29 GLN 29 29 29 GLN GLN A . n 
A 1 30 THR 30 30 30 THR THR A . n 
A 1 31 ARG 31 31 31 ARG ARG A . n 
A 1 32 ASP 32 32 32 ASP ASP A . n 
A 1 33 ILE 33 33 33 ILE ILE A . n 
A 1 34 SER 34 34 34 SER SER A . n 
A 1 35 ARG 35 35 35 ARG ARG A . n 
A 1 36 ASN 36 36 36 ASN ASN A . n 
A 1 37 MET 37 37 37 MET MET A . n 
A 1 38 TYR 38 38 38 TYR TYR A . n 
A 1 39 ILE 39 39 39 ILE ILE A . n 
A 1 40 MET 40 40 40 MET MET A . n 
A 1 41 PHE 41 41 41 PHE PHE A . n 
A 1 42 PHE 42 42 42 PHE PHE A . n 
A 1 43 LEU 43 43 43 LEU LEU A . n 
A 1 44 GLY 44 44 44 GLY GLY A . n 
A 1 45 VAL 45 45 45 VAL VAL A . n 
A 1 46 VAL 46 46 46 VAL VAL A . n 
A 1 47 LEU 47 47 47 LEU LEU A . n 
A 1 48 TRP 48 48 48 TRP TRP A . n 
A 1 49 PHE 49 49 49 PHE PHE A . n 
A 1 50 VAL 50 50 50 VAL VAL A . n 
A 1 51 TYR 51 51 51 TYR TYR A . n 
A 1 52 GLY 52 52 52 GLY GLY A . n 
A 1 53 ILE 53 53 53 ILE ILE A . n 
A 1 54 LEU 54 54 54 LEU LEU A . n 
A 1 55 ARG 55 55 55 ARG ARG A . n 
A 1 56 SER 56 56 56 SER SER A . n 
A 1 57 ALA 57 57 57 ALA ALA A . n 
A 1 58 LEU 58 58 58 LEU LEU A . n 
A 1 59 PRO 59 59 59 PRO PRO A . n 
A 1 60 ILE 60 60 60 ILE ILE A . n 
A 1 61 ILE 61 61 61 ILE ILE A . n 
A 1 62 LEU 62 62 62 LEU LEU A . n 
A 1 63 ALA 63 63 63 ALA ALA A . n 
A 1 64 ASN 64 64 64 ASN ASN A . n 
A 1 65 VAL 65 65 65 VAL VAL A . n 
A 1 66 VAL 66 66 66 VAL VAL A . n 
A 1 67 THR 67 67 67 THR THR A . n 
A 1 68 LEU 68 68 68 LEU LEU A . n 
A 1 69 PHE 69 69 69 PHE PHE A . n 
A 1 70 PHE 70 70 70 PHE PHE A . n 
A 1 71 VAL 71 71 71 VAL VAL A . n 
A 1 72 THR 72 72 72 THR THR A . n 
A 1 73 ILE 73 73 73 ILE ILE A . n 
A 1 74 ILE 74 74 74 ILE ILE A . n 
A 1 75 LEU 75 75 75 LEU LEU A . n 
A 1 76 TYR 76 76 76 TYR TYR A . n 
A 1 77 TYR 77 77 77 TYR TYR A . n 
A 1 78 LYS 78 78 78 LYS LYS A . n 
A 1 79 LEU 79 79 79 LEU LEU A . n 
A 1 80 THR 80 80 80 THR THR A . n 
A 1 81 GLU 81 81 81 GLU GLU A . n 
A 1 82 GLY 82 82 ?  ?   ?   A . n 
A 1 83 ASN 83 83 ?  ?   ?   A . n 
A 1 84 GLN 84 84 ?  ?   ?   A . n 
A 1 85 THR 85 85 ?  ?   ?   A . n 
A 1 86 GLY 86 86 ?  ?   ?   A . n 
A 1 87 SER 87 87 ?  ?   ?   A . n 
A 1 88 LEU 88 88 ?  ?   ?   A . n 
A 1 89 GLU 89 89 ?  ?   ?   A . n 
A 1 90 VAL 90 90 ?  ?   ?   A . n 
A 1 91 LEU 91 91 ?  ?   ?   A . n 
A 1 92 PHE 92 92 ?  ?   ?   A . n 
A 1 93 GLN 93 93 ?  ?   ?   A . n 
B 1 1  MET 1  1  1  MET MET B . n 
B 1 2  GLU 2  2  2  GLU GLU B . n 
B 1 3  ASN 3  3  3  ASN ASN B . n 
B 1 4  LEU 4  4  4  LEU LEU B . n 
B 1 5  ILE 5  5  5  ILE ILE B . n 
B 1 6  GLY 6  6  6  GLY GLY B . n 
B 1 7  TYR 7  7  7  TYR TYR B . n 
B 1 8  VAL 8  8  8  VAL VAL B . n 
B 1 9  ALA 9  9  9  ALA ALA B . n 
B 1 10 ALA 10 10 10 ALA ALA B . n 
B 1 11 PHE 11 11 11 PHE PHE B . n 
B 1 12 LEU 12 12 12 LEU LEU B . n 
B 1 13 THR 13 13 13 THR THR B . n 
B 1 14 THR 14 14 14 THR THR B . n 
B 1 15 VAL 15 15 15 VAL VAL B . n 
B 1 16 SER 16 16 16 SER SER B . n 
B 1 17 PHE 17 17 17 PHE PHE B . n 
B 1 18 LEU 18 18 18 LEU LEU B . n 
B 1 19 PRO 19 19 19 PRO PRO B . n 
B 1 20 GLN 20 20 20 GLN GLN B . n 
B 1 21 VAL 21 21 21 VAL VAL B . n 
B 1 22 LEU 22 22 22 LEU LEU B . n 
B 1 23 ARG 23 23 23 ARG ARG B . n 
B 1 24 VAL 24 24 24 VAL VAL B . n 
B 1 25 VAL 25 25 25 VAL VAL B . n 
B 1 26 MET 26 26 26 MET MET B . n 
B 1 27 THR 27 27 27 THR THR B . n 
B 1 28 LYS 28 28 28 LYS LYS B . n 
B 1 29 GLN 29 29 29 GLN GLN B . n 
B 1 30 THR 30 30 30 THR THR B . n 
B 1 31 ARG 31 31 31 ARG ARG B . n 
B 1 32 ASP 32 32 32 ASP ASP B . n 
B 1 33 ILE 33 33 33 ILE ILE B . n 
B 1 34 SER 34 34 34 SER SER B . n 
B 1 35 ARG 35 35 35 ARG ARG B . n 
B 1 36 ASN 36 36 36 ASN ASN B . n 
B 1 37 MET 37 37 37 MET MET B . n 
B 1 38 TYR 38 38 38 TYR TYR B . n 
B 1 39 ILE 39 39 39 ILE ILE B . n 
B 1 40 MET 40 40 40 MET MET B . n 
B 1 41 PHE 41 41 41 PHE PHE B . n 
B 1 42 PHE 42 42 42 PHE PHE B . n 
B 1 43 LEU 43 43 43 LEU LEU B . n 
B 1 44 GLY 44 44 44 GLY GLY B . n 
B 1 45 VAL 45 45 45 VAL VAL B . n 
B 1 46 VAL 46 46 46 VAL VAL B . n 
B 1 47 LEU 47 47 47 LEU LEU B . n 
B 1 48 TRP 48 48 48 TRP TRP B . n 
B 1 49 PHE 49 49 49 PHE PHE B . n 
B 1 50 VAL 50 50 50 VAL VAL B . n 
B 1 51 TYR 51 51 51 TYR TYR B . n 
B 1 52 GLY 52 52 52 GLY GLY B . n 
B 1 53 ILE 53 53 53 ILE ILE B . n 
B 1 54 LEU 54 54 54 LEU LEU B . n 
B 1 55 ARG 55 55 55 ARG ARG B . n 
B 1 56 SER 56 56 56 SER SER B . n 
B 1 57 ALA 57 57 57 ALA ALA B . n 
B 1 58 LEU 58 58 58 LEU LEU B . n 
B 1 59 PRO 59 59 59 PRO PRO B . n 
B 1 60 ILE 60 60 60 ILE ILE B . n 
B 1 61 ILE 61 61 61 ILE ILE B . n 
B 1 62 LEU 62 62 62 LEU LEU B . n 
B 1 63 ALA 63 63 63 ALA ALA B . n 
B 1 64 ASN 64 64 64 ASN ASN B . n 
B 1 65 VAL 65 65 65 VAL VAL B . n 
B 1 66 VAL 66 66 66 VAL VAL B . n 
B 1 67 THR 67 67 67 THR THR B . n 
B 1 68 LEU 68 68 68 LEU LEU B . n 
B 1 69 PHE 69 69 69 PHE PHE B . n 
B 1 70 PHE 70 70 70 PHE PHE B . n 
B 1 71 VAL 71 71 71 VAL VAL B . n 
B 1 72 THR 72 72 72 THR THR B . n 
B 1 73 ILE 73 73 73 ILE ILE B . n 
B 1 74 ILE 74 74 74 ILE ILE B . n 
B 1 75 LEU 75 75 75 LEU LEU B . n 
B 1 76 TYR 76 76 76 TYR TYR B . n 
B 1 77 TYR 77 77 77 TYR TYR B . n 
B 1 78 LYS 78 78 78 LYS LYS B . n 
B 1 79 LEU 79 79 79 LEU LEU B . n 
B 1 80 THR 80 80 80 THR THR B . n 
B 1 81 GLU 81 81 81 GLU GLU B . n 
B 1 82 GLY 82 82 ?  ?   ?   B . n 
B 1 83 ASN 83 83 ?  ?   ?   B . n 
B 1 84 GLN 84 84 ?  ?   ?   B . n 
B 1 85 THR 85 85 ?  ?   ?   B . n 
B 1 86 GLY 86 86 ?  ?   ?   B . n 
B 1 87 SER 87 87 ?  ?   ?   B . n 
B 1 88 LEU 88 88 ?  ?   ?   B . n 
B 1 89 GLU 89 89 ?  ?   ?   B . n 
B 1 90 VAL 90 90 ?  ?   ?   B . n 
B 1 91 LEU 91 91 ?  ?   ?   B . n 
B 1 92 PHE 92 92 ?  ?   ?   B . n 
B 1 93 GLN 93 93 ?  ?   ?   B . n 
# 
loop_
_pdbx_nonpoly_scheme.asym_id 
_pdbx_nonpoly_scheme.entity_id 
_pdbx_nonpoly_scheme.mon_id 
_pdbx_nonpoly_scheme.ndb_seq_num 
_pdbx_nonpoly_scheme.pdb_seq_num 
_pdbx_nonpoly_scheme.auth_seq_num 
_pdbx_nonpoly_scheme.pdb_mon_id 
_pdbx_nonpoly_scheme.auth_mon_id 
_pdbx_nonpoly_scheme.pdb_strand_id 
_pdbx_nonpoly_scheme.pdb_ins_code 
C 2 MVC 1 101 3 MVC MVC A . 
D 2 MVC 1 101 4 MVC MVC B . 
E 3 BGC 1 102 1 BGC BGC B . 
# 
_pdbx_struct_assembly.id                   1 
_pdbx_struct_assembly.details              author_and_software_defined_assembly 
_pdbx_struct_assembly.method_details       PISA 
_pdbx_struct_assembly.oligomeric_details   dimeric 
_pdbx_struct_assembly.oligomeric_count     2 
# 
_pdbx_struct_assembly_gen.assembly_id       1 
_pdbx_struct_assembly_gen.oper_expression   1 
_pdbx_struct_assembly_gen.asym_id_list      A,B,C,D,E 
# 
loop_
_pdbx_struct_assembly_prop.biol_id 
_pdbx_struct_assembly_prop.type 
_pdbx_struct_assembly_prop.value 
_pdbx_struct_assembly_prop.details 
1 'ABSA (A^2)' 4250 ? 
1 MORE         -25  ? 
1 'SSA (A^2)'  8750 ? 
# 
_pdbx_struct_oper_list.id                   1 
_pdbx_struct_oper_list.type                 'identity operation' 
_pdbx_struct_oper_list.name                 1_555 
_pdbx_struct_oper_list.symmetry_operation   x,y,z 
_pdbx_struct_oper_list.matrix[1][1]         1.0000000000 
_pdbx_struct_oper_list.matrix[1][2]         0.0000000000 
_pdbx_struct_oper_list.matrix[1][3]         0.0000000000 
_pdbx_struct_oper_list.vector[1]            0.0000000000 
_pdbx_struct_oper_list.matrix[2][1]         0.0000000000 
_pdbx_struct_oper_list.matrix[2][2]         1.0000000000 
_pdbx_struct_oper_list.matrix[2][3]         0.0000000000 
_pdbx_struct_oper_list.vector[2]            0.0000000000 
_pdbx_struct_oper_list.matrix[3][1]         0.0000000000 
_pdbx_struct_oper_list.matrix[3][2]         0.0000000000 
_pdbx_struct_oper_list.matrix[3][3]         1.0000000000 
_pdbx_struct_oper_list.vector[3]            0.0000000000 
# 
loop_
_pdbx_audit_revision_history.ordinal 
_pdbx_audit_revision_history.data_content_type 
_pdbx_audit_revision_history.major_revision 
_pdbx_audit_revision_history.minor_revision 
_pdbx_audit_revision_history.revision_date 
1 'Structure model' 1 0 2017-08-02 
2 'Structure model' 1 1 2020-07-29 
3 'Structure model' 1 2 2023-10-04 
# 
loop_
_pdbx_audit_revision_details.ordinal 
_pdbx_audit_revision_details.revision_ordinal 
_pdbx_audit_revision_details.data_content_type 
_pdbx_audit_revision_details.provider 
_pdbx_audit_revision_details.type 
_pdbx_audit_revision_details.description 
_pdbx_audit_revision_details.details 
1 1 'Structure model' repository 'Initial release' ?                          ? 
2 2 'Structure model' repository Remediation       'Carbohydrate remediation' ? 
# 
loop_
_pdbx_audit_revision_group.ordinal 
_pdbx_audit_revision_group.revision_ordinal 
_pdbx_audit_revision_group.data_content_type 
_pdbx_audit_revision_group.group 
1 2 'Structure model' 'Data collection'        
2 2 'Structure model' 'Derived calculations'   
3 2 'Structure model' 'Structure summary'      
4 3 'Structure model' 'Data collection'        
5 3 'Structure model' 'Database references'    
6 3 'Structure model' 'Refinement description' 
7 3 'Structure model' 'Structure summary'      
# 
loop_
_pdbx_audit_revision_category.ordinal 
_pdbx_audit_revision_category.revision_ordinal 
_pdbx_audit_revision_category.data_content_type 
_pdbx_audit_revision_category.category 
1  2 'Structure model' chem_comp                     
2  2 'Structure model' entity                        
3  2 'Structure model' pdbx_chem_comp_identifier     
4  2 'Structure model' pdbx_entity_nonpoly           
5  2 'Structure model' struct_site                   
6  2 'Structure model' struct_site_gen               
7  3 'Structure model' chem_comp                     
8  3 'Structure model' chem_comp_atom                
9  3 'Structure model' chem_comp_bond                
10 3 'Structure model' database_2                    
11 3 'Structure model' pdbx_initial_refinement_model 
# 
loop_
_pdbx_audit_revision_item.ordinal 
_pdbx_audit_revision_item.revision_ordinal 
_pdbx_audit_revision_item.data_content_type 
_pdbx_audit_revision_item.item 
1 2 'Structure model' '_chem_comp.name'                     
2 2 'Structure model' '_chem_comp.type'                     
3 2 'Structure model' '_entity.pdbx_description'            
4 2 'Structure model' '_pdbx_entity_nonpoly.name'           
5 3 'Structure model' '_chem_comp.pdbx_synonyms'            
6 3 'Structure model' '_database_2.pdbx_DOI'                
7 3 'Structure model' '_database_2.pdbx_database_accession' 
# 
loop_
_software.citation_id 
_software.classification 
_software.compiler_name 
_software.compiler_version 
_software.contact_author 
_software.contact_author_email 
_software.date 
_software.description 
_software.dependencies 
_software.hardware 
_software.language 
_software.location 
_software.mods 
_software.name 
_software.os 
_software.os_version 
_software.type 
_software.version 
_software.pdbx_ordinal 
? refinement       ? ? ? ? ? ? ? ? ? ? ? PHENIX   ? ? ? '(1.11.1_2575: ???)' 1 
? 'data reduction' ? ? ? ? ? ? ? ? ? ? ? HKL-2000 ? ? ? .                    2 
? 'data scaling'   ? ? ? ? ? ? ? ? ? ? ? HKL-2000 ? ? ? .                    3 
? phasing          ? ? ? ? ? ? ? ? ? ? ? PHASER   ? ? ? .                    4 
# 
loop_
_pdbx_unobs_or_zero_occ_atoms.id 
_pdbx_unobs_or_zero_occ_atoms.PDB_model_num 
_pdbx_unobs_or_zero_occ_atoms.polymer_flag 
_pdbx_unobs_or_zero_occ_atoms.occupancy_flag 
_pdbx_unobs_or_zero_occ_atoms.auth_asym_id 
_pdbx_unobs_or_zero_occ_atoms.auth_comp_id 
_pdbx_unobs_or_zero_occ_atoms.auth_seq_id 
_pdbx_unobs_or_zero_occ_atoms.PDB_ins_code 
_pdbx_unobs_or_zero_occ_atoms.auth_atom_id 
_pdbx_unobs_or_zero_occ_atoms.label_alt_id 
_pdbx_unobs_or_zero_occ_atoms.label_asym_id 
_pdbx_unobs_or_zero_occ_atoms.label_comp_id 
_pdbx_unobs_or_zero_occ_atoms.label_seq_id 
_pdbx_unobs_or_zero_occ_atoms.label_atom_id 
1  1 N 1 A MVC 101 ? C17 ? C MVC 1 C17 
2  1 N 1 A MVC 101 ? C16 ? C MVC 1 C16 
3  1 N 1 A MVC 101 ? C15 ? C MVC 1 C15 
4  1 N 1 A MVC 101 ? C18 ? C MVC 1 C18 
5  1 N 1 A MVC 101 ? C19 ? C MVC 1 C19 
6  1 N 1 B MVC 101 ? C17 ? D MVC 1 C17 
7  1 N 1 B MVC 101 ? C9  ? D MVC 1 C9  
8  1 N 1 B MVC 101 ? C8  ? D MVC 1 C8  
9  1 N 1 B MVC 101 ? C16 ? D MVC 1 C16 
10 1 N 1 B MVC 101 ? C10 ? D MVC 1 C10 
11 1 N 1 B MVC 101 ? C7  ? D MVC 1 C7  
12 1 N 1 B MVC 101 ? C15 ? D MVC 1 C15 
13 1 N 1 B MVC 101 ? C11 ? D MVC 1 C11 
14 1 N 1 B MVC 101 ? C6  ? D MVC 1 C6  
15 1 N 1 B MVC 101 ? C14 ? D MVC 1 C14 
16 1 N 1 B MVC 101 ? C12 ? D MVC 1 C12 
17 1 N 1 B MVC 101 ? C5  ? D MVC 1 C5  
18 1 N 1 B MVC 101 ? C13 ? D MVC 1 C13 
19 1 N 1 B MVC 101 ? C4  ? D MVC 1 C4  
20 1 N 1 B MVC 101 ? C18 ? D MVC 1 C18 
21 1 N 1 B MVC 101 ? C19 ? D MVC 1 C19 
# 
loop_
_pdbx_unobs_or_zero_occ_residues.id 
_pdbx_unobs_or_zero_occ_residues.PDB_model_num 
_pdbx_unobs_or_zero_occ_residues.polymer_flag 
_pdbx_unobs_or_zero_occ_residues.occupancy_flag 
_pdbx_unobs_or_zero_occ_residues.auth_asym_id 
_pdbx_unobs_or_zero_occ_residues.auth_comp_id 
_pdbx_unobs_or_zero_occ_residues.auth_seq_id 
_pdbx_unobs_or_zero_occ_residues.PDB_ins_code 
_pdbx_unobs_or_zero_occ_residues.label_asym_id 
_pdbx_unobs_or_zero_occ_residues.label_comp_id 
_pdbx_unobs_or_zero_occ_residues.label_seq_id 
1  1 Y 1 A GLY 82 ? A GLY 82 
2  1 Y 1 A ASN 83 ? A ASN 83 
3  1 Y 1 A GLN 84 ? A GLN 84 
4  1 Y 1 A THR 85 ? A THR 85 
5  1 Y 1 A GLY 86 ? A GLY 86 
6  1 Y 1 A SER 87 ? A SER 87 
7  1 Y 1 A LEU 88 ? A LEU 88 
8  1 Y 1 A GLU 89 ? A GLU 89 
9  1 Y 1 A VAL 90 ? A VAL 90 
10 1 Y 1 A LEU 91 ? A LEU 91 
11 1 Y 1 A PHE 92 ? A PHE 92 
12 1 Y 1 A GLN 93 ? A GLN 93 
13 1 Y 1 B GLY 82 ? B GLY 82 
14 1 Y 1 B ASN 83 ? B ASN 83 
15 1 Y 1 B GLN 84 ? B GLN 84 
16 1 Y 1 B THR 85 ? B THR 85 
17 1 Y 1 B GLY 86 ? B GLY 86 
18 1 Y 1 B SER 87 ? B SER 87 
19 1 Y 1 B LEU 88 ? B LEU 88 
20 1 Y 1 B GLU 89 ? B GLU 89 
21 1 Y 1 B VAL 90 ? B VAL 90 
22 1 Y 1 B LEU 91 ? B LEU 91 
23 1 Y 1 B PHE 92 ? B PHE 92 
24 1 Y 1 B GLN 93 ? B GLN 93 
# 
loop_
_chem_comp_atom.comp_id 
_chem_comp_atom.atom_id 
_chem_comp_atom.type_symbol 
_chem_comp_atom.pdbx_aromatic_flag 
_chem_comp_atom.pdbx_stereo_config 
_chem_comp_atom.pdbx_ordinal 
ALA N    N N N 1   
ALA CA   C N S 2   
ALA C    C N N 3   
ALA O    O N N 4   
ALA CB   C N N 5   
ALA OXT  O N N 6   
ALA H    H N N 7   
ALA H2   H N N 8   
ALA HA   H N N 9   
ALA HB1  H N N 10  
ALA HB2  H N N 11  
ALA HB3  H N N 12  
ALA HXT  H N N 13  
ARG N    N N N 14  
ARG CA   C N S 15  
ARG C    C N N 16  
ARG O    O N N 17  
ARG CB   C N N 18  
ARG CG   C N N 19  
ARG CD   C N N 20  
ARG NE   N N N 21  
ARG CZ   C N N 22  
ARG NH1  N N N 23  
ARG NH2  N N N 24  
ARG OXT  O N N 25  
ARG H    H N N 26  
ARG H2   H N N 27  
ARG HA   H N N 28  
ARG HB2  H N N 29  
ARG HB3  H N N 30  
ARG HG2  H N N 31  
ARG HG3  H N N 32  
ARG HD2  H N N 33  
ARG HD3  H N N 34  
ARG HE   H N N 35  
ARG HH11 H N N 36  
ARG HH12 H N N 37  
ARG HH21 H N N 38  
ARG HH22 H N N 39  
ARG HXT  H N N 40  
ASN N    N N N 41  
ASN CA   C N S 42  
ASN C    C N N 43  
ASN O    O N N 44  
ASN CB   C N N 45  
ASN CG   C N N 46  
ASN OD1  O N N 47  
ASN ND2  N N N 48  
ASN OXT  O N N 49  
ASN H    H N N 50  
ASN H2   H N N 51  
ASN HA   H N N 52  
ASN HB2  H N N 53  
ASN HB3  H N N 54  
ASN HD21 H N N 55  
ASN HD22 H N N 56  
ASN HXT  H N N 57  
ASP N    N N N 58  
ASP CA   C N S 59  
ASP C    C N N 60  
ASP O    O N N 61  
ASP CB   C N N 62  
ASP CG   C N N 63  
ASP OD1  O N N 64  
ASP OD2  O N N 65  
ASP OXT  O N N 66  
ASP H    H N N 67  
ASP H2   H N N 68  
ASP HA   H N N 69  
ASP HB2  H N N 70  
ASP HB3  H N N 71  
ASP HD2  H N N 72  
ASP HXT  H N N 73  
BGC C2   C N R 74  
BGC C3   C N S 75  
BGC C4   C N S 76  
BGC C5   C N R 77  
BGC C6   C N N 78  
BGC C1   C N R 79  
BGC O1   O N N 80  
BGC O2   O N N 81  
BGC O3   O N N 82  
BGC O4   O N N 83  
BGC O5   O N N 84  
BGC O6   O N N 85  
BGC H2   H N N 86  
BGC H3   H N N 87  
BGC H4   H N N 88  
BGC H5   H N N 89  
BGC H61  H N N 90  
BGC H62  H N N 91  
BGC H1   H N N 92  
BGC HO1  H N N 93  
BGC HO2  H N N 94  
BGC HO3  H N N 95  
BGC HO4  H N N 96  
BGC HO6  H N N 97  
GLN N    N N N 98  
GLN CA   C N S 99  
GLN C    C N N 100 
GLN O    O N N 101 
GLN CB   C N N 102 
GLN CG   C N N 103 
GLN CD   C N N 104 
GLN OE1  O N N 105 
GLN NE2  N N N 106 
GLN OXT  O N N 107 
GLN H    H N N 108 
GLN H2   H N N 109 
GLN HA   H N N 110 
GLN HB2  H N N 111 
GLN HB3  H N N 112 
GLN HG2  H N N 113 
GLN HG3  H N N 114 
GLN HE21 H N N 115 
GLN HE22 H N N 116 
GLN HXT  H N N 117 
GLU N    N N N 118 
GLU CA   C N S 119 
GLU C    C N N 120 
GLU O    O N N 121 
GLU CB   C N N 122 
GLU CG   C N N 123 
GLU CD   C N N 124 
GLU OE1  O N N 125 
GLU OE2  O N N 126 
GLU OXT  O N N 127 
GLU H    H N N 128 
GLU H2   H N N 129 
GLU HA   H N N 130 
GLU HB2  H N N 131 
GLU HB3  H N N 132 
GLU HG2  H N N 133 
GLU HG3  H N N 134 
GLU HE2  H N N 135 
GLU HXT  H N N 136 
GLY N    N N N 137 
GLY CA   C N N 138 
GLY C    C N N 139 
GLY O    O N N 140 
GLY OXT  O N N 141 
GLY H    H N N 142 
GLY H2   H N N 143 
GLY HA2  H N N 144 
GLY HA3  H N N 145 
GLY HXT  H N N 146 
ILE N    N N N 147 
ILE CA   C N S 148 
ILE C    C N N 149 
ILE O    O N N 150 
ILE CB   C N S 151 
ILE CG1  C N N 152 
ILE CG2  C N N 153 
ILE CD1  C N N 154 
ILE OXT  O N N 155 
ILE H    H N N 156 
ILE H2   H N N 157 
ILE HA   H N N 158 
ILE HB   H N N 159 
ILE HG12 H N N 160 
ILE HG13 H N N 161 
ILE HG21 H N N 162 
ILE HG22 H N N 163 
ILE HG23 H N N 164 
ILE HD11 H N N 165 
ILE HD12 H N N 166 
ILE HD13 H N N 167 
ILE HXT  H N N 168 
LEU N    N N N 169 
LEU CA   C N S 170 
LEU C    C N N 171 
LEU O    O N N 172 
LEU CB   C N N 173 
LEU CG   C N N 174 
LEU CD1  C N N 175 
LEU CD2  C N N 176 
LEU OXT  O N N 177 
LEU H    H N N 178 
LEU H2   H N N 179 
LEU HA   H N N 180 
LEU HB2  H N N 181 
LEU HB3  H N N 182 
LEU HG   H N N 183 
LEU HD11 H N N 184 
LEU HD12 H N N 185 
LEU HD13 H N N 186 
LEU HD21 H N N 187 
LEU HD22 H N N 188 
LEU HD23 H N N 189 
LEU HXT  H N N 190 
LYS N    N N N 191 
LYS CA   C N S 192 
LYS C    C N N 193 
LYS O    O N N 194 
LYS CB   C N N 195 
LYS CG   C N N 196 
LYS CD   C N N 197 
LYS CE   C N N 198 
LYS NZ   N N N 199 
LYS OXT  O N N 200 
LYS H    H N N 201 
LYS H2   H N N 202 
LYS HA   H N N 203 
LYS HB2  H N N 204 
LYS HB3  H N N 205 
LYS HG2  H N N 206 
LYS HG3  H N N 207 
LYS HD2  H N N 208 
LYS HD3  H N N 209 
LYS HE2  H N N 210 
LYS HE3  H N N 211 
LYS HZ1  H N N 212 
LYS HZ2  H N N 213 
LYS HZ3  H N N 214 
LYS HXT  H N N 215 
MET N    N N N 216 
MET CA   C N S 217 
MET C    C N N 218 
MET O    O N N 219 
MET CB   C N N 220 
MET CG   C N N 221 
MET SD   S N N 222 
MET CE   C N N 223 
MET OXT  O N N 224 
MET H    H N N 225 
MET H2   H N N 226 
MET HA   H N N 227 
MET HB2  H N N 228 
MET HB3  H N N 229 
MET HG2  H N N 230 
MET HG3  H N N 231 
MET HE1  H N N 232 
MET HE2  H N N 233 
MET HE3  H N N 234 
MET HXT  H N N 235 
MVC C17  C N N 236 
MVC C9   C N N 237 
MVC C8   C N N 238 
MVC C16  C N N 239 
MVC C10  C N N 240 
MVC C7   C N N 241 
MVC C24  C N N 242 
MVC C15  C N N 243 
MVC C11  C N N 244 
MVC C6   C N N 245 
MVC C14  C N N 246 
MVC C12  C N N 247 
MVC C5   C N N 248 
MVC C13  C N N 249 
MVC C4   C N N 250 
MVC C3   C N N 251 
MVC C21  C N N 252 
MVC C22  C N R 253 
MVC O19  O N N 254 
MVC C1   C N N 255 
MVC O25  O N N 256 
MVC O23  O N N 257 
MVC O20  O N N 258 
MVC C18  C N N 259 
MVC C19  C N N 260 
MVC H101 H N N 261 
MVC H102 H N N 262 
MVC H91C H N N 263 
MVC H92C H N N 264 
MVC H111 H N N 265 
MVC H112 H N N 266 
MVC H81C H N N 267 
MVC H82C H N N 268 
MVC H171 H N N 269 
MVC H172 H N N 270 
MVC H161 H N N 271 
MVC H162 H N N 272 
MVC H12  H N N 273 
MVC H71C H N N 274 
MVC H72C H N N 275 
MVC H241 H N N 276 
MVC H242 H N N 277 
MVC H22  H N N 278 
MVC H151 H N N 279 
MVC H152 H N N 280 
MVC H13  H N N 281 
MVC H61C H N N 282 
MVC H62C H N N 283 
MVC H141 H N N 284 
MVC H142 H N N 285 
MVC H51C H N N 286 
MVC H52C H N N 287 
MVC H41C H N N 288 
MVC H42C H N N 289 
MVC H31C H N N 290 
MVC H32C H N N 291 
MVC H211 H N N 292 
MVC H212 H N N 293 
MVC H20  H N N 294 
MVC H23  H N N 295 
MVC H181 H N N 296 
MVC H182 H N N 297 
MVC H191 H N N 298 
MVC H192 H N N 299 
MVC H193 H N N 300 
PHE N    N N N 301 
PHE CA   C N S 302 
PHE C    C N N 303 
PHE O    O N N 304 
PHE CB   C N N 305 
PHE CG   C Y N 306 
PHE CD1  C Y N 307 
PHE CD2  C Y N 308 
PHE CE1  C Y N 309 
PHE CE2  C Y N 310 
PHE CZ   C Y N 311 
PHE OXT  O N N 312 
PHE H    H N N 313 
PHE H2   H N N 314 
PHE HA   H N N 315 
PHE HB2  H N N 316 
PHE HB3  H N N 317 
PHE HD1  H N N 318 
PHE HD2  H N N 319 
PHE HE1  H N N 320 
PHE HE2  H N N 321 
PHE HZ   H N N 322 
PHE HXT  H N N 323 
PRO N    N N N 324 
PRO CA   C N S 325 
PRO C    C N N 326 
PRO O    O N N 327 
PRO CB   C N N 328 
PRO CG   C N N 329 
PRO CD   C N N 330 
PRO OXT  O N N 331 
PRO H    H N N 332 
PRO HA   H N N 333 
PRO HB2  H N N 334 
PRO HB3  H N N 335 
PRO HG2  H N N 336 
PRO HG3  H N N 337 
PRO HD2  H N N 338 
PRO HD3  H N N 339 
PRO HXT  H N N 340 
SER N    N N N 341 
SER CA   C N S 342 
SER C    C N N 343 
SER O    O N N 344 
SER CB   C N N 345 
SER OG   O N N 346 
SER OXT  O N N 347 
SER H    H N N 348 
SER H2   H N N 349 
SER HA   H N N 350 
SER HB2  H N N 351 
SER HB3  H N N 352 
SER HG   H N N 353 
SER HXT  H N N 354 
THR N    N N N 355 
THR CA   C N S 356 
THR C    C N N 357 
THR O    O N N 358 
THR CB   C N R 359 
THR OG1  O N N 360 
THR CG2  C N N 361 
THR OXT  O N N 362 
THR H    H N N 363 
THR H2   H N N 364 
THR HA   H N N 365 
THR HB   H N N 366 
THR HG1  H N N 367 
THR HG21 H N N 368 
THR HG22 H N N 369 
THR HG23 H N N 370 
THR HXT  H N N 371 
TRP N    N N N 372 
TRP CA   C N S 373 
TRP C    C N N 374 
TRP O    O N N 375 
TRP CB   C N N 376 
TRP CG   C Y N 377 
TRP CD1  C Y N 378 
TRP CD2  C Y N 379 
TRP NE1  N Y N 380 
TRP CE2  C Y N 381 
TRP CE3  C Y N 382 
TRP CZ2  C Y N 383 
TRP CZ3  C Y N 384 
TRP CH2  C Y N 385 
TRP OXT  O N N 386 
TRP H    H N N 387 
TRP H2   H N N 388 
TRP HA   H N N 389 
TRP HB2  H N N 390 
TRP HB3  H N N 391 
TRP HD1  H N N 392 
TRP HE1  H N N 393 
TRP HE3  H N N 394 
TRP HZ2  H N N 395 
TRP HZ3  H N N 396 
TRP HH2  H N N 397 
TRP HXT  H N N 398 
TYR N    N N N 399 
TYR CA   C N S 400 
TYR C    C N N 401 
TYR O    O N N 402 
TYR CB   C N N 403 
TYR CG   C Y N 404 
TYR CD1  C Y N 405 
TYR CD2  C Y N 406 
TYR CE1  C Y N 407 
TYR CE2  C Y N 408 
TYR CZ   C Y N 409 
TYR OH   O N N 410 
TYR OXT  O N N 411 
TYR H    H N N 412 
TYR H2   H N N 413 
TYR HA   H N N 414 
TYR HB2  H N N 415 
TYR HB3  H N N 416 
TYR HD1  H N N 417 
TYR HD2  H N N 418 
TYR HE1  H N N 419 
TYR HE2  H N N 420 
TYR HH   H N N 421 
TYR HXT  H N N 422 
VAL N    N N N 423 
VAL CA   C N S 424 
VAL C    C N N 425 
VAL O    O N N 426 
VAL CB   C N N 427 
VAL CG1  C N N 428 
VAL CG2  C N N 429 
VAL OXT  O N N 430 
VAL H    H N N 431 
VAL H2   H N N 432 
VAL HA   H N N 433 
VAL HB   H N N 434 
VAL HG11 H N N 435 
VAL HG12 H N N 436 
VAL HG13 H N N 437 
VAL HG21 H N N 438 
VAL HG22 H N N 439 
VAL HG23 H N N 440 
VAL HXT  H N N 441 
# 
loop_
_chem_comp_bond.comp_id 
_chem_comp_bond.atom_id_1 
_chem_comp_bond.atom_id_2 
_chem_comp_bond.value_order 
_chem_comp_bond.pdbx_aromatic_flag 
_chem_comp_bond.pdbx_stereo_config 
_chem_comp_bond.pdbx_ordinal 
ALA N   CA   sing N N 1   
ALA N   H    sing N N 2   
ALA N   H2   sing N N 3   
ALA CA  C    sing N N 4   
ALA CA  CB   sing N N 5   
ALA CA  HA   sing N N 6   
ALA C   O    doub N N 7   
ALA C   OXT  sing N N 8   
ALA CB  HB1  sing N N 9   
ALA CB  HB2  sing N N 10  
ALA CB  HB3  sing N N 11  
ALA OXT HXT  sing N N 12  
ARG N   CA   sing N N 13  
ARG N   H    sing N N 14  
ARG N   H2   sing N N 15  
ARG CA  C    sing N N 16  
ARG CA  CB   sing N N 17  
ARG CA  HA   sing N N 18  
ARG C   O    doub N N 19  
ARG C   OXT  sing N N 20  
ARG CB  CG   sing N N 21  
ARG CB  HB2  sing N N 22  
ARG CB  HB3  sing N N 23  
ARG CG  CD   sing N N 24  
ARG CG  HG2  sing N N 25  
ARG CG  HG3  sing N N 26  
ARG CD  NE   sing N N 27  
ARG CD  HD2  sing N N 28  
ARG CD  HD3  sing N N 29  
ARG NE  CZ   sing N N 30  
ARG NE  HE   sing N N 31  
ARG CZ  NH1  sing N N 32  
ARG CZ  NH2  doub N N 33  
ARG NH1 HH11 sing N N 34  
ARG NH1 HH12 sing N N 35  
ARG NH2 HH21 sing N N 36  
ARG NH2 HH22 sing N N 37  
ARG OXT HXT  sing N N 38  
ASN N   CA   sing N N 39  
ASN N   H    sing N N 40  
ASN N   H2   sing N N 41  
ASN CA  C    sing N N 42  
ASN CA  CB   sing N N 43  
ASN CA  HA   sing N N 44  
ASN C   O    doub N N 45  
ASN C   OXT  sing N N 46  
ASN CB  CG   sing N N 47  
ASN CB  HB2  sing N N 48  
ASN CB  HB3  sing N N 49  
ASN CG  OD1  doub N N 50  
ASN CG  ND2  sing N N 51  
ASN ND2 HD21 sing N N 52  
ASN ND2 HD22 sing N N 53  
ASN OXT HXT  sing N N 54  
ASP N   CA   sing N N 55  
ASP N   H    sing N N 56  
ASP N   H2   sing N N 57  
ASP CA  C    sing N N 58  
ASP CA  CB   sing N N 59  
ASP CA  HA   sing N N 60  
ASP C   O    doub N N 61  
ASP C   OXT  sing N N 62  
ASP CB  CG   sing N N 63  
ASP CB  HB2  sing N N 64  
ASP CB  HB3  sing N N 65  
ASP CG  OD1  doub N N 66  
ASP CG  OD2  sing N N 67  
ASP OD2 HD2  sing N N 68  
ASP OXT HXT  sing N N 69  
BGC C2  C3   sing N N 70  
BGC C2  C1   sing N N 71  
BGC C2  O2   sing N N 72  
BGC C2  H2   sing N N 73  
BGC C3  C4   sing N N 74  
BGC C3  O3   sing N N 75  
BGC C3  H3   sing N N 76  
BGC C4  C5   sing N N 77  
BGC C4  O4   sing N N 78  
BGC C4  H4   sing N N 79  
BGC C5  C6   sing N N 80  
BGC C5  O5   sing N N 81  
BGC C5  H5   sing N N 82  
BGC C6  O6   sing N N 83  
BGC C6  H61  sing N N 84  
BGC C6  H62  sing N N 85  
BGC C1  O1   sing N N 86  
BGC C1  O5   sing N N 87  
BGC C1  H1   sing N N 88  
BGC O1  HO1  sing N N 89  
BGC O2  HO2  sing N N 90  
BGC O3  HO3  sing N N 91  
BGC O4  HO4  sing N N 92  
BGC O6  HO6  sing N N 93  
GLN N   CA   sing N N 94  
GLN N   H    sing N N 95  
GLN N   H2   sing N N 96  
GLN CA  C    sing N N 97  
GLN CA  CB   sing N N 98  
GLN CA  HA   sing N N 99  
GLN C   O    doub N N 100 
GLN C   OXT  sing N N 101 
GLN CB  CG   sing N N 102 
GLN CB  HB2  sing N N 103 
GLN CB  HB3  sing N N 104 
GLN CG  CD   sing N N 105 
GLN CG  HG2  sing N N 106 
GLN CG  HG3  sing N N 107 
GLN CD  OE1  doub N N 108 
GLN CD  NE2  sing N N 109 
GLN NE2 HE21 sing N N 110 
GLN NE2 HE22 sing N N 111 
GLN OXT HXT  sing N N 112 
GLU N   CA   sing N N 113 
GLU N   H    sing N N 114 
GLU N   H2   sing N N 115 
GLU CA  C    sing N N 116 
GLU CA  CB   sing N N 117 
GLU CA  HA   sing N N 118 
GLU C   O    doub N N 119 
GLU C   OXT  sing N N 120 
GLU CB  CG   sing N N 121 
GLU CB  HB2  sing N N 122 
GLU CB  HB3  sing N N 123 
GLU CG  CD   sing N N 124 
GLU CG  HG2  sing N N 125 
GLU CG  HG3  sing N N 126 
GLU CD  OE1  doub N N 127 
GLU CD  OE2  sing N N 128 
GLU OE2 HE2  sing N N 129 
GLU OXT HXT  sing N N 130 
GLY N   CA   sing N N 131 
GLY N   H    sing N N 132 
GLY N   H2   sing N N 133 
GLY CA  C    sing N N 134 
GLY CA  HA2  sing N N 135 
GLY CA  HA3  sing N N 136 
GLY C   O    doub N N 137 
GLY C   OXT  sing N N 138 
GLY OXT HXT  sing N N 139 
ILE N   CA   sing N N 140 
ILE N   H    sing N N 141 
ILE N   H2   sing N N 142 
ILE CA  C    sing N N 143 
ILE CA  CB   sing N N 144 
ILE CA  HA   sing N N 145 
ILE C   O    doub N N 146 
ILE C   OXT  sing N N 147 
ILE CB  CG1  sing N N 148 
ILE CB  CG2  sing N N 149 
ILE CB  HB   sing N N 150 
ILE CG1 CD1  sing N N 151 
ILE CG1 HG12 sing N N 152 
ILE CG1 HG13 sing N N 153 
ILE CG2 HG21 sing N N 154 
ILE CG2 HG22 sing N N 155 
ILE CG2 HG23 sing N N 156 
ILE CD1 HD11 sing N N 157 
ILE CD1 HD12 sing N N 158 
ILE CD1 HD13 sing N N 159 
ILE OXT HXT  sing N N 160 
LEU N   CA   sing N N 161 
LEU N   H    sing N N 162 
LEU N   H2   sing N N 163 
LEU CA  C    sing N N 164 
LEU CA  CB   sing N N 165 
LEU CA  HA   sing N N 166 
LEU C   O    doub N N 167 
LEU C   OXT  sing N N 168 
LEU CB  CG   sing N N 169 
LEU CB  HB2  sing N N 170 
LEU CB  HB3  sing N N 171 
LEU CG  CD1  sing N N 172 
LEU CG  CD2  sing N N 173 
LEU CG  HG   sing N N 174 
LEU CD1 HD11 sing N N 175 
LEU CD1 HD12 sing N N 176 
LEU CD1 HD13 sing N N 177 
LEU CD2 HD21 sing N N 178 
LEU CD2 HD22 sing N N 179 
LEU CD2 HD23 sing N N 180 
LEU OXT HXT  sing N N 181 
LYS N   CA   sing N N 182 
LYS N   H    sing N N 183 
LYS N   H2   sing N N 184 
LYS CA  C    sing N N 185 
LYS CA  CB   sing N N 186 
LYS CA  HA   sing N N 187 
LYS C   O    doub N N 188 
LYS C   OXT  sing N N 189 
LYS CB  CG   sing N N 190 
LYS CB  HB2  sing N N 191 
LYS CB  HB3  sing N N 192 
LYS CG  CD   sing N N 193 
LYS CG  HG2  sing N N 194 
LYS CG  HG3  sing N N 195 
LYS CD  CE   sing N N 196 
LYS CD  HD2  sing N N 197 
LYS CD  HD3  sing N N 198 
LYS CE  NZ   sing N N 199 
LYS CE  HE2  sing N N 200 
LYS CE  HE3  sing N N 201 
LYS NZ  HZ1  sing N N 202 
LYS NZ  HZ2  sing N N 203 
LYS NZ  HZ3  sing N N 204 
LYS OXT HXT  sing N N 205 
MET N   CA   sing N N 206 
MET N   H    sing N N 207 
MET N   H2   sing N N 208 
MET CA  C    sing N N 209 
MET CA  CB   sing N N 210 
MET CA  HA   sing N N 211 
MET C   O    doub N N 212 
MET C   OXT  sing N N 213 
MET CB  CG   sing N N 214 
MET CB  HB2  sing N N 215 
MET CB  HB3  sing N N 216 
MET CG  SD   sing N N 217 
MET CG  HG2  sing N N 218 
MET CG  HG3  sing N N 219 
MET SD  CE   sing N N 220 
MET CE  HE1  sing N N 221 
MET CE  HE2  sing N N 222 
MET CE  HE3  sing N N 223 
MET OXT HXT  sing N N 224 
MVC C10 C9   sing N N 225 
MVC C10 C11  sing N N 226 
MVC C9  C8   sing N N 227 
MVC C17 C16  sing N N 228 
MVC C11 C12  sing N N 229 
MVC C8  C7   sing N N 230 
MVC C24 C22  sing N N 231 
MVC C24 O25  sing N N 232 
MVC C16 C15  sing N N 233 
MVC C12 C13  doub N Z 234 
MVC C7  C6   sing N N 235 
MVC C15 C14  sing N N 236 
MVC C13 C14  sing N N 237 
MVC C6  C5   sing N N 238 
MVC C5  C4   sing N N 239 
MVC C4  C3   sing N N 240 
MVC C3  C1   sing N N 241 
MVC C21 C22  sing N N 242 
MVC C21 O20  sing N N 243 
MVC C22 O23  sing N N 244 
MVC O19 C1   doub N N 245 
MVC O25 C1   sing N N 246 
MVC C17 C18  sing N N 247 
MVC C18 C19  sing N N 248 
MVC C10 H101 sing N N 249 
MVC C10 H102 sing N N 250 
MVC C9  H91C sing N N 251 
MVC C9  H92C sing N N 252 
MVC C11 H111 sing N N 253 
MVC C11 H112 sing N N 254 
MVC C8  H81C sing N N 255 
MVC C8  H82C sing N N 256 
MVC C17 H171 sing N N 257 
MVC C17 H172 sing N N 258 
MVC C16 H161 sing N N 259 
MVC C16 H162 sing N N 260 
MVC C12 H12  sing N N 261 
MVC C7  H71C sing N N 262 
MVC C7  H72C sing N N 263 
MVC C24 H241 sing N N 264 
MVC C24 H242 sing N N 265 
MVC C22 H22  sing N N 266 
MVC C15 H151 sing N N 267 
MVC C15 H152 sing N N 268 
MVC C13 H13  sing N N 269 
MVC C6  H61C sing N N 270 
MVC C6  H62C sing N N 271 
MVC C14 H141 sing N N 272 
MVC C14 H142 sing N N 273 
MVC C5  H51C sing N N 274 
MVC C5  H52C sing N N 275 
MVC C4  H41C sing N N 276 
MVC C4  H42C sing N N 277 
MVC C3  H31C sing N N 278 
MVC C3  H32C sing N N 279 
MVC C21 H211 sing N N 280 
MVC C21 H212 sing N N 281 
MVC O20 H20  sing N N 282 
MVC O23 H23  sing N N 283 
MVC C18 H181 sing N N 284 
MVC C18 H182 sing N N 285 
MVC C19 H191 sing N N 286 
MVC C19 H192 sing N N 287 
MVC C19 H193 sing N N 288 
PHE N   CA   sing N N 289 
PHE N   H    sing N N 290 
PHE N   H2   sing N N 291 
PHE CA  C    sing N N 292 
PHE CA  CB   sing N N 293 
PHE CA  HA   sing N N 294 
PHE C   O    doub N N 295 
PHE C   OXT  sing N N 296 
PHE CB  CG   sing N N 297 
PHE CB  HB2  sing N N 298 
PHE CB  HB3  sing N N 299 
PHE CG  CD1  doub Y N 300 
PHE CG  CD2  sing Y N 301 
PHE CD1 CE1  sing Y N 302 
PHE CD1 HD1  sing N N 303 
PHE CD2 CE2  doub Y N 304 
PHE CD2 HD2  sing N N 305 
PHE CE1 CZ   doub Y N 306 
PHE CE1 HE1  sing N N 307 
PHE CE2 CZ   sing Y N 308 
PHE CE2 HE2  sing N N 309 
PHE CZ  HZ   sing N N 310 
PHE OXT HXT  sing N N 311 
PRO N   CA   sing N N 312 
PRO N   CD   sing N N 313 
PRO N   H    sing N N 314 
PRO CA  C    sing N N 315 
PRO CA  CB   sing N N 316 
PRO CA  HA   sing N N 317 
PRO C   O    doub N N 318 
PRO C   OXT  sing N N 319 
PRO CB  CG   sing N N 320 
PRO CB  HB2  sing N N 321 
PRO CB  HB3  sing N N 322 
PRO CG  CD   sing N N 323 
PRO CG  HG2  sing N N 324 
PRO CG  HG3  sing N N 325 
PRO CD  HD2  sing N N 326 
PRO CD  HD3  sing N N 327 
PRO OXT HXT  sing N N 328 
SER N   CA   sing N N 329 
SER N   H    sing N N 330 
SER N   H2   sing N N 331 
SER CA  C    sing N N 332 
SER CA  CB   sing N N 333 
SER CA  HA   sing N N 334 
SER C   O    doub N N 335 
SER C   OXT  sing N N 336 
SER CB  OG   sing N N 337 
SER CB  HB2  sing N N 338 
SER CB  HB3  sing N N 339 
SER OG  HG   sing N N 340 
SER OXT HXT  sing N N 341 
THR N   CA   sing N N 342 
THR N   H    sing N N 343 
THR N   H2   sing N N 344 
THR CA  C    sing N N 345 
THR CA  CB   sing N N 346 
THR CA  HA   sing N N 347 
THR C   O    doub N N 348 
THR C   OXT  sing N N 349 
THR CB  OG1  sing N N 350 
THR CB  CG2  sing N N 351 
THR CB  HB   sing N N 352 
THR OG1 HG1  sing N N 353 
THR CG2 HG21 sing N N 354 
THR CG2 HG22 sing N N 355 
THR CG2 HG23 sing N N 356 
THR OXT HXT  sing N N 357 
TRP N   CA   sing N N 358 
TRP N   H    sing N N 359 
TRP N   H2   sing N N 360 
TRP CA  C    sing N N 361 
TRP CA  CB   sing N N 362 
TRP CA  HA   sing N N 363 
TRP C   O    doub N N 364 
TRP C   OXT  sing N N 365 
TRP CB  CG   sing N N 366 
TRP CB  HB2  sing N N 367 
TRP CB  HB3  sing N N 368 
TRP CG  CD1  doub Y N 369 
TRP CG  CD2  sing Y N 370 
TRP CD1 NE1  sing Y N 371 
TRP CD1 HD1  sing N N 372 
TRP CD2 CE2  doub Y N 373 
TRP CD2 CE3  sing Y N 374 
TRP NE1 CE2  sing Y N 375 
TRP NE1 HE1  sing N N 376 
TRP CE2 CZ2  sing Y N 377 
TRP CE3 CZ3  doub Y N 378 
TRP CE3 HE3  sing N N 379 
TRP CZ2 CH2  doub Y N 380 
TRP CZ2 HZ2  sing N N 381 
TRP CZ3 CH2  sing Y N 382 
TRP CZ3 HZ3  sing N N 383 
TRP CH2 HH2  sing N N 384 
TRP OXT HXT  sing N N 385 
TYR N   CA   sing N N 386 
TYR N   H    sing N N 387 
TYR N   H2   sing N N 388 
TYR CA  C    sing N N 389 
TYR CA  CB   sing N N 390 
TYR CA  HA   sing N N 391 
TYR C   O    doub N N 392 
TYR C   OXT  sing N N 393 
TYR CB  CG   sing N N 394 
TYR CB  HB2  sing N N 395 
TYR CB  HB3  sing N N 396 
TYR CG  CD1  doub Y N 397 
TYR CG  CD2  sing Y N 398 
TYR CD1 CE1  sing Y N 399 
TYR CD1 HD1  sing N N 400 
TYR CD2 CE2  doub Y N 401 
TYR CD2 HD2  sing N N 402 
TYR CE1 CZ   doub Y N 403 
TYR CE1 HE1  sing N N 404 
TYR CE2 CZ   sing Y N 405 
TYR CE2 HE2  sing N N 406 
TYR CZ  OH   sing N N 407 
TYR OH  HH   sing N N 408 
TYR OXT HXT  sing N N 409 
VAL N   CA   sing N N 410 
VAL N   H    sing N N 411 
VAL N   H2   sing N N 412 
VAL CA  C    sing N N 413 
VAL CA  CB   sing N N 414 
VAL CA  HA   sing N N 415 
VAL C   O    doub N N 416 
VAL C   OXT  sing N N 417 
VAL CB  CG1  sing N N 418 
VAL CB  CG2  sing N N 419 
VAL CB  HB   sing N N 420 
VAL CG1 HG11 sing N N 421 
VAL CG1 HG12 sing N N 422 
VAL CG1 HG13 sing N N 423 
VAL CG2 HG21 sing N N 424 
VAL CG2 HG22 sing N N 425 
VAL CG2 HG23 sing N N 426 
VAL OXT HXT  sing N N 427 
# 
loop_
_pdbx_chem_comp_identifier.comp_id 
_pdbx_chem_comp_identifier.type 
_pdbx_chem_comp_identifier.program 
_pdbx_chem_comp_identifier.program_version 
_pdbx_chem_comp_identifier.identifier 
BGC 'CONDENSED IUPAC CARBOHYDRATE SYMBOL' GMML     1.0 DGlcpb            
BGC 'COMMON NAME'                         GMML     1.0 b-D-glucopyranose 
BGC 'IUPAC CARBOHYDRATE SYMBOL'           PDB-CARE 1.0 b-D-Glcp          
BGC 'SNFG CARBOHYDRATE SYMBOL'            GMML     1.0 Glc               
# 
loop_
_pdbx_entity_nonpoly.entity_id 
_pdbx_entity_nonpoly.name 
_pdbx_entity_nonpoly.comp_id 
2 MONOVACCENIN         MVC 
3 beta-D-glucopyranose BGC 
# 
_pdbx_initial_refinement_model.id               1 
_pdbx_initial_refinement_model.entity_id_list   ? 
_pdbx_initial_refinement_model.type             'experimental model' 
_pdbx_initial_refinement_model.source_name      PDB 
_pdbx_initial_refinement_model.accession_code   4QNC 
_pdbx_initial_refinement_model.details          ? 
# 
